data_3TE3
# 
_entry.id   3TE3 
# 
_audit_conform.dict_name       mmcif_pdbx.dic 
_audit_conform.dict_version    5.387 
_audit_conform.dict_location   http://mmcif.pdb.org/dictionaries/ascii/mmcif_pdbx.dic 
# 
loop_
_database_2.database_id 
_database_2.database_code 
_database_2.pdbx_database_accession 
_database_2.pdbx_DOI 
PDB   3TE3         pdb_00003te3 10.2210/pdb3te3/pdb 
RCSB  RCSB067368   ?            ?                   
WWPDB D_1000067368 ?            ?                   
# 
loop_
_pdbx_audit_revision_history.ordinal 
_pdbx_audit_revision_history.data_content_type 
_pdbx_audit_revision_history.major_revision 
_pdbx_audit_revision_history.minor_revision 
_pdbx_audit_revision_history.revision_date 
1 'Structure model' 1 0 2012-01-18 
2 'Structure model' 1 1 2012-02-08 
3 'Structure model' 1 2 2017-11-08 
4 'Structure model' 1 3 2024-02-28 
# 
_pdbx_audit_revision_details.ordinal             1 
_pdbx_audit_revision_details.revision_ordinal    1 
_pdbx_audit_revision_details.data_content_type   'Structure model' 
_pdbx_audit_revision_details.provider            repository 
_pdbx_audit_revision_details.type                'Initial release' 
_pdbx_audit_revision_details.description         ? 
_pdbx_audit_revision_details.details             ? 
# 
loop_
_pdbx_audit_revision_group.ordinal 
_pdbx_audit_revision_group.revision_ordinal 
_pdbx_audit_revision_group.data_content_type 
_pdbx_audit_revision_group.group 
1 2 'Structure model' 'Database references'    
2 3 'Structure model' 'Refinement description' 
3 3 'Structure model' 'Structure summary'      
4 4 'Structure model' 'Data collection'        
5 4 'Structure model' 'Database references'    
# 
loop_
_pdbx_audit_revision_category.ordinal 
_pdbx_audit_revision_category.revision_ordinal 
_pdbx_audit_revision_category.data_content_type 
_pdbx_audit_revision_category.category 
1 3 'Structure model' audit_author   
2 3 'Structure model' software       
3 4 'Structure model' chem_comp_atom 
4 4 'Structure model' chem_comp_bond 
5 4 'Structure model' database_2     
# 
loop_
_pdbx_audit_revision_item.ordinal 
_pdbx_audit_revision_item.revision_ordinal 
_pdbx_audit_revision_item.data_content_type 
_pdbx_audit_revision_item.item 
1 3 'Structure model' '_audit_author.name'                  
2 3 'Structure model' '_software.name'                      
3 4 'Structure model' '_database_2.pdbx_DOI'                
4 4 'Structure model' '_database_2.pdbx_database_accession' 
# 
_pdbx_database_status.status_code                     REL 
_pdbx_database_status.entry_id                        3TE3 
_pdbx_database_status.recvd_initial_deposition_date   2011-08-11 
_pdbx_database_status.deposit_site                    RCSB 
_pdbx_database_status.process_site                    RCSB 
_pdbx_database_status.status_code_sf                  REL 
_pdbx_database_status.status_code_mr                  ? 
_pdbx_database_status.SG_entry                        ? 
_pdbx_database_status.status_code_cs                  ? 
_pdbx_database_status.methods_development_category    ? 
_pdbx_database_status.pdb_format_compatible           Y 
_pdbx_database_status.status_code_nmr_data            ? 
# 
loop_
_audit_author.name 
_audit_author.pdbx_ordinal 
_audit_author.identifier_ORCID 
'Yernool, D.A.' 1 ? 
'Molland, K.M.' 2 ? 
# 
_citation.id                        primary 
_citation.title                     
'Crystal structure and characterization of coiled-coil domain of the transient receptor potential channel PKD2L1.' 
_citation.journal_abbrev            Biochim.Biophys.Acta 
_citation.journal_volume            1824 
_citation.page_first                413 
_citation.page_last                 421 
_citation.year                      2011 
_citation.journal_id_ASTM           BBACAQ 
_citation.country                   NE 
_citation.journal_id_ISSN           0006-3002 
_citation.journal_id_CSD            0113 
_citation.book_publisher            ? 
_citation.pdbx_database_id_PubMed   22193359 
_citation.pdbx_database_id_DOI      10.1016/j.bbapap.2011.12.002 
# 
loop_
_citation_author.citation_id 
_citation_author.name 
_citation_author.ordinal 
_citation_author.identifier_ORCID 
primary 'Molland, K.L.' 1 ? 
primary 'Paul, L.N.'    2 ? 
primary 'Yernool, D.A.' 3 ? 
# 
loop_
_entity.id 
_entity.type 
_entity.src_method 
_entity.pdbx_description 
_entity.formula_weight 
_entity.pdbx_number_of_molecules 
_entity.pdbx_ec 
_entity.pdbx_mutation 
_entity.pdbx_fragment 
_entity.details 
1 polymer man 'Polycystic kidney disease 2-like 1 protein' 4331.021 6 ? ? 'UNP residues 699-737' ? 
2 water   nat water                                        18.015   8 ? ? ?                      ? 
# 
_entity_name_com.entity_id   1 
_entity_name_com.name        'Polycystin-2 homolog, Polycystin-2L1, Polycystin-L, Polycystin-L1' 
# 
_entity_poly.entity_id                      1 
_entity_poly.type                           'polypeptide(L)' 
_entity_poly.nstd_linkage                   no 
_entity_poly.nstd_monomer                   no 
_entity_poly.pdbx_seq_one_letter_code       GGWVSGEEFYMLTRRVLQLETVLEGVVSQIDAVGSKLKM 
_entity_poly.pdbx_seq_one_letter_code_can   GGWVSGEEFYMLTRRVLQLETVLEGVVSQIDAVGSKLKM 
_entity_poly.pdbx_strand_id                 A,B,C,D,E,F 
_entity_poly.pdbx_target_identifier         ? 
# 
_pdbx_entity_nonpoly.entity_id   2 
_pdbx_entity_nonpoly.name        water 
_pdbx_entity_nonpoly.comp_id     HOH 
# 
loop_
_entity_poly_seq.entity_id 
_entity_poly_seq.num 
_entity_poly_seq.mon_id 
_entity_poly_seq.hetero 
1 1  GLY n 
1 2  GLY n 
1 3  TRP n 
1 4  VAL n 
1 5  SER n 
1 6  GLY n 
1 7  GLU n 
1 8  GLU n 
1 9  PHE n 
1 10 TYR n 
1 11 MET n 
1 12 LEU n 
1 13 THR n 
1 14 ARG n 
1 15 ARG n 
1 16 VAL n 
1 17 LEU n 
1 18 GLN n 
1 19 LEU n 
1 20 GLU n 
1 21 THR n 
1 22 VAL n 
1 23 LEU n 
1 24 GLU n 
1 25 GLY n 
1 26 VAL n 
1 27 VAL n 
1 28 SER n 
1 29 GLN n 
1 30 ILE n 
1 31 ASP n 
1 32 ALA n 
1 33 VAL n 
1 34 GLY n 
1 35 SER n 
1 36 LYS n 
1 37 LEU n 
1 38 LYS n 
1 39 MET n 
# 
_entity_src_gen.entity_id                          1 
_entity_src_gen.pdbx_src_id                        1 
_entity_src_gen.pdbx_alt_source_flag               sample 
_entity_src_gen.pdbx_seq_type                      ? 
_entity_src_gen.pdbx_beg_seq_num                   ? 
_entity_src_gen.pdbx_end_seq_num                   ? 
_entity_src_gen.gene_src_common_name               human 
_entity_src_gen.gene_src_genus                     ? 
_entity_src_gen.pdbx_gene_src_gene                 'PKD2L1, PKD2L, PKDL' 
_entity_src_gen.gene_src_species                   ? 
_entity_src_gen.gene_src_strain                    ? 
_entity_src_gen.gene_src_tissue                    ? 
_entity_src_gen.gene_src_tissue_fraction           ? 
_entity_src_gen.gene_src_details                   ? 
_entity_src_gen.pdbx_gene_src_fragment             ? 
_entity_src_gen.pdbx_gene_src_scientific_name      'Homo sapiens' 
_entity_src_gen.pdbx_gene_src_ncbi_taxonomy_id     9606 
_entity_src_gen.pdbx_gene_src_variant              ? 
_entity_src_gen.pdbx_gene_src_cell_line            ? 
_entity_src_gen.pdbx_gene_src_atcc                 ? 
_entity_src_gen.pdbx_gene_src_organ                ? 
_entity_src_gen.pdbx_gene_src_organelle            ? 
_entity_src_gen.pdbx_gene_src_cell                 ? 
_entity_src_gen.pdbx_gene_src_cellular_location    ? 
_entity_src_gen.host_org_common_name               ? 
_entity_src_gen.pdbx_host_org_scientific_name      'Escherichia coli' 
_entity_src_gen.pdbx_host_org_ncbi_taxonomy_id     511693 
_entity_src_gen.host_org_genus                     ? 
_entity_src_gen.pdbx_host_org_gene                 ? 
_entity_src_gen.pdbx_host_org_organ                ? 
_entity_src_gen.host_org_species                   ? 
_entity_src_gen.pdbx_host_org_tissue               ? 
_entity_src_gen.pdbx_host_org_tissue_fraction      ? 
_entity_src_gen.pdbx_host_org_strain               BL21pLysS 
_entity_src_gen.pdbx_host_org_variant              ? 
_entity_src_gen.pdbx_host_org_cell_line            ? 
_entity_src_gen.pdbx_host_org_atcc                 ? 
_entity_src_gen.pdbx_host_org_culture_collection   ? 
_entity_src_gen.pdbx_host_org_cell                 ? 
_entity_src_gen.pdbx_host_org_organelle            ? 
_entity_src_gen.pdbx_host_org_cellular_location    ? 
_entity_src_gen.pdbx_host_org_vector_type          plasmind 
_entity_src_gen.pdbx_host_org_vector               ? 
_entity_src_gen.host_org_details                   ? 
_entity_src_gen.expression_system_id               ? 
_entity_src_gen.plasmid_name                       pEV-L8 
_entity_src_gen.plasmid_details                    ? 
_entity_src_gen.pdbx_description                   ? 
# 
loop_
_chem_comp.id 
_chem_comp.type 
_chem_comp.mon_nstd_flag 
_chem_comp.name 
_chem_comp.pdbx_synonyms 
_chem_comp.formula 
_chem_comp.formula_weight 
ALA 'L-peptide linking' y ALANINE         ? 'C3 H7 N O2'     89.093  
ARG 'L-peptide linking' y ARGININE        ? 'C6 H15 N4 O2 1' 175.209 
ASP 'L-peptide linking' y 'ASPARTIC ACID' ? 'C4 H7 N O4'     133.103 
GLN 'L-peptide linking' y GLUTAMINE       ? 'C5 H10 N2 O3'   146.144 
GLU 'L-peptide linking' y 'GLUTAMIC ACID' ? 'C5 H9 N O4'     147.129 
GLY 'peptide linking'   y GLYCINE         ? 'C2 H5 N O2'     75.067  
HOH non-polymer         . WATER           ? 'H2 O'           18.015  
ILE 'L-peptide linking' y ISOLEUCINE      ? 'C6 H13 N O2'    131.173 
LEU 'L-peptide linking' y LEUCINE         ? 'C6 H13 N O2'    131.173 
LYS 'L-peptide linking' y LYSINE          ? 'C6 H15 N2 O2 1' 147.195 
MET 'L-peptide linking' y METHIONINE      ? 'C5 H11 N O2 S'  149.211 
PHE 'L-peptide linking' y PHENYLALANINE   ? 'C9 H11 N O2'    165.189 
SER 'L-peptide linking' y SERINE          ? 'C3 H7 N O3'     105.093 
THR 'L-peptide linking' y THREONINE       ? 'C4 H9 N O3'     119.119 
TRP 'L-peptide linking' y TRYPTOPHAN      ? 'C11 H12 N2 O2'  204.225 
TYR 'L-peptide linking' y TYROSINE        ? 'C9 H11 N O3'    181.189 
VAL 'L-peptide linking' y VALINE          ? 'C5 H11 N O2'    117.146 
# 
loop_
_pdbx_poly_seq_scheme.asym_id 
_pdbx_poly_seq_scheme.entity_id 
_pdbx_poly_seq_scheme.seq_id 
_pdbx_poly_seq_scheme.mon_id 
_pdbx_poly_seq_scheme.ndb_seq_num 
_pdbx_poly_seq_scheme.pdb_seq_num 
_pdbx_poly_seq_scheme.auth_seq_num 
_pdbx_poly_seq_scheme.pdb_mon_id 
_pdbx_poly_seq_scheme.auth_mon_id 
_pdbx_poly_seq_scheme.pdb_strand_id 
_pdbx_poly_seq_scheme.pdb_ins_code 
_pdbx_poly_seq_scheme.hetero 
A 1 1  GLY 1  699 ?   ?   ?   A . n 
A 1 2  GLY 2  700 700 GLY GLY A . n 
A 1 3  TRP 3  701 701 TRP TRP A . n 
A 1 4  VAL 4  702 702 VAL VAL A . n 
A 1 5  SER 5  703 703 SER SER A . n 
A 1 6  GLY 6  704 704 GLY GLY A . n 
A 1 7  GLU 7  705 705 GLU GLU A . n 
A 1 8  GLU 8  706 706 GLU GLU A . n 
A 1 9  PHE 9  707 707 PHE PHE A . n 
A 1 10 TYR 10 708 708 TYR TYR A . n 
A 1 11 MET 11 709 709 MET MET A . n 
A 1 12 LEU 12 710 710 LEU LEU A . n 
A 1 13 THR 13 711 711 THR THR A . n 
A 1 14 ARG 14 712 712 ARG ARG A . n 
A 1 15 ARG 15 713 713 ARG ARG A . n 
A 1 16 VAL 16 714 714 VAL VAL A . n 
A 1 17 LEU 17 715 715 LEU LEU A . n 
A 1 18 GLN 18 716 716 GLN GLN A . n 
A 1 19 LEU 19 717 717 LEU LEU A . n 
A 1 20 GLU 20 718 718 GLU GLU A . n 
A 1 21 THR 21 719 719 THR THR A . n 
A 1 22 VAL 22 720 720 VAL VAL A . n 
A 1 23 LEU 23 721 721 LEU LEU A . n 
A 1 24 GLU 24 722 722 GLU GLU A . n 
A 1 25 GLY 25 723 723 GLY GLY A . n 
A 1 26 VAL 26 724 724 VAL VAL A . n 
A 1 27 VAL 27 725 725 VAL VAL A . n 
A 1 28 SER 28 726 726 SER SER A . n 
A 1 29 GLN 29 727 727 GLN GLN A . n 
A 1 30 ILE 30 728 728 ILE ILE A . n 
A 1 31 ASP 31 729 729 ASP ASP A . n 
A 1 32 ALA 32 730 730 ALA ALA A . n 
A 1 33 VAL 33 731 731 VAL VAL A . n 
A 1 34 GLY 34 732 732 GLY GLY A . n 
A 1 35 SER 35 733 733 SER SER A . n 
A 1 36 LYS 36 734 ?   ?   ?   A . n 
A 1 37 LEU 37 735 ?   ?   ?   A . n 
A 1 38 LYS 38 736 ?   ?   ?   A . n 
A 1 39 MET 39 737 ?   ?   ?   A . n 
B 1 1  GLY 1  699 ?   ?   ?   B . n 
B 1 2  GLY 2  700 ?   ?   ?   B . n 
B 1 3  TRP 3  701 701 TRP TRP B . n 
B 1 4  VAL 4  702 702 VAL VAL B . n 
B 1 5  SER 5  703 703 SER SER B . n 
B 1 6  GLY 6  704 704 GLY GLY B . n 
B 1 7  GLU 7  705 705 GLU GLU B . n 
B 1 8  GLU 8  706 706 GLU GLU B . n 
B 1 9  PHE 9  707 707 PHE PHE B . n 
B 1 10 TYR 10 708 708 TYR TYR B . n 
B 1 11 MET 11 709 709 MET MET B . n 
B 1 12 LEU 12 710 710 LEU LEU B . n 
B 1 13 THR 13 711 711 THR THR B . n 
B 1 14 ARG 14 712 712 ARG ARG B . n 
B 1 15 ARG 15 713 713 ARG ARG B . n 
B 1 16 VAL 16 714 714 VAL VAL B . n 
B 1 17 LEU 17 715 715 LEU LEU B . n 
B 1 18 GLN 18 716 716 GLN GLN B . n 
B 1 19 LEU 19 717 717 LEU LEU B . n 
B 1 20 GLU 20 718 718 GLU GLU B . n 
B 1 21 THR 21 719 719 THR THR B . n 
B 1 22 VAL 22 720 720 VAL VAL B . n 
B 1 23 LEU 23 721 721 LEU LEU B . n 
B 1 24 GLU 24 722 722 GLU GLU B . n 
B 1 25 GLY 25 723 723 GLY GLY B . n 
B 1 26 VAL 26 724 724 VAL VAL B . n 
B 1 27 VAL 27 725 725 VAL VAL B . n 
B 1 28 SER 28 726 726 SER SER B . n 
B 1 29 GLN 29 727 727 GLN GLN B . n 
B 1 30 ILE 30 728 728 ILE ILE B . n 
B 1 31 ASP 31 729 729 ASP ASP B . n 
B 1 32 ALA 32 730 730 ALA ALA B . n 
B 1 33 VAL 33 731 731 VAL VAL B . n 
B 1 34 GLY 34 732 732 GLY GLY B . n 
B 1 35 SER 35 733 733 SER SER B . n 
B 1 36 LYS 36 734 734 LYS LYS B . n 
B 1 37 LEU 37 735 735 LEU LEU B . n 
B 1 38 LYS 38 736 ?   ?   ?   B . n 
B 1 39 MET 39 737 ?   ?   ?   B . n 
C 1 1  GLY 1  699 ?   ?   ?   C . n 
C 1 2  GLY 2  700 ?   ?   ?   C . n 
C 1 3  TRP 3  701 701 TRP TRP C . n 
C 1 4  VAL 4  702 702 VAL VAL C . n 
C 1 5  SER 5  703 703 SER SER C . n 
C 1 6  GLY 6  704 704 GLY GLY C . n 
C 1 7  GLU 7  705 705 GLU GLU C . n 
C 1 8  GLU 8  706 706 GLU GLU C . n 
C 1 9  PHE 9  707 707 PHE PHE C . n 
C 1 10 TYR 10 708 708 TYR TYR C . n 
C 1 11 MET 11 709 709 MET MET C . n 
C 1 12 LEU 12 710 710 LEU LEU C . n 
C 1 13 THR 13 711 711 THR THR C . n 
C 1 14 ARG 14 712 712 ARG ARG C . n 
C 1 15 ARG 15 713 713 ARG ARG C . n 
C 1 16 VAL 16 714 714 VAL VAL C . n 
C 1 17 LEU 17 715 715 LEU LEU C . n 
C 1 18 GLN 18 716 716 GLN GLN C . n 
C 1 19 LEU 19 717 717 LEU LEU C . n 
C 1 20 GLU 20 718 718 GLU GLU C . n 
C 1 21 THR 21 719 719 THR THR C . n 
C 1 22 VAL 22 720 720 VAL VAL C . n 
C 1 23 LEU 23 721 721 LEU LEU C . n 
C 1 24 GLU 24 722 722 GLU GLU C . n 
C 1 25 GLY 25 723 723 GLY GLY C . n 
C 1 26 VAL 26 724 724 VAL VAL C . n 
C 1 27 VAL 27 725 725 VAL VAL C . n 
C 1 28 SER 28 726 726 SER SER C . n 
C 1 29 GLN 29 727 727 GLN GLN C . n 
C 1 30 ILE 30 728 728 ILE ILE C . n 
C 1 31 ASP 31 729 729 ASP ASP C . n 
C 1 32 ALA 32 730 730 ALA ALA C . n 
C 1 33 VAL 33 731 731 VAL VAL C . n 
C 1 34 GLY 34 732 732 GLY GLY C . n 
C 1 35 SER 35 733 733 SER SER C . n 
C 1 36 LYS 36 734 734 LYS LYS C . n 
C 1 37 LEU 37 735 735 LEU LEU C . n 
C 1 38 LYS 38 736 736 LYS LYS C . n 
C 1 39 MET 39 737 737 MET MET C . n 
D 1 1  GLY 1  699 ?   ?   ?   D . n 
D 1 2  GLY 2  700 700 GLY GLY D . n 
D 1 3  TRP 3  701 701 TRP TRP D . n 
D 1 4  VAL 4  702 702 VAL VAL D . n 
D 1 5  SER 5  703 703 SER SER D . n 
D 1 6  GLY 6  704 704 GLY GLY D . n 
D 1 7  GLU 7  705 705 GLU GLU D . n 
D 1 8  GLU 8  706 706 GLU GLU D . n 
D 1 9  PHE 9  707 707 PHE PHE D . n 
D 1 10 TYR 10 708 708 TYR TYR D . n 
D 1 11 MET 11 709 709 MET MET D . n 
D 1 12 LEU 12 710 710 LEU LEU D . n 
D 1 13 THR 13 711 711 THR THR D . n 
D 1 14 ARG 14 712 712 ARG ARG D . n 
D 1 15 ARG 15 713 713 ARG ARG D . n 
D 1 16 VAL 16 714 714 VAL VAL D . n 
D 1 17 LEU 17 715 715 LEU LEU D . n 
D 1 18 GLN 18 716 716 GLN GLN D . n 
D 1 19 LEU 19 717 717 LEU LEU D . n 
D 1 20 GLU 20 718 718 GLU GLU D . n 
D 1 21 THR 21 719 719 THR THR D . n 
D 1 22 VAL 22 720 720 VAL VAL D . n 
D 1 23 LEU 23 721 721 LEU LEU D . n 
D 1 24 GLU 24 722 722 GLU GLU D . n 
D 1 25 GLY 25 723 723 GLY GLY D . n 
D 1 26 VAL 26 724 724 VAL VAL D . n 
D 1 27 VAL 27 725 725 VAL VAL D . n 
D 1 28 SER 28 726 726 SER SER D . n 
D 1 29 GLN 29 727 727 GLN GLN D . n 
D 1 30 ILE 30 728 728 ILE ILE D . n 
D 1 31 ASP 31 729 729 ASP ASP D . n 
D 1 32 ALA 32 730 730 ALA ALA D . n 
D 1 33 VAL 33 731 731 VAL VAL D . n 
D 1 34 GLY 34 732 732 GLY GLY D . n 
D 1 35 SER 35 733 733 SER SER D . n 
D 1 36 LYS 36 734 ?   ?   ?   D . n 
D 1 37 LEU 37 735 ?   ?   ?   D . n 
D 1 38 LYS 38 736 ?   ?   ?   D . n 
D 1 39 MET 39 737 ?   ?   ?   D . n 
E 1 1  GLY 1  699 699 GLY GLY E . n 
E 1 2  GLY 2  700 700 GLY GLY E . n 
E 1 3  TRP 3  701 701 TRP TRP E . n 
E 1 4  VAL 4  702 702 VAL VAL E . n 
E 1 5  SER 5  703 703 SER SER E . n 
E 1 6  GLY 6  704 704 GLY GLY E . n 
E 1 7  GLU 7  705 705 GLU GLU E . n 
E 1 8  GLU 8  706 706 GLU GLU E . n 
E 1 9  PHE 9  707 707 PHE PHE E . n 
E 1 10 TYR 10 708 708 TYR TYR E . n 
E 1 11 MET 11 709 709 MET MET E . n 
E 1 12 LEU 12 710 710 LEU LEU E . n 
E 1 13 THR 13 711 711 THR THR E . n 
E 1 14 ARG 14 712 712 ARG ARG E . n 
E 1 15 ARG 15 713 713 ARG ARG E . n 
E 1 16 VAL 16 714 714 VAL VAL E . n 
E 1 17 LEU 17 715 715 LEU LEU E . n 
E 1 18 GLN 18 716 716 GLN GLN E . n 
E 1 19 LEU 19 717 717 LEU LEU E . n 
E 1 20 GLU 20 718 718 GLU GLU E . n 
E 1 21 THR 21 719 719 THR THR E . n 
E 1 22 VAL 22 720 720 VAL VAL E . n 
E 1 23 LEU 23 721 721 LEU LEU E . n 
E 1 24 GLU 24 722 722 GLU GLU E . n 
E 1 25 GLY 25 723 723 GLY GLY E . n 
E 1 26 VAL 26 724 724 VAL VAL E . n 
E 1 27 VAL 27 725 725 VAL VAL E . n 
E 1 28 SER 28 726 726 SER SER E . n 
E 1 29 GLN 29 727 727 GLN GLN E . n 
E 1 30 ILE 30 728 728 ILE ILE E . n 
E 1 31 ASP 31 729 729 ASP ASP E . n 
E 1 32 ALA 32 730 730 ALA ALA E . n 
E 1 33 VAL 33 731 731 VAL VAL E . n 
E 1 34 GLY 34 732 ?   ?   ?   E . n 
E 1 35 SER 35 733 ?   ?   ?   E . n 
E 1 36 LYS 36 734 ?   ?   ?   E . n 
E 1 37 LEU 37 735 ?   ?   ?   E . n 
E 1 38 LYS 38 736 ?   ?   ?   E . n 
E 1 39 MET 39 737 ?   ?   ?   E . n 
F 1 1  GLY 1  699 699 GLY GLY F . n 
F 1 2  GLY 2  700 700 GLY GLY F . n 
F 1 3  TRP 3  701 701 TRP TRP F . n 
F 1 4  VAL 4  702 702 VAL VAL F . n 
F 1 5  SER 5  703 703 SER SER F . n 
F 1 6  GLY 6  704 704 GLY GLY F . n 
F 1 7  GLU 7  705 705 GLU GLU F . n 
F 1 8  GLU 8  706 706 GLU GLU F . n 
F 1 9  PHE 9  707 707 PHE PHE F . n 
F 1 10 TYR 10 708 708 TYR TYR F . n 
F 1 11 MET 11 709 709 MET MET F . n 
F 1 12 LEU 12 710 710 LEU LEU F . n 
F 1 13 THR 13 711 711 THR THR F . n 
F 1 14 ARG 14 712 712 ARG ARG F . n 
F 1 15 ARG 15 713 713 ARG ARG F . n 
F 1 16 VAL 16 714 714 VAL VAL F . n 
F 1 17 LEU 17 715 715 LEU LEU F . n 
F 1 18 GLN 18 716 716 GLN GLN F . n 
F 1 19 LEU 19 717 717 LEU LEU F . n 
F 1 20 GLU 20 718 718 GLU GLU F . n 
F 1 21 THR 21 719 719 THR THR F . n 
F 1 22 VAL 22 720 720 VAL VAL F . n 
F 1 23 LEU 23 721 721 LEU LEU F . n 
F 1 24 GLU 24 722 722 GLU GLU F . n 
F 1 25 GLY 25 723 723 GLY GLY F . n 
F 1 26 VAL 26 724 724 VAL VAL F . n 
F 1 27 VAL 27 725 725 VAL VAL F . n 
F 1 28 SER 28 726 726 SER SER F . n 
F 1 29 GLN 29 727 727 GLN GLN F . n 
F 1 30 ILE 30 728 728 ILE ILE F . n 
F 1 31 ASP 31 729 729 ASP ASP F . n 
F 1 32 ALA 32 730 730 ALA ALA F . n 
F 1 33 VAL 33 731 731 VAL VAL F . n 
F 1 34 GLY 34 732 732 GLY GLY F . n 
F 1 35 SER 35 733 733 SER SER F . n 
F 1 36 LYS 36 734 734 LYS ALA F . n 
F 1 37 LEU 37 735 735 LEU LEU F . n 
F 1 38 LYS 38 736 736 LYS LYS F . n 
F 1 39 MET 39 737 ?   ?   ?   F . n 
# 
loop_
_pdbx_nonpoly_scheme.asym_id 
_pdbx_nonpoly_scheme.entity_id 
_pdbx_nonpoly_scheme.mon_id 
_pdbx_nonpoly_scheme.ndb_seq_num 
_pdbx_nonpoly_scheme.pdb_seq_num 
_pdbx_nonpoly_scheme.auth_seq_num 
_pdbx_nonpoly_scheme.pdb_mon_id 
_pdbx_nonpoly_scheme.auth_mon_id 
_pdbx_nonpoly_scheme.pdb_strand_id 
_pdbx_nonpoly_scheme.pdb_ins_code 
G 2 HOH 1 7 7 HOH HOH A . 
H 2 HOH 1 1 1 HOH HOH B . 
H 2 HOH 2 2 2 HOH HOH B . 
H 2 HOH 3 3 3 HOH HOH B . 
I 2 HOH 1 5 5 HOH HOH D . 
I 2 HOH 2 8 8 HOH HOH D . 
J 2 HOH 1 4 4 HOH HOH F . 
J 2 HOH 2 6 6 HOH HOH F . 
# 
loop_
_pdbx_unobs_or_zero_occ_atoms.id 
_pdbx_unobs_or_zero_occ_atoms.PDB_model_num 
_pdbx_unobs_or_zero_occ_atoms.polymer_flag 
_pdbx_unobs_or_zero_occ_atoms.occupancy_flag 
_pdbx_unobs_or_zero_occ_atoms.auth_asym_id 
_pdbx_unobs_or_zero_occ_atoms.auth_comp_id 
_pdbx_unobs_or_zero_occ_atoms.auth_seq_id 
_pdbx_unobs_or_zero_occ_atoms.PDB_ins_code 
_pdbx_unobs_or_zero_occ_atoms.auth_atom_id 
_pdbx_unobs_or_zero_occ_atoms.label_alt_id 
_pdbx_unobs_or_zero_occ_atoms.label_asym_id 
_pdbx_unobs_or_zero_occ_atoms.label_comp_id 
_pdbx_unobs_or_zero_occ_atoms.label_seq_id 
_pdbx_unobs_or_zero_occ_atoms.label_atom_id 
1  1 Y 1 A TRP 701 ? CG  ? A TRP 3  CG  
2  1 Y 1 A TRP 701 ? CD1 ? A TRP 3  CD1 
3  1 Y 1 A TRP 701 ? CD2 ? A TRP 3  CD2 
4  1 Y 1 A TRP 701 ? NE1 ? A TRP 3  NE1 
5  1 Y 1 A TRP 701 ? CE2 ? A TRP 3  CE2 
6  1 Y 1 A TRP 701 ? CE3 ? A TRP 3  CE3 
7  1 Y 1 A TRP 701 ? CZ2 ? A TRP 3  CZ2 
8  1 Y 1 A TRP 701 ? CZ3 ? A TRP 3  CZ3 
9  1 Y 1 A TRP 701 ? CH2 ? A TRP 3  CH2 
10 1 Y 1 A VAL 702 ? CG1 ? A VAL 4  CG1 
11 1 Y 1 A VAL 702 ? CG2 ? A VAL 4  CG2 
12 1 Y 1 A SER 703 ? OG  ? A SER 5  OG  
13 1 Y 1 A GLU 706 ? CG  ? A GLU 8  CG  
14 1 Y 1 A GLU 706 ? CD  ? A GLU 8  CD  
15 1 Y 1 A GLU 706 ? OE1 ? A GLU 8  OE1 
16 1 Y 1 A GLU 706 ? OE2 ? A GLU 8  OE2 
17 1 Y 1 A ASP 729 ? CG  ? A ASP 31 CG  
18 1 Y 1 A ASP 729 ? OD1 ? A ASP 31 OD1 
19 1 Y 1 A ASP 729 ? OD2 ? A ASP 31 OD2 
20 1 Y 1 B TRP 701 ? CG  ? B TRP 3  CG  
21 1 Y 1 B TRP 701 ? CD1 ? B TRP 3  CD1 
22 1 Y 1 B TRP 701 ? CD2 ? B TRP 3  CD2 
23 1 Y 1 B TRP 701 ? NE1 ? B TRP 3  NE1 
24 1 Y 1 B TRP 701 ? CE2 ? B TRP 3  CE2 
25 1 Y 1 B TRP 701 ? CE3 ? B TRP 3  CE3 
26 1 Y 1 B TRP 701 ? CZ2 ? B TRP 3  CZ2 
27 1 Y 1 B TRP 701 ? CZ3 ? B TRP 3  CZ3 
28 1 Y 1 B TRP 701 ? CH2 ? B TRP 3  CH2 
29 1 Y 1 B VAL 702 ? CG1 ? B VAL 4  CG1 
30 1 Y 1 B VAL 702 ? CG2 ? B VAL 4  CG2 
31 1 Y 1 B SER 703 ? OG  ? B SER 5  OG  
32 1 Y 1 B GLU 705 ? CG  ? B GLU 7  CG  
33 1 Y 1 B GLU 705 ? CD  ? B GLU 7  CD  
34 1 Y 1 B GLU 705 ? OE1 ? B GLU 7  OE1 
35 1 Y 1 B GLU 705 ? OE2 ? B GLU 7  OE2 
36 1 Y 1 B MET 709 ? CG  ? B MET 11 CG  
37 1 Y 1 B MET 709 ? SD  ? B MET 11 SD  
38 1 Y 1 B MET 709 ? CE  ? B MET 11 CE  
39 1 Y 1 B LYS 734 ? CG  ? B LYS 36 CG  
40 1 Y 1 B LYS 734 ? CD  ? B LYS 36 CD  
41 1 Y 1 B LYS 734 ? CE  ? B LYS 36 CE  
42 1 Y 1 B LYS 734 ? NZ  ? B LYS 36 NZ  
43 1 Y 1 B LEU 735 ? CG  ? B LEU 37 CG  
44 1 Y 1 B LEU 735 ? CD1 ? B LEU 37 CD1 
45 1 Y 1 B LEU 735 ? CD2 ? B LEU 37 CD2 
46 1 Y 1 C TRP 701 ? CG  ? C TRP 3  CG  
47 1 Y 1 C TRP 701 ? CD1 ? C TRP 3  CD1 
48 1 Y 1 C TRP 701 ? CD2 ? C TRP 3  CD2 
49 1 Y 1 C TRP 701 ? NE1 ? C TRP 3  NE1 
50 1 Y 1 C TRP 701 ? CE2 ? C TRP 3  CE2 
51 1 Y 1 C TRP 701 ? CE3 ? C TRP 3  CE3 
52 1 Y 1 C TRP 701 ? CZ2 ? C TRP 3  CZ2 
53 1 Y 1 C TRP 701 ? CZ3 ? C TRP 3  CZ3 
54 1 Y 1 C TRP 701 ? CH2 ? C TRP 3  CH2 
55 1 Y 1 C SER 703 ? OG  ? C SER 5  OG  
56 1 Y 1 C LYS 734 ? CG  ? C LYS 36 CG  
57 1 Y 1 C LYS 734 ? CD  ? C LYS 36 CD  
58 1 Y 1 C LYS 734 ? CE  ? C LYS 36 CE  
59 1 Y 1 C LYS 734 ? NZ  ? C LYS 36 NZ  
60 1 Y 1 C LEU 735 ? CG  ? C LEU 37 CG  
61 1 Y 1 C LEU 735 ? CD1 ? C LEU 37 CD1 
62 1 Y 1 C LEU 735 ? CD2 ? C LEU 37 CD2 
63 1 Y 1 C MET 737 ? CG  ? C MET 39 CG  
64 1 Y 1 C MET 737 ? SD  ? C MET 39 SD  
65 1 Y 1 C MET 737 ? CE  ? C MET 39 CE  
66 1 Y 1 D VAL 702 ? CG1 ? D VAL 4  CG1 
67 1 Y 1 D VAL 702 ? CG2 ? D VAL 4  CG2 
68 1 Y 1 E TYR 708 ? CG  ? E TYR 10 CG  
69 1 Y 1 E TYR 708 ? CD1 ? E TYR 10 CD1 
70 1 Y 1 E TYR 708 ? CD2 ? E TYR 10 CD2 
71 1 Y 1 E TYR 708 ? CE1 ? E TYR 10 CE1 
72 1 Y 1 E TYR 708 ? CE2 ? E TYR 10 CE2 
73 1 Y 1 E TYR 708 ? CZ  ? E TYR 10 CZ  
74 1 Y 1 E TYR 708 ? OH  ? E TYR 10 OH  
75 1 Y 1 E GLN 727 ? CG  ? E GLN 29 CG  
76 1 Y 1 E GLN 727 ? CD  ? E GLN 29 CD  
77 1 Y 1 E GLN 727 ? OE1 ? E GLN 29 OE1 
78 1 Y 1 E GLN 727 ? NE2 ? E GLN 29 NE2 
79 1 Y 1 F SER 703 ? OG  ? F SER 5  OG  
80 1 Y 1 F GLU 705 ? CG  ? F GLU 7  CG  
81 1 Y 1 F GLU 705 ? CD  ? F GLU 7  CD  
82 1 Y 1 F GLU 705 ? OE1 ? F GLU 7  OE1 
83 1 Y 1 F GLU 705 ? OE2 ? F GLU 7  OE2 
84 1 Y 1 F LYS 734 ? CG  ? F LYS 36 CG  
85 1 Y 1 F LYS 734 ? CD  ? F LYS 36 CD  
86 1 Y 1 F LYS 734 ? CE  ? F LYS 36 CE  
87 1 Y 1 F LYS 734 ? NZ  ? F LYS 36 NZ  
88 1 Y 1 F LEU 735 ? CG  ? F LEU 37 CG  
89 1 Y 1 F LEU 735 ? CD1 ? F LEU 37 CD1 
90 1 Y 1 F LEU 735 ? CD2 ? F LEU 37 CD2 
91 1 Y 1 F LYS 736 ? CG  ? F LYS 38 CG  
92 1 Y 1 F LYS 736 ? CD  ? F LYS 38 CD  
93 1 Y 1 F LYS 736 ? CE  ? F LYS 38 CE  
94 1 Y 1 F LYS 736 ? NZ  ? F LYS 38 NZ  
# 
loop_
_software.name 
_software.classification 
_software.version 
_software.citation_id 
_software.pdbx_ordinal 
MAR345   'data collection' 'mosic 300'                ? 1 
PHASER   phasing           .                          ? 2 
PHENIX   refinement        '(phenix.refine: 1.7_650)' ? 3 
HKL-2000 'data reduction'  .                          ? 4 
HKL-2000 'data scaling'    .                          ? 5 
# 
_cell.entry_id           3TE3 
_cell.length_a           74.634 
_cell.length_b           74.634 
_cell.length_c           185.791 
_cell.angle_alpha        90.00 
_cell.angle_beta         90.00 
_cell.angle_gamma        120.00 
_cell.Z_PDB              72 
_cell.pdbx_unique_axis   ? 
_cell.length_a_esd       ? 
_cell.length_b_esd       ? 
_cell.length_c_esd       ? 
_cell.angle_alpha_esd    ? 
_cell.angle_beta_esd     ? 
_cell.angle_gamma_esd    ? 
# 
_symmetry.entry_id                         3TE3 
_symmetry.space_group_name_H-M             'P 65 2 2' 
_symmetry.pdbx_full_space_group_name_H-M   ? 
_symmetry.cell_setting                     ? 
_symmetry.Int_Tables_number                179 
_symmetry.space_group_name_Hall            ? 
# 
_exptl.entry_id          3TE3 
_exptl.method            'X-RAY DIFFRACTION' 
_exptl.crystals_number   1 
# 
_exptl_crystal.id                    1 
_exptl_crystal.density_meas          ? 
_exptl_crystal.density_Matthews      2.87 
_exptl_crystal.density_percent_sol   57.20 
_exptl_crystal.description           ? 
_exptl_crystal.F_000                 ? 
_exptl_crystal.preparation           ? 
# 
_diffrn.id                     1 
_diffrn.ambient_temp           ? 
_diffrn.ambient_temp_details   ? 
_diffrn.crystal_id             1 
# 
_diffrn_detector.diffrn_id              1 
_diffrn_detector.detector               CCD 
_diffrn_detector.type                   'MARMOSAIC 300 mm CCD' 
_diffrn_detector.pdbx_collection_date   2010-08-14 
_diffrn_detector.details                ? 
# 
_diffrn_radiation.diffrn_id                        1 
_diffrn_radiation.wavelength_id                    1 
_diffrn_radiation.pdbx_monochromatic_or_laue_m_l   M 
_diffrn_radiation.monochromator                    ? 
_diffrn_radiation.pdbx_diffrn_protocol             'SINGLE WAVELENGTH' 
_diffrn_radiation.pdbx_scattering_type             x-ray 
# 
_diffrn_radiation_wavelength.id           1 
_diffrn_radiation_wavelength.wavelength   0.97857 
_diffrn_radiation_wavelength.wt           1.0 
# 
_diffrn_source.diffrn_id                   1 
_diffrn_source.source                      SYNCHROTRON 
_diffrn_source.type                        'APS BEAMLINE 21-ID-G' 
_diffrn_source.pdbx_synchrotron_site       APS 
_diffrn_source.pdbx_synchrotron_beamline   21-ID-G 
_diffrn_source.pdbx_wavelength             ? 
_diffrn_source.pdbx_wavelength_list        0.97857 
# 
_reflns.entry_id                     3TE3 
_reflns.observed_criterion_sigma_I   ? 
_reflns.observed_criterion_sigma_F   ? 
_reflns.d_resolution_low             30 
_reflns.d_resolution_high            2.69 
_reflns.number_obs                   8840 
_reflns.number_all                   8840 
_reflns.percent_possible_obs         ? 
_reflns.pdbx_Rmerge_I_obs            ? 
_reflns.pdbx_Rsym_value              ? 
_reflns.pdbx_netI_over_sigmaI        ? 
_reflns.B_iso_Wilson_estimate        57.17 
_reflns.pdbx_redundancy              11.3 
_reflns.R_free_details               ? 
_reflns.limit_h_max                  ? 
_reflns.limit_h_min                  ? 
_reflns.limit_k_max                  ? 
_reflns.limit_k_min                  ? 
_reflns.limit_l_max                  ? 
_reflns.limit_l_min                  ? 
_reflns.observed_criterion_F_max     ? 
_reflns.observed_criterion_F_min     ? 
_reflns.pdbx_chi_squared             ? 
_reflns.pdbx_scaling_rejects         ? 
_reflns.pdbx_ordinal                 1 
_reflns.pdbx_diffrn_id               1 
# 
_reflns_shell.d_res_high             2.694 
_reflns_shell.d_res_low              ? 
_reflns_shell.percent_possible_all   100 
_reflns_shell.Rmerge_I_obs           ? 
_reflns_shell.pdbx_Rsym_value        ? 
_reflns_shell.meanI_over_sigI_obs    ? 
_reflns_shell.pdbx_redundancy        ? 
_reflns_shell.percent_possible_obs   ? 
_reflns_shell.number_unique_all      ? 
_reflns_shell.number_measured_all    ? 
_reflns_shell.number_measured_obs    ? 
_reflns_shell.number_unique_obs      ? 
_reflns_shell.pdbx_chi_squared       ? 
_reflns_shell.pdbx_ordinal           1 
_reflns_shell.pdbx_diffrn_id         1 
# 
_refine.entry_id                                 3TE3 
_refine.ls_number_reflns_obs                     8840 
_refine.ls_number_reflns_all                     8840 
_refine.pdbx_ls_sigma_I                          ? 
_refine.pdbx_ls_sigma_F                          0.00 
_refine.pdbx_data_cutoff_high_absF               ? 
_refine.pdbx_data_cutoff_low_absF                ? 
_refine.pdbx_data_cutoff_high_rms_absF           ? 
_refine.ls_d_res_low                             29.091 
_refine.ls_d_res_high                            2.694 
_refine.ls_percent_reflns_obs                    97.42 
_refine.ls_R_factor_obs                          0.2550 
_refine.ls_R_factor_all                          ? 
_refine.ls_R_factor_R_work                       0.2534 
_refine.ls_R_factor_R_free                       0.2898 
_refine.ls_R_factor_R_free_error                 ? 
_refine.ls_R_factor_R_free_error_details         ? 
_refine.ls_percent_reflns_R_free                 4.72 
_refine.ls_number_reflns_R_free                  417 
_refine.ls_number_parameters                     ? 
_refine.ls_number_restraints                     ? 
_refine.occupancy_min                            ? 
_refine.occupancy_max                            ? 
_refine.correlation_coeff_Fo_to_Fc               ? 
_refine.correlation_coeff_Fo_to_Fc_free          ? 
_refine.B_iso_mean                               57.17 
_refine.aniso_B[1][1]                            5.8546 
_refine.aniso_B[2][2]                            5.8546 
_refine.aniso_B[3][3]                            -11.7092 
_refine.aniso_B[1][2]                            0.0000 
_refine.aniso_B[1][3]                            -0.0000 
_refine.aniso_B[2][3]                            -0.0000 
_refine.solvent_model_details                    'FLAT BULK SOLVENT MODEL' 
_refine.solvent_model_param_ksol                 0.354 
_refine.solvent_model_param_bsol                 66.886 
_refine.pdbx_solvent_vdw_probe_radii             1.00 
_refine.pdbx_solvent_ion_probe_radii             ? 
_refine.pdbx_solvent_shrinkage_radii             0.72 
_refine.pdbx_ls_cross_valid_method               ? 
_refine.details                                  ? 
_refine.pdbx_starting_model                      ? 
_refine.pdbx_method_to_determine_struct          'MOLECULAR REPLACEMENT' 
_refine.pdbx_isotropic_thermal_model             ? 
_refine.pdbx_stereochemistry_target_values       ML 
_refine.pdbx_stereochem_target_val_spec_case     ? 
_refine.pdbx_R_Free_selection_details            ? 
_refine.pdbx_overall_ESU_R_Free                  ? 
_refine.overall_SU_ML                            0.42 
_refine.pdbx_overall_phase_error                 25.87 
_refine.overall_SU_B                             ? 
_refine.overall_SU_R_Cruickshank_DPI             ? 
_refine.ls_redundancy_reflns_obs                 ? 
_refine.B_iso_min                                ? 
_refine.B_iso_max                                ? 
_refine.overall_SU_R_free                        ? 
_refine.ls_wR_factor_R_free                      ? 
_refine.ls_wR_factor_R_work                      ? 
_refine.overall_FOM_free_R_set                   ? 
_refine.overall_FOM_work_R_set                   ? 
_refine.pdbx_diffrn_id                           1 
_refine.pdbx_refine_id                           'X-RAY DIFFRACTION' 
_refine.pdbx_overall_ESU_R                       ? 
_refine.pdbx_TLS_residual_ADP_flag               ? 
_refine.pdbx_overall_SU_R_free_Cruickshank_DPI   ? 
_refine.pdbx_overall_SU_R_Blow_DPI               ? 
_refine.pdbx_overall_SU_R_free_Blow_DPI          ? 
# 
_refine_hist.pdbx_refine_id                   'X-RAY DIFFRACTION' 
_refine_hist.cycle_id                         LAST 
_refine_hist.pdbx_number_atoms_protein        1557 
_refine_hist.pdbx_number_atoms_nucleic_acid   0 
_refine_hist.pdbx_number_atoms_ligand         0 
_refine_hist.number_atoms_solvent             8 
_refine_hist.number_atoms_total               1565 
_refine_hist.d_res_high                       2.694 
_refine_hist.d_res_low                        29.091 
# 
loop_
_refine_ls_restr.type 
_refine_ls_restr.dev_ideal 
_refine_ls_restr.dev_ideal_target 
_refine_ls_restr.weight 
_refine_ls_restr.number 
_refine_ls_restr.pdbx_restraint_function 
_refine_ls_restr.pdbx_refine_id 
f_bond_d           0.022  ? ? 1711 ? 'X-RAY DIFFRACTION' 
f_angle_d          1.121  ? ? 2115 ? 'X-RAY DIFFRACTION' 
f_dihedral_angle_d 18.113 ? ? 539  ? 'X-RAY DIFFRACTION' 
f_chiral_restr     0.067  ? ? 261  ? 'X-RAY DIFFRACTION' 
f_plane_restr      0.004  ? ? 268  ? 'X-RAY DIFFRACTION' 
# 
loop_
_refine_ls_shell.pdbx_total_number_of_bins_used 
_refine_ls_shell.d_res_high 
_refine_ls_shell.d_res_low 
_refine_ls_shell.number_reflns_R_work 
_refine_ls_shell.R_factor_R_work 
_refine_ls_shell.percent_reflns_obs 
_refine_ls_shell.R_factor_R_free 
_refine_ls_shell.R_factor_R_free_error 
_refine_ls_shell.percent_reflns_R_free 
_refine_ls_shell.number_reflns_R_free 
_refine_ls_shell.number_reflns_all 
_refine_ls_shell.R_factor_all 
_refine_ls_shell.number_reflns_obs 
_refine_ls_shell.redundancy_reflns_obs 
_refine_ls_shell.pdbx_refine_id 
. 2.694  3.0833  2605 0.2626 94.00  0.3046 . . 152 . . . . 'X-RAY DIFFRACTION' 
. 3.0833 3.8831  2799 0.2225 98.00  0.3057 . . 122 . . . . 'X-RAY DIFFRACTION' 
. 3.8831 29.0928 3019 0.2655 100.00 0.2781 . . 143 . . . . 'X-RAY DIFFRACTION' 
# 
_struct.entry_id                  3TE3 
_struct.title                     
'Coiled-coil oligomerization domain of the polycystin transient receptor potential channel PKD2L1' 
_struct.pdbx_model_details        ? 
_struct.pdbx_CASP_flag            N 
_struct.pdbx_model_type_details   ? 
# 
_struct_keywords.entry_id        3TE3 
_struct_keywords.pdbx_keywords   'METAL TRANSPORT' 
_struct_keywords.text            
'trimeric coiled-coil, oligomerization domain, C-terminal cytoplasmic regulatory domain, METAL TRANSPORT' 
# 
loop_
_struct_asym.id 
_struct_asym.pdbx_blank_PDB_chainid_flag 
_struct_asym.pdbx_modified 
_struct_asym.entity_id 
_struct_asym.details 
A N N 1 ? 
B N N 1 ? 
C N N 1 ? 
D N N 1 ? 
E N N 1 ? 
F N N 1 ? 
G N N 2 ? 
H N N 2 ? 
I N N 2 ? 
J N N 2 ? 
# 
_struct_ref.id                         1 
_struct_ref.db_name                    UNP 
_struct_ref.db_code                    PK2L1_HUMAN 
_struct_ref.pdbx_db_accession          Q9P0L9 
_struct_ref.entity_id                  1 
_struct_ref.pdbx_seq_one_letter_code   GGWVSGEEFYMLTRRVLQLETVLEGVVSQIDAVGSKLKM 
_struct_ref.pdbx_align_begin           699 
_struct_ref.pdbx_db_isoform            ? 
# 
loop_
_struct_ref_seq.align_id 
_struct_ref_seq.ref_id 
_struct_ref_seq.pdbx_PDB_id_code 
_struct_ref_seq.pdbx_strand_id 
_struct_ref_seq.seq_align_beg 
_struct_ref_seq.pdbx_seq_align_beg_ins_code 
_struct_ref_seq.seq_align_end 
_struct_ref_seq.pdbx_seq_align_end_ins_code 
_struct_ref_seq.pdbx_db_accession 
_struct_ref_seq.db_align_beg 
_struct_ref_seq.pdbx_db_align_beg_ins_code 
_struct_ref_seq.db_align_end 
_struct_ref_seq.pdbx_db_align_end_ins_code 
_struct_ref_seq.pdbx_auth_seq_align_beg 
_struct_ref_seq.pdbx_auth_seq_align_end 
1 1 3TE3 A 1 ? 39 ? Q9P0L9 699 ? 737 ? 699 737 
2 1 3TE3 B 1 ? 39 ? Q9P0L9 699 ? 737 ? 699 737 
3 1 3TE3 C 1 ? 39 ? Q9P0L9 699 ? 737 ? 699 737 
4 1 3TE3 D 1 ? 39 ? Q9P0L9 699 ? 737 ? 699 737 
5 1 3TE3 E 1 ? 39 ? Q9P0L9 699 ? 737 ? 699 737 
6 1 3TE3 F 1 ? 39 ? Q9P0L9 699 ? 737 ? 699 737 
# 
loop_
_pdbx_struct_assembly.id 
_pdbx_struct_assembly.details 
_pdbx_struct_assembly.method_details 
_pdbx_struct_assembly.oligomeric_details 
_pdbx_struct_assembly.oligomeric_count 
1 author_and_software_defined_assembly PISA trimeric 3 
2 author_and_software_defined_assembly PISA trimeric 3 
# 
loop_
_pdbx_struct_assembly_prop.biol_id 
_pdbx_struct_assembly_prop.type 
_pdbx_struct_assembly_prop.value 
_pdbx_struct_assembly_prop.details 
1 'ABSA (A^2)' 3490 ? 
1 MORE         -42  ? 
1 'SSA (A^2)'  6650 ? 
2 'ABSA (A^2)' 3940 ? 
2 MORE         -42  ? 
2 'SSA (A^2)'  6510 ? 
# 
loop_
_pdbx_struct_assembly_gen.assembly_id 
_pdbx_struct_assembly_gen.oper_expression 
_pdbx_struct_assembly_gen.asym_id_list 
1 1 A,B,C,G,H 
2 1 D,E,F,I,J 
# 
_pdbx_struct_oper_list.id                   1 
_pdbx_struct_oper_list.type                 'identity operation' 
_pdbx_struct_oper_list.name                 1_555 
_pdbx_struct_oper_list.symmetry_operation   x,y,z 
_pdbx_struct_oper_list.matrix[1][1]         1.0000000000 
_pdbx_struct_oper_list.matrix[1][2]         0.0000000000 
_pdbx_struct_oper_list.matrix[1][3]         0.0000000000 
_pdbx_struct_oper_list.vector[1]            0.0000000000 
_pdbx_struct_oper_list.matrix[2][1]         0.0000000000 
_pdbx_struct_oper_list.matrix[2][2]         1.0000000000 
_pdbx_struct_oper_list.matrix[2][3]         0.0000000000 
_pdbx_struct_oper_list.vector[2]            0.0000000000 
_pdbx_struct_oper_list.matrix[3][1]         0.0000000000 
_pdbx_struct_oper_list.matrix[3][2]         0.0000000000 
_pdbx_struct_oper_list.matrix[3][3]         1.0000000000 
_pdbx_struct_oper_list.vector[3]            0.0000000000 
# 
loop_
_struct_conf.conf_type_id 
_struct_conf.id 
_struct_conf.pdbx_PDB_helix_id 
_struct_conf.beg_label_comp_id 
_struct_conf.beg_label_asym_id 
_struct_conf.beg_label_seq_id 
_struct_conf.pdbx_beg_PDB_ins_code 
_struct_conf.end_label_comp_id 
_struct_conf.end_label_asym_id 
_struct_conf.end_label_seq_id 
_struct_conf.pdbx_end_PDB_ins_code 
_struct_conf.beg_auth_comp_id 
_struct_conf.beg_auth_asym_id 
_struct_conf.beg_auth_seq_id 
_struct_conf.end_auth_comp_id 
_struct_conf.end_auth_asym_id 
_struct_conf.end_auth_seq_id 
_struct_conf.pdbx_PDB_helix_class 
_struct_conf.details 
_struct_conf.pdbx_PDB_helix_length 
HELX_P HELX_P1 1 SER A 5 ? GLY A 34 ? SER A 703 GLY A 732 1 ? 30 
HELX_P HELX_P2 2 GLY B 6 ? LYS B 36 ? GLY B 704 LYS B 734 1 ? 31 
HELX_P HELX_P3 3 SER C 5 ? SER C 35 ? SER C 703 SER C 733 1 ? 31 
HELX_P HELX_P4 4 SER D 5 ? GLY D 34 ? SER D 703 GLY D 732 1 ? 30 
HELX_P HELX_P5 5 SER E 5 ? ASP E 31 ? SER E 703 ASP E 729 1 ? 27 
HELX_P HELX_P6 6 SER F 5 ? LEU F 37 ? SER F 703 LEU F 735 1 ? 33 
# 
_struct_conf_type.id          HELX_P 
_struct_conf_type.criteria    ? 
_struct_conf_type.reference   ? 
# 
_pdbx_validate_close_contact.id               1 
_pdbx_validate_close_contact.PDB_model_num    1 
_pdbx_validate_close_contact.auth_atom_id_1   CB 
_pdbx_validate_close_contact.auth_asym_id_1   A 
_pdbx_validate_close_contact.auth_comp_id_1   SER 
_pdbx_validate_close_contact.auth_seq_id_1    733 
_pdbx_validate_close_contact.PDB_ins_code_1   ? 
_pdbx_validate_close_contact.label_alt_id_1   ? 
_pdbx_validate_close_contact.auth_atom_id_2   O 
_pdbx_validate_close_contact.auth_asym_id_2   A 
_pdbx_validate_close_contact.auth_comp_id_2   HOH 
_pdbx_validate_close_contact.auth_seq_id_2    7 
_pdbx_validate_close_contact.PDB_ins_code_2   ? 
_pdbx_validate_close_contact.label_alt_id_2   ? 
_pdbx_validate_close_contact.dist             2.14 
# 
loop_
_pdbx_validate_torsion.id 
_pdbx_validate_torsion.PDB_model_num 
_pdbx_validate_torsion.auth_comp_id 
_pdbx_validate_torsion.auth_asym_id 
_pdbx_validate_torsion.auth_seq_id 
_pdbx_validate_torsion.PDB_ins_code 
_pdbx_validate_torsion.label_alt_id 
_pdbx_validate_torsion.phi 
_pdbx_validate_torsion.psi 
1 1 VAL A 702 ? ? -109.17 -66.35 
2 1 SER A 703 ? ? 58.50   74.79  
3 1 SER B 703 ? ? -134.11 -74.17 
# 
_pdbx_entry_details.entry_id                 3TE3 
_pdbx_entry_details.nonpolymer_details       ? 
_pdbx_entry_details.sequence_details         
;AUTHOR STATES THAT THE REGION CRYSTALLIZED IS ONLY PART OF ORIGINAL PROTEIN TARGET DUE TO IN-DROP PROTEOLYSIS. THEY HAVE ATTEMPTED TO CRYSTALLIZE THE ENTIRE 137 AA PROTEIN, HOWEVER, MASS SPECTROSCOPIC ANALYSIS OF THE CRYSTALS REVEALED THAT THERE HAD BEEN SOME PROTEOLYSIS DURING THE CRYSTALLIZATION PROCESS, AND THE CRYSTAL ONLY HAD A MASS OF 4338 DA. THIS MASS CORRESPONDS TO THE COILED-COIL DOMAIN OF THE FULL LENGTH PROTEIN. SERRES RECORD IN THE PDB FILE REPRESETS UNP RESIDUES 699-737.
;
_pdbx_entry_details.compound_details         ? 
_pdbx_entry_details.source_details           ? 
_pdbx_entry_details.has_ligand_of_interest   ? 
# 
loop_
_pdbx_unobs_or_zero_occ_residues.id 
_pdbx_unobs_or_zero_occ_residues.PDB_model_num 
_pdbx_unobs_or_zero_occ_residues.polymer_flag 
_pdbx_unobs_or_zero_occ_residues.occupancy_flag 
_pdbx_unobs_or_zero_occ_residues.auth_asym_id 
_pdbx_unobs_or_zero_occ_residues.auth_comp_id 
_pdbx_unobs_or_zero_occ_residues.auth_seq_id 
_pdbx_unobs_or_zero_occ_residues.PDB_ins_code 
_pdbx_unobs_or_zero_occ_residues.label_asym_id 
_pdbx_unobs_or_zero_occ_residues.label_comp_id 
_pdbx_unobs_or_zero_occ_residues.label_seq_id 
1  1 Y 1 A GLY 699 ? A GLY 1  
2  1 Y 1 A LYS 734 ? A LYS 36 
3  1 Y 1 A LEU 735 ? A LEU 37 
4  1 Y 1 A LYS 736 ? A LYS 38 
5  1 Y 1 A MET 737 ? A MET 39 
6  1 Y 1 B GLY 699 ? B GLY 1  
7  1 Y 1 B GLY 700 ? B GLY 2  
8  1 Y 1 B LYS 736 ? B LYS 38 
9  1 Y 1 B MET 737 ? B MET 39 
10 1 Y 1 C GLY 699 ? C GLY 1  
11 1 Y 1 C GLY 700 ? C GLY 2  
12 1 Y 1 D GLY 699 ? D GLY 1  
13 1 Y 1 D LYS 734 ? D LYS 36 
14 1 Y 1 D LEU 735 ? D LEU 37 
15 1 Y 1 D LYS 736 ? D LYS 38 
16 1 Y 1 D MET 737 ? D MET 39 
17 1 Y 1 E GLY 732 ? E GLY 34 
18 1 Y 1 E SER 733 ? E SER 35 
19 1 Y 1 E LYS 734 ? E LYS 36 
20 1 Y 1 E LEU 735 ? E LEU 37 
21 1 Y 1 E LYS 736 ? E LYS 38 
22 1 Y 1 E MET 737 ? E MET 39 
23 1 Y 1 F MET 737 ? F MET 39 
# 
loop_
_chem_comp_atom.comp_id 
_chem_comp_atom.atom_id 
_chem_comp_atom.type_symbol 
_chem_comp_atom.pdbx_aromatic_flag 
_chem_comp_atom.pdbx_stereo_config 
_chem_comp_atom.pdbx_ordinal 
ALA N    N N N 1   
ALA CA   C N S 2   
ALA C    C N N 3   
ALA O    O N N 4   
ALA CB   C N N 5   
ALA OXT  O N N 6   
ALA H    H N N 7   
ALA H2   H N N 8   
ALA HA   H N N 9   
ALA HB1  H N N 10  
ALA HB2  H N N 11  
ALA HB3  H N N 12  
ALA HXT  H N N 13  
ARG N    N N N 14  
ARG CA   C N S 15  
ARG C    C N N 16  
ARG O    O N N 17  
ARG CB   C N N 18  
ARG CG   C N N 19  
ARG CD   C N N 20  
ARG NE   N N N 21  
ARG CZ   C N N 22  
ARG NH1  N N N 23  
ARG NH2  N N N 24  
ARG OXT  O N N 25  
ARG H    H N N 26  
ARG H2   H N N 27  
ARG HA   H N N 28  
ARG HB2  H N N 29  
ARG HB3  H N N 30  
ARG HG2  H N N 31  
ARG HG3  H N N 32  
ARG HD2  H N N 33  
ARG HD3  H N N 34  
ARG HE   H N N 35  
ARG HH11 H N N 36  
ARG HH12 H N N 37  
ARG HH21 H N N 38  
ARG HH22 H N N 39  
ARG HXT  H N N 40  
ASP N    N N N 41  
ASP CA   C N S 42  
ASP C    C N N 43  
ASP O    O N N 44  
ASP CB   C N N 45  
ASP CG   C N N 46  
ASP OD1  O N N 47  
ASP OD2  O N N 48  
ASP OXT  O N N 49  
ASP H    H N N 50  
ASP H2   H N N 51  
ASP HA   H N N 52  
ASP HB2  H N N 53  
ASP HB3  H N N 54  
ASP HD2  H N N 55  
ASP HXT  H N N 56  
GLN N    N N N 57  
GLN CA   C N S 58  
GLN C    C N N 59  
GLN O    O N N 60  
GLN CB   C N N 61  
GLN CG   C N N 62  
GLN CD   C N N 63  
GLN OE1  O N N 64  
GLN NE2  N N N 65  
GLN OXT  O N N 66  
GLN H    H N N 67  
GLN H2   H N N 68  
GLN HA   H N N 69  
GLN HB2  H N N 70  
GLN HB3  H N N 71  
GLN HG2  H N N 72  
GLN HG3  H N N 73  
GLN HE21 H N N 74  
GLN HE22 H N N 75  
GLN HXT  H N N 76  
GLU N    N N N 77  
GLU CA   C N S 78  
GLU C    C N N 79  
GLU O    O N N 80  
GLU CB   C N N 81  
GLU CG   C N N 82  
GLU CD   C N N 83  
GLU OE1  O N N 84  
GLU OE2  O N N 85  
GLU OXT  O N N 86  
GLU H    H N N 87  
GLU H2   H N N 88  
GLU HA   H N N 89  
GLU HB2  H N N 90  
GLU HB3  H N N 91  
GLU HG2  H N N 92  
GLU HG3  H N N 93  
GLU HE2  H N N 94  
GLU HXT  H N N 95  
GLY N    N N N 96  
GLY CA   C N N 97  
GLY C    C N N 98  
GLY O    O N N 99  
GLY OXT  O N N 100 
GLY H    H N N 101 
GLY H2   H N N 102 
GLY HA2  H N N 103 
GLY HA3  H N N 104 
GLY HXT  H N N 105 
HOH O    O N N 106 
HOH H1   H N N 107 
HOH H2   H N N 108 
ILE N    N N N 109 
ILE CA   C N S 110 
ILE C    C N N 111 
ILE O    O N N 112 
ILE CB   C N S 113 
ILE CG1  C N N 114 
ILE CG2  C N N 115 
ILE CD1  C N N 116 
ILE OXT  O N N 117 
ILE H    H N N 118 
ILE H2   H N N 119 
ILE HA   H N N 120 
ILE HB   H N N 121 
ILE HG12 H N N 122 
ILE HG13 H N N 123 
ILE HG21 H N N 124 
ILE HG22 H N N 125 
ILE HG23 H N N 126 
ILE HD11 H N N 127 
ILE HD12 H N N 128 
ILE HD13 H N N 129 
ILE HXT  H N N 130 
LEU N    N N N 131 
LEU CA   C N S 132 
LEU C    C N N 133 
LEU O    O N N 134 
LEU CB   C N N 135 
LEU CG   C N N 136 
LEU CD1  C N N 137 
LEU CD2  C N N 138 
LEU OXT  O N N 139 
LEU H    H N N 140 
LEU H2   H N N 141 
LEU HA   H N N 142 
LEU HB2  H N N 143 
LEU HB3  H N N 144 
LEU HG   H N N 145 
LEU HD11 H N N 146 
LEU HD12 H N N 147 
LEU HD13 H N N 148 
LEU HD21 H N N 149 
LEU HD22 H N N 150 
LEU HD23 H N N 151 
LEU HXT  H N N 152 
LYS N    N N N 153 
LYS CA   C N S 154 
LYS C    C N N 155 
LYS O    O N N 156 
LYS CB   C N N 157 
LYS CG   C N N 158 
LYS CD   C N N 159 
LYS CE   C N N 160 
LYS NZ   N N N 161 
LYS OXT  O N N 162 
LYS H    H N N 163 
LYS H2   H N N 164 
LYS HA   H N N 165 
LYS HB2  H N N 166 
LYS HB3  H N N 167 
LYS HG2  H N N 168 
LYS HG3  H N N 169 
LYS HD2  H N N 170 
LYS HD3  H N N 171 
LYS HE2  H N N 172 
LYS HE3  H N N 173 
LYS HZ1  H N N 174 
LYS HZ2  H N N 175 
LYS HZ3  H N N 176 
LYS HXT  H N N 177 
MET N    N N N 178 
MET CA   C N S 179 
MET C    C N N 180 
MET O    O N N 181 
MET CB   C N N 182 
MET CG   C N N 183 
MET SD   S N N 184 
MET CE   C N N 185 
MET OXT  O N N 186 
MET H    H N N 187 
MET H2   H N N 188 
MET HA   H N N 189 
MET HB2  H N N 190 
MET HB3  H N N 191 
MET HG2  H N N 192 
MET HG3  H N N 193 
MET HE1  H N N 194 
MET HE2  H N N 195 
MET HE3  H N N 196 
MET HXT  H N N 197 
PHE N    N N N 198 
PHE CA   C N S 199 
PHE C    C N N 200 
PHE O    O N N 201 
PHE CB   C N N 202 
PHE CG   C Y N 203 
PHE CD1  C Y N 204 
PHE CD2  C Y N 205 
PHE CE1  C Y N 206 
PHE CE2  C Y N 207 
PHE CZ   C Y N 208 
PHE OXT  O N N 209 
PHE H    H N N 210 
PHE H2   H N N 211 
PHE HA   H N N 212 
PHE HB2  H N N 213 
PHE HB3  H N N 214 
PHE HD1  H N N 215 
PHE HD2  H N N 216 
PHE HE1  H N N 217 
PHE HE2  H N N 218 
PHE HZ   H N N 219 
PHE HXT  H N N 220 
SER N    N N N 221 
SER CA   C N S 222 
SER C    C N N 223 
SER O    O N N 224 
SER CB   C N N 225 
SER OG   O N N 226 
SER OXT  O N N 227 
SER H    H N N 228 
SER H2   H N N 229 
SER HA   H N N 230 
SER HB2  H N N 231 
SER HB3  H N N 232 
SER HG   H N N 233 
SER HXT  H N N 234 
THR N    N N N 235 
THR CA   C N S 236 
THR C    C N N 237 
THR O    O N N 238 
THR CB   C N R 239 
THR OG1  O N N 240 
THR CG2  C N N 241 
THR OXT  O N N 242 
THR H    H N N 243 
THR H2   H N N 244 
THR HA   H N N 245 
THR HB   H N N 246 
THR HG1  H N N 247 
THR HG21 H N N 248 
THR HG22 H N N 249 
THR HG23 H N N 250 
THR HXT  H N N 251 
TRP N    N N N 252 
TRP CA   C N S 253 
TRP C    C N N 254 
TRP O    O N N 255 
TRP CB   C N N 256 
TRP CG   C Y N 257 
TRP CD1  C Y N 258 
TRP CD2  C Y N 259 
TRP NE1  N Y N 260 
TRP CE2  C Y N 261 
TRP CE3  C Y N 262 
TRP CZ2  C Y N 263 
TRP CZ3  C Y N 264 
TRP CH2  C Y N 265 
TRP OXT  O N N 266 
TRP H    H N N 267 
TRP H2   H N N 268 
TRP HA   H N N 269 
TRP HB2  H N N 270 
TRP HB3  H N N 271 
TRP HD1  H N N 272 
TRP HE1  H N N 273 
TRP HE3  H N N 274 
TRP HZ2  H N N 275 
TRP HZ3  H N N 276 
TRP HH2  H N N 277 
TRP HXT  H N N 278 
TYR N    N N N 279 
TYR CA   C N S 280 
TYR C    C N N 281 
TYR O    O N N 282 
TYR CB   C N N 283 
TYR CG   C Y N 284 
TYR CD1  C Y N 285 
TYR CD2  C Y N 286 
TYR CE1  C Y N 287 
TYR CE2  C Y N 288 
TYR CZ   C Y N 289 
TYR OH   O N N 290 
TYR OXT  O N N 291 
TYR H    H N N 292 
TYR H2   H N N 293 
TYR HA   H N N 294 
TYR HB2  H N N 295 
TYR HB3  H N N 296 
TYR HD1  H N N 297 
TYR HD2  H N N 298 
TYR HE1  H N N 299 
TYR HE2  H N N 300 
TYR HH   H N N 301 
TYR HXT  H N N 302 
VAL N    N N N 303 
VAL CA   C N S 304 
VAL C    C N N 305 
VAL O    O N N 306 
VAL CB   C N N 307 
VAL CG1  C N N 308 
VAL CG2  C N N 309 
VAL OXT  O N N 310 
VAL H    H N N 311 
VAL H2   H N N 312 
VAL HA   H N N 313 
VAL HB   H N N 314 
VAL HG11 H N N 315 
VAL HG12 H N N 316 
VAL HG13 H N N 317 
VAL HG21 H N N 318 
VAL HG22 H N N 319 
VAL HG23 H N N 320 
VAL HXT  H N N 321 
# 
loop_
_chem_comp_bond.comp_id 
_chem_comp_bond.atom_id_1 
_chem_comp_bond.atom_id_2 
_chem_comp_bond.value_order 
_chem_comp_bond.pdbx_aromatic_flag 
_chem_comp_bond.pdbx_stereo_config 
_chem_comp_bond.pdbx_ordinal 
ALA N   CA   sing N N 1   
ALA N   H    sing N N 2   
ALA N   H2   sing N N 3   
ALA CA  C    sing N N 4   
ALA CA  CB   sing N N 5   
ALA CA  HA   sing N N 6   
ALA C   O    doub N N 7   
ALA C   OXT  sing N N 8   
ALA CB  HB1  sing N N 9   
ALA CB  HB2  sing N N 10  
ALA CB  HB3  sing N N 11  
ALA OXT HXT  sing N N 12  
ARG N   CA   sing N N 13  
ARG N   H    sing N N 14  
ARG N   H2   sing N N 15  
ARG CA  C    sing N N 16  
ARG CA  CB   sing N N 17  
ARG CA  HA   sing N N 18  
ARG C   O    doub N N 19  
ARG C   OXT  sing N N 20  
ARG CB  CG   sing N N 21  
ARG CB  HB2  sing N N 22  
ARG CB  HB3  sing N N 23  
ARG CG  CD   sing N N 24  
ARG CG  HG2  sing N N 25  
ARG CG  HG3  sing N N 26  
ARG CD  NE   sing N N 27  
ARG CD  HD2  sing N N 28  
ARG CD  HD3  sing N N 29  
ARG NE  CZ   sing N N 30  
ARG NE  HE   sing N N 31  
ARG CZ  NH1  sing N N 32  
ARG CZ  NH2  doub N N 33  
ARG NH1 HH11 sing N N 34  
ARG NH1 HH12 sing N N 35  
ARG NH2 HH21 sing N N 36  
ARG NH2 HH22 sing N N 37  
ARG OXT HXT  sing N N 38  
ASP N   CA   sing N N 39  
ASP N   H    sing N N 40  
ASP N   H2   sing N N 41  
ASP CA  C    sing N N 42  
ASP CA  CB   sing N N 43  
ASP CA  HA   sing N N 44  
ASP C   O    doub N N 45  
ASP C   OXT  sing N N 46  
ASP CB  CG   sing N N 47  
ASP CB  HB2  sing N N 48  
ASP CB  HB3  sing N N 49  
ASP CG  OD1  doub N N 50  
ASP CG  OD2  sing N N 51  
ASP OD2 HD2  sing N N 52  
ASP OXT HXT  sing N N 53  
GLN N   CA   sing N N 54  
GLN N   H    sing N N 55  
GLN N   H2   sing N N 56  
GLN CA  C    sing N N 57  
GLN CA  CB   sing N N 58  
GLN CA  HA   sing N N 59  
GLN C   O    doub N N 60  
GLN C   OXT  sing N N 61  
GLN CB  CG   sing N N 62  
GLN CB  HB2  sing N N 63  
GLN CB  HB3  sing N N 64  
GLN CG  CD   sing N N 65  
GLN CG  HG2  sing N N 66  
GLN CG  HG3  sing N N 67  
GLN CD  OE1  doub N N 68  
GLN CD  NE2  sing N N 69  
GLN NE2 HE21 sing N N 70  
GLN NE2 HE22 sing N N 71  
GLN OXT HXT  sing N N 72  
GLU N   CA   sing N N 73  
GLU N   H    sing N N 74  
GLU N   H2   sing N N 75  
GLU CA  C    sing N N 76  
GLU CA  CB   sing N N 77  
GLU CA  HA   sing N N 78  
GLU C   O    doub N N 79  
GLU C   OXT  sing N N 80  
GLU CB  CG   sing N N 81  
GLU CB  HB2  sing N N 82  
GLU CB  HB3  sing N N 83  
GLU CG  CD   sing N N 84  
GLU CG  HG2  sing N N 85  
GLU CG  HG3  sing N N 86  
GLU CD  OE1  doub N N 87  
GLU CD  OE2  sing N N 88  
GLU OE2 HE2  sing N N 89  
GLU OXT HXT  sing N N 90  
GLY N   CA   sing N N 91  
GLY N   H    sing N N 92  
GLY N   H2   sing N N 93  
GLY CA  C    sing N N 94  
GLY CA  HA2  sing N N 95  
GLY CA  HA3  sing N N 96  
GLY C   O    doub N N 97  
GLY C   OXT  sing N N 98  
GLY OXT HXT  sing N N 99  
HOH O   H1   sing N N 100 
HOH O   H2   sing N N 101 
ILE N   CA   sing N N 102 
ILE N   H    sing N N 103 
ILE N   H2   sing N N 104 
ILE CA  C    sing N N 105 
ILE CA  CB   sing N N 106 
ILE CA  HA   sing N N 107 
ILE C   O    doub N N 108 
ILE C   OXT  sing N N 109 
ILE CB  CG1  sing N N 110 
ILE CB  CG2  sing N N 111 
ILE CB  HB   sing N N 112 
ILE CG1 CD1  sing N N 113 
ILE CG1 HG12 sing N N 114 
ILE CG1 HG13 sing N N 115 
ILE CG2 HG21 sing N N 116 
ILE CG2 HG22 sing N N 117 
ILE CG2 HG23 sing N N 118 
ILE CD1 HD11 sing N N 119 
ILE CD1 HD12 sing N N 120 
ILE CD1 HD13 sing N N 121 
ILE OXT HXT  sing N N 122 
LEU N   CA   sing N N 123 
LEU N   H    sing N N 124 
LEU N   H2   sing N N 125 
LEU CA  C    sing N N 126 
LEU CA  CB   sing N N 127 
LEU CA  HA   sing N N 128 
LEU C   O    doub N N 129 
LEU C   OXT  sing N N 130 
LEU CB  CG   sing N N 131 
LEU CB  HB2  sing N N 132 
LEU CB  HB3  sing N N 133 
LEU CG  CD1  sing N N 134 
LEU CG  CD2  sing N N 135 
LEU CG  HG   sing N N 136 
LEU CD1 HD11 sing N N 137 
LEU CD1 HD12 sing N N 138 
LEU CD1 HD13 sing N N 139 
LEU CD2 HD21 sing N N 140 
LEU CD2 HD22 sing N N 141 
LEU CD2 HD23 sing N N 142 
LEU OXT HXT  sing N N 143 
LYS N   CA   sing N N 144 
LYS N   H    sing N N 145 
LYS N   H2   sing N N 146 
LYS CA  C    sing N N 147 
LYS CA  CB   sing N N 148 
LYS CA  HA   sing N N 149 
LYS C   O    doub N N 150 
LYS C   OXT  sing N N 151 
LYS CB  CG   sing N N 152 
LYS CB  HB2  sing N N 153 
LYS CB  HB3  sing N N 154 
LYS CG  CD   sing N N 155 
LYS CG  HG2  sing N N 156 
LYS CG  HG3  sing N N 157 
LYS CD  CE   sing N N 158 
LYS CD  HD2  sing N N 159 
LYS CD  HD3  sing N N 160 
LYS CE  NZ   sing N N 161 
LYS CE  HE2  sing N N 162 
LYS CE  HE3  sing N N 163 
LYS NZ  HZ1  sing N N 164 
LYS NZ  HZ2  sing N N 165 
LYS NZ  HZ3  sing N N 166 
LYS OXT HXT  sing N N 167 
MET N   CA   sing N N 168 
MET N   H    sing N N 169 
MET N   H2   sing N N 170 
MET CA  C    sing N N 171 
MET CA  CB   sing N N 172 
MET CA  HA   sing N N 173 
MET C   O    doub N N 174 
MET C   OXT  sing N N 175 
MET CB  CG   sing N N 176 
MET CB  HB2  sing N N 177 
MET CB  HB3  sing N N 178 
MET CG  SD   sing N N 179 
MET CG  HG2  sing N N 180 
MET CG  HG3  sing N N 181 
MET SD  CE   sing N N 182 
MET CE  HE1  sing N N 183 
MET CE  HE2  sing N N 184 
MET CE  HE3  sing N N 185 
MET OXT HXT  sing N N 186 
PHE N   CA   sing N N 187 
PHE N   H    sing N N 188 
PHE N   H2   sing N N 189 
PHE CA  C    sing N N 190 
PHE CA  CB   sing N N 191 
PHE CA  HA   sing N N 192 
PHE C   O    doub N N 193 
PHE C   OXT  sing N N 194 
PHE CB  CG   sing N N 195 
PHE CB  HB2  sing N N 196 
PHE CB  HB3  sing N N 197 
PHE CG  CD1  doub Y N 198 
PHE CG  CD2  sing Y N 199 
PHE CD1 CE1  sing Y N 200 
PHE CD1 HD1  sing N N 201 
PHE CD2 CE2  doub Y N 202 
PHE CD2 HD2  sing N N 203 
PHE CE1 CZ   doub Y N 204 
PHE CE1 HE1  sing N N 205 
PHE CE2 CZ   sing Y N 206 
PHE CE2 HE2  sing N N 207 
PHE CZ  HZ   sing N N 208 
PHE OXT HXT  sing N N 209 
SER N   CA   sing N N 210 
SER N   H    sing N N 211 
SER N   H2   sing N N 212 
SER CA  C    sing N N 213 
SER CA  CB   sing N N 214 
SER CA  HA   sing N N 215 
SER C   O    doub N N 216 
SER C   OXT  sing N N 217 
SER CB  OG   sing N N 218 
SER CB  HB2  sing N N 219 
SER CB  HB3  sing N N 220 
SER OG  HG   sing N N 221 
SER OXT HXT  sing N N 222 
THR N   CA   sing N N 223 
THR N   H    sing N N 224 
THR N   H2   sing N N 225 
THR CA  C    sing N N 226 
THR CA  CB   sing N N 227 
THR CA  HA   sing N N 228 
THR C   O    doub N N 229 
THR C   OXT  sing N N 230 
THR CB  OG1  sing N N 231 
THR CB  CG2  sing N N 232 
THR CB  HB   sing N N 233 
THR OG1 HG1  sing N N 234 
THR CG2 HG21 sing N N 235 
THR CG2 HG22 sing N N 236 
THR CG2 HG23 sing N N 237 
THR OXT HXT  sing N N 238 
TRP N   CA   sing N N 239 
TRP N   H    sing N N 240 
TRP N   H2   sing N N 241 
TRP CA  C    sing N N 242 
TRP CA  CB   sing N N 243 
TRP CA  HA   sing N N 244 
TRP C   O    doub N N 245 
TRP C   OXT  sing N N 246 
TRP CB  CG   sing N N 247 
TRP CB  HB2  sing N N 248 
TRP CB  HB3  sing N N 249 
TRP CG  CD1  doub Y N 250 
TRP CG  CD2  sing Y N 251 
TRP CD1 NE1  sing Y N 252 
TRP CD1 HD1  sing N N 253 
TRP CD2 CE2  doub Y N 254 
TRP CD2 CE3  sing Y N 255 
TRP NE1 CE2  sing Y N 256 
TRP NE1 HE1  sing N N 257 
TRP CE2 CZ2  sing Y N 258 
TRP CE3 CZ3  doub Y N 259 
TRP CE3 HE3  sing N N 260 
TRP CZ2 CH2  doub Y N 261 
TRP CZ2 HZ2  sing N N 262 
TRP CZ3 CH2  sing Y N 263 
TRP CZ3 HZ3  sing N N 264 
TRP CH2 HH2  sing N N 265 
TRP OXT HXT  sing N N 266 
TYR N   CA   sing N N 267 
TYR N   H    sing N N 268 
TYR N   H2   sing N N 269 
TYR CA  C    sing N N 270 
TYR CA  CB   sing N N 271 
TYR CA  HA   sing N N 272 
TYR C   O    doub N N 273 
TYR C   OXT  sing N N 274 
TYR CB  CG   sing N N 275 
TYR CB  HB2  sing N N 276 
TYR CB  HB3  sing N N 277 
TYR CG  CD1  doub Y N 278 
TYR CG  CD2  sing Y N 279 
TYR CD1 CE1  sing Y N 280 
TYR CD1 HD1  sing N N 281 
TYR CD2 CE2  doub Y N 282 
TYR CD2 HD2  sing N N 283 
TYR CE1 CZ   doub Y N 284 
TYR CE1 HE1  sing N N 285 
TYR CE2 CZ   sing Y N 286 
TYR CE2 HE2  sing N N 287 
TYR CZ  OH   sing N N 288 
TYR OH  HH   sing N N 289 
TYR OXT HXT  sing N N 290 
VAL N   CA   sing N N 291 
VAL N   H    sing N N 292 
VAL N   H2   sing N N 293 
VAL CA  C    sing N N 294 
VAL CA  CB   sing N N 295 
VAL CA  HA   sing N N 296 
VAL C   O    doub N N 297 
VAL C   OXT  sing N N 298 
VAL CB  CG1  sing N N 299 
VAL CB  CG2  sing N N 300 
VAL CB  HB   sing N N 301 
VAL CG1 HG11 sing N N 302 
VAL CG1 HG12 sing N N 303 
VAL CG1 HG13 sing N N 304 
VAL CG2 HG21 sing N N 305 
VAL CG2 HG22 sing N N 306 
VAL CG2 HG23 sing N N 307 
VAL OXT HXT  sing N N 308 
# 
_atom_sites.entry_id                    3TE3 
_atom_sites.fract_transf_matrix[1][1]   -0.00414485 
_atom_sites.fract_transf_matrix[1][2]   -0.01432963 
_atom_sites.fract_transf_matrix[1][3]   0.00410618 
_atom_sites.fract_transf_matrix[2][1]   0.00909570 
_atom_sites.fract_transf_matrix[2][2]   -0.00829893 
_atom_sites.fract_transf_matrix[2][3]   0.00936903 
_atom_sites.fract_transf_matrix[3][1]   -0.00260074 
_atom_sites.fract_transf_matrix[3][2]   0.00197777 
_atom_sites.fract_transf_matrix[3][3]   0.00427674 
_atom_sites.fract_transf_vector[1]      -0.025328 
_atom_sites.fract_transf_vector[2]      -0.498030 
_atom_sites.fract_transf_vector[3]      0.006281 
# 
loop_
_atom_type.symbol 
C 
N 
O 
S 
# 
loop_
_atom_site.group_PDB 
_atom_site.id 
_atom_site.type_symbol 
_atom_site.label_atom_id 
_atom_site.label_alt_id 
_atom_site.label_comp_id 
_atom_site.label_asym_id 
_atom_site.label_entity_id 
_atom_site.label_seq_id 
_atom_site.pdbx_PDB_ins_code 
_atom_site.Cartn_x 
_atom_site.Cartn_y 
_atom_site.Cartn_z 
_atom_site.occupancy 
_atom_site.B_iso_or_equiv 
_atom_site.pdbx_formal_charge 
_atom_site.auth_seq_id 
_atom_site.auth_comp_id 
_atom_site.auth_asym_id 
_atom_site.auth_atom_id 
_atom_site.pdbx_PDB_model_num 
ATOM   1    N N   . GLY A 1 2  ? 15.028  -26.527 -2.033  1.00 61.11  ? 700 GLY A N   1 
ATOM   2    C CA  . GLY A 1 2  ? 15.057  -25.192 -1.447  1.00 87.88  ? 700 GLY A CA  1 
ATOM   3    C C   . GLY A 1 2  ? 14.388  -25.091 -0.078  1.00 86.28  ? 700 GLY A C   1 
ATOM   4    O O   . GLY A 1 2  ? 13.671  -26.006 0.353   1.00 80.96  ? 700 GLY A O   1 
ATOM   5    N N   . TRP A 1 3  ? 14.597  -23.977 0.615   1.00 72.50  ? 701 TRP A N   1 
ATOM   6    C CA  . TRP A 1 3  ? 14.032  -23.878 1.956   1.00 86.96  ? 701 TRP A CA  1 
ATOM   7    C C   . TRP A 1 3  ? 12.507  -23.785 1.883   1.00 86.89  ? 701 TRP A C   1 
ATOM   8    O O   . TRP A 1 3  ? 11.965  -22.836 1.323   1.00 88.65  ? 701 TRP A O   1 
ATOM   9    C CB  . TRP A 1 3  ? 14.606  -22.666 2.681   1.00 90.34  ? 701 TRP A CB  1 
ATOM   10   N N   . VAL A 1 4  ? 11.820  -24.751 2.491   1.00 88.72  ? 702 VAL A N   1 
ATOM   11   C CA  . VAL A 1 4  ? 10.357  -24.799 2.449   1.00 83.39  ? 702 VAL A CA  1 
ATOM   12   C C   . VAL A 1 4  ? 9.763   -24.465 3.801   1.00 81.90  ? 702 VAL A C   1 
ATOM   13   O O   . VAL A 1 4  ? 9.109   -23.432 3.956   1.00 84.20  ? 702 VAL A O   1 
ATOM   14   C CB  . VAL A 1 4  ? 9.867   -26.176 1.983   1.00 82.97  ? 702 VAL A CB  1 
ATOM   15   N N   . SER A 1 5  ? 10.003  -25.338 4.777   1.00 78.34  ? 703 SER A N   1 
ATOM   16   C CA  . SER A 1 5  ? 9.460   -25.157 6.120   1.00 77.90  ? 703 SER A CA  1 
ATOM   17   C C   . SER A 1 5  ? 7.942   -25.085 6.085   1.00 75.48  ? 703 SER A C   1 
ATOM   18   O O   . SER A 1 5  ? 7.377   -24.005 6.192   1.00 79.39  ? 703 SER A O   1 
ATOM   19   C CB  . SER A 1 5  ? 10.043  -23.910 6.790   1.00 76.06  ? 703 SER A CB  1 
ATOM   20   N N   . GLY A 1 6  ? 7.288   -26.225 5.892   1.00 73.00  ? 704 GLY A N   1 
ATOM   21   C CA  . GLY A 1 6  ? 5.833   -26.276 5.903   1.00 73.49  ? 704 GLY A CA  1 
ATOM   22   C C   . GLY A 1 6  ? 5.133   -25.566 7.067   1.00 71.19  ? 704 GLY A C   1 
ATOM   23   O O   . GLY A 1 6  ? 4.023   -25.053 6.898   1.00 71.02  ? 704 GLY A O   1 
ATOM   24   N N   . GLU A 1 7  ? 5.753   -25.526 8.243   1.00 69.57  ? 705 GLU A N   1 
ATOM   25   C CA  . GLU A 1 7  ? 5.198   -24.737 9.348   1.00 73.40  ? 705 GLU A CA  1 
ATOM   26   C C   . GLU A 1 7  ? 5.141   -23.251 8.987   1.00 70.67  ? 705 GLU A C   1 
ATOM   27   O O   . GLU A 1 7  ? 4.180   -22.549 9.340   1.00 70.09  ? 705 GLU A O   1 
ATOM   28   C CB  . GLU A 1 7  ? 6.023   -24.929 10.624  1.00 80.67  ? 705 GLU A CB  1 
ATOM   29   C CG  . GLU A 1 7  ? 6.392   -23.626 11.333  1.00 83.83  ? 705 GLU A CG  1 
ATOM   30   C CD  . GLU A 1 7  ? 7.652   -23.760 12.190  1.00 93.08  ? 705 GLU A CD  1 
ATOM   31   O OE1 . GLU A 1 7  ? 8.444   -22.782 12.272  1.00 83.88  ? 705 GLU A OE1 1 
ATOM   32   O OE2 . GLU A 1 7  ? 7.847   -24.852 12.774  1.00 93.85  ? 705 GLU A OE2 1 
ATOM   33   N N   . GLU A 1 8  ? 6.180   -22.789 8.285   1.00 66.52  ? 706 GLU A N   1 
ATOM   34   C CA  . GLU A 1 8  ? 6.287   -21.413 7.794   1.00 66.39  ? 706 GLU A CA  1 
ATOM   35   C C   . GLU A 1 8  ? 5.180   -21.095 6.788   1.00 60.73  ? 706 GLU A C   1 
ATOM   36   O O   . GLU A 1 8  ? 4.555   -20.016 6.810   1.00 60.63  ? 706 GLU A O   1 
ATOM   37   C CB  . GLU A 1 8  ? 7.666   -21.187 7.158   1.00 64.96  ? 706 GLU A CB  1 
ATOM   38   N N   . PHE A 1 9  ? 4.933   -22.047 5.902   1.00 58.51  ? 707 PHE A N   1 
ATOM   39   C CA  . PHE A 1 9  ? 3.857   -21.904 4.952   1.00 57.49  ? 707 PHE A CA  1 
ATOM   40   C C   . PHE A 1 9  ? 2.529   -21.832 5.696   1.00 54.62  ? 707 PHE A C   1 
ATOM   41   O O   . PHE A 1 9  ? 1.667   -21.027 5.362   1.00 53.04  ? 707 PHE A O   1 
ATOM   42   C CB  . PHE A 1 9  ? 3.869   -23.039 3.920   1.00 57.60  ? 707 PHE A CB  1 
ATOM   43   C CG  . PHE A 1 9  ? 2.931   -22.806 2.773   1.00 53.26  ? 707 PHE A CG  1 
ATOM   44   C CD1 . PHE A 1 9  ? 3.225   -21.847 1.813   1.00 54.64  ? 707 PHE A CD1 1 
ATOM   45   C CD2 . PHE A 1 9  ? 1.738   -23.508 2.674   1.00 52.07  ? 707 PHE A CD2 1 
ATOM   46   C CE1 . PHE A 1 9  ? 2.348   -21.600 0.753   1.00 52.73  ? 707 PHE A CE1 1 
ATOM   47   C CE2 . PHE A 1 9  ? 0.856   -23.273 1.621   1.00 54.02  ? 707 PHE A CE2 1 
ATOM   48   C CZ  . PHE A 1 9  ? 1.166   -22.317 0.653   1.00 54.02  ? 707 PHE A CZ  1 
ATOM   49   N N   . TYR A 1 10 ? 2.367   -22.670 6.711   1.00 57.43  ? 708 TYR A N   1 
ATOM   50   C CA  . TYR A 1 10 ? 1.188   -22.582 7.562   1.00 61.26  ? 708 TYR A CA  1 
ATOM   51   C C   . TYR A 1 10 ? 1.003   -21.184 8.170   1.00 59.06  ? 708 TYR A C   1 
ATOM   52   O O   . TYR A 1 10 ? -0.105  -20.630 8.143   1.00 58.48  ? 708 TYR A O   1 
ATOM   53   C CB  . TYR A 1 10 ? 1.223   -23.638 8.671   1.00 67.15  ? 708 TYR A CB  1 
ATOM   54   C CG  . TYR A 1 10 ? 0.134   -23.426 9.710   1.00 75.02  ? 708 TYR A CG  1 
ATOM   55   C CD1 . TYR A 1 10 ? -1.216  -23.501 9.359   1.00 71.60  ? 708 TYR A CD1 1 
ATOM   56   C CD2 . TYR A 1 10 ? 0.455   -23.142 11.038  1.00 74.22  ? 708 TYR A CD2 1 
ATOM   57   C CE1 . TYR A 1 10 ? -2.211  -23.305 10.296  1.00 71.21  ? 708 TYR A CE1 1 
ATOM   58   C CE2 . TYR A 1 10 ? -0.533  -22.940 11.983  1.00 73.14  ? 708 TYR A CE2 1 
ATOM   59   C CZ  . TYR A 1 10 ? -1.866  -23.024 11.607  1.00 78.07  ? 708 TYR A CZ  1 
ATOM   60   O OH  . TYR A 1 10 ? -2.857  -22.827 12.550  1.00 83.50  ? 708 TYR A OH  1 
ATOM   61   N N   . MET A 1 11 ? 2.070   -20.613 8.724   1.00 54.83  ? 709 MET A N   1 
ATOM   62   C CA  . MET A 1 11 ? 1.970   -19.248 9.254   1.00 57.67  ? 709 MET A CA  1 
ATOM   63   C C   . MET A 1 11 ? 1.500   -18.251 8.202   1.00 52.19  ? 709 MET A C   1 
ATOM   64   O O   . MET A 1 11 ? 0.695   -17.351 8.509   1.00 54.16  ? 709 MET A O   1 
ATOM   65   C CB  . MET A 1 11 ? 3.287   -18.776 9.873   1.00 61.78  ? 709 MET A CB  1 
ATOM   66   C CG  . MET A 1 11 ? 3.627   -19.447 11.196  1.00 71.19  ? 709 MET A CG  1 
ATOM   67   S SD  . MET A 1 11 ? 5.397   -19.365 11.579  1.00 99.87  ? 709 MET A SD  1 
ATOM   68   C CE  . MET A 1 11 ? 5.612   -17.683 12.173  1.00 93.06  ? 709 MET A CE  1 
ATOM   69   N N   . LEU A 1 12 ? 1.988   -18.413 6.969   1.00 46.39  ? 710 LEU A N   1 
ATOM   70   C CA  . LEU A 1 12 ? 1.611   -17.497 5.885   1.00 45.12  ? 710 LEU A CA  1 
ATOM   71   C C   . LEU A 1 12 ? 0.148   -17.688 5.466   1.00 43.67  ? 710 LEU A C   1 
ATOM   72   O O   . LEU A 1 12 ? -0.585  -16.734 5.216   1.00 43.08  ? 710 LEU A O   1 
ATOM   73   C CB  . LEU A 1 12 ? 2.553   -17.655 4.681   1.00 45.30  ? 710 LEU A CB  1 
ATOM   74   C CG  . LEU A 1 12 ? 2.632   -16.471 3.719   1.00 41.35  ? 710 LEU A CG  1 
ATOM   75   C CD1 . LEU A 1 12 ? 2.971   -15.230 4.486   1.00 44.84  ? 710 LEU A CD1 1 
ATOM   76   C CD2 . LEU A 1 12 ? 3.666   -16.693 2.627   1.00 48.14  ? 710 LEU A CD2 1 
ATOM   77   N N   . THR A 1 13 ? -0.274  -18.932 5.393   1.00 38.43  ? 711 THR A N   1 
ATOM   78   C CA  . THR A 1 13 ? -1.668  -19.230 5.160   1.00 44.48  ? 711 THR A CA  1 
ATOM   79   C C   . THR A 1 13 ? -2.566  -18.543 6.170   1.00 44.25  ? 711 THR A C   1 
ATOM   80   O O   . THR A 1 13 ? -3.545  -17.900 5.794   1.00 45.45  ? 711 THR A O   1 
ATOM   81   C CB  . THR A 1 13 ? -1.911  -20.716 5.307   1.00 50.55  ? 711 THR A CB  1 
ATOM   82   O OG1 . THR A 1 13 ? -1.084  -21.423 4.375   1.00 45.26  ? 711 THR A OG1 1 
ATOM   83   C CG2 . THR A 1 13 ? -3.380  -21.022 5.073   1.00 44.52  ? 711 THR A CG2 1 
ATOM   84   N N   . ARG A 1 14 ? -2.240  -18.699 7.458   1.00 47.15  ? 712 ARG A N   1 
ATOM   85   C CA  . ARG A 1 14 ? -2.959  -17.995 8.520   1.00 49.33  ? 712 ARG A CA  1 
ATOM   86   C C   . ARG A 1 14 ? -3.004  -16.510 8.248   1.00 47.70  ? 712 ARG A C   1 
ATOM   87   O O   . ARG A 1 14 ? -4.074  -15.904 8.305   1.00 42.35  ? 712 ARG A O   1 
ATOM   88   C CB  . ARG A 1 14 ? -2.315  -18.215 9.885   1.00 54.66  ? 712 ARG A CB  1 
ATOM   89   C CG  . ARG A 1 14 ? -2.649  -19.542 10.510  1.00 70.07  ? 712 ARG A CG  1 
ATOM   90   C CD  . ARG A 1 14 ? -1.835  -19.748 11.758  1.00 72.35  ? 712 ARG A CD  1 
ATOM   91   N NE  . ARG A 1 14 ? -2.323  -18.912 12.841  1.00 73.04  ? 712 ARG A NE  1 
ATOM   92   C CZ  . ARG A 1 14 ? -1.620  -18.619 13.930  1.00 88.96  ? 712 ARG A CZ  1 
ATOM   93   N NH1 . ARG A 1 14 ? -0.381  -19.086 14.074  1.00 87.85  ? 712 ARG A NH1 1 
ATOM   94   N NH2 . ARG A 1 14 ? -2.155  -17.850 14.872  1.00 86.76  ? 712 ARG A NH2 1 
ATOM   95   N N   . ARG A 1 15 ? -1.838  -15.927 7.963   1.00 44.99  ? 713 ARG A N   1 
ATOM   96   C CA  . ARG A 1 15 ? -1.771  -14.495 7.701   1.00 45.36  ? 713 ARG A CA  1 
ATOM   97   C C   . ARG A 1 15 ? -2.734  -14.105 6.595   1.00 43.45  ? 713 ARG A C   1 
ATOM   98   O O   . ARG A 1 15 ? -3.402  -13.070 6.683   1.00 46.91  ? 713 ARG A O   1 
ATOM   99   C CB  . ARG A 1 15 ? -0.356  -14.068 7.339   1.00 49.79  ? 713 ARG A CB  1 
ATOM   100  C CG  . ARG A 1 15 ? 0.637   -14.116 8.485   1.00 45.78  ? 713 ARG A CG  1 
ATOM   101  C CD  . ARG A 1 15 ? 1.482   -12.875 8.460   1.00 43.20  ? 713 ARG A CD  1 
ATOM   102  N NE  . ARG A 1 15 ? 2.849   -13.133 8.026   1.00 57.40  ? 713 ARG A NE  1 
ATOM   103  C CZ  . ARG A 1 15 ? 3.626   -12.236 7.420   1.00 54.35  ? 713 ARG A CZ  1 
ATOM   104  N NH1 . ARG A 1 15 ? 3.165   -11.020 7.154   1.00 52.62  ? 713 ARG A NH1 1 
ATOM   105  N NH2 . ARG A 1 15 ? 4.863   -12.553 7.076   1.00 50.80  ? 713 ARG A NH2 1 
ATOM   106  N N   . VAL A 1 16 ? -2.835  -14.947 5.569   1.00 43.21  ? 714 VAL A N   1 
ATOM   107  C CA  . VAL A 1 16 ? -3.721  -14.646 4.441   1.00 44.51  ? 714 VAL A CA  1 
ATOM   108  C C   . VAL A 1 16 ? -5.177  -14.721 4.839   1.00 43.37  ? 714 VAL A C   1 
ATOM   109  O O   . VAL A 1 16 ? -5.980  -13.890 4.425   1.00 40.58  ? 714 VAL A O   1 
ATOM   110  C CB  . VAL A 1 16 ? -3.481  -15.569 3.238   1.00 42.98  ? 714 VAL A CB  1 
ATOM   111  C CG1 . VAL A 1 16 ? -4.515  -15.298 2.166   1.00 37.38  ? 714 VAL A CG1 1 
ATOM   112  C CG2 . VAL A 1 16 ? -2.071  -15.359 2.693   1.00 39.36  ? 714 VAL A CG2 1 
ATOM   113  N N   . LEU A 1 17 ? -5.511  -15.733 5.638   1.00 44.46  ? 715 LEU A N   1 
ATOM   114  C CA  . LEU A 1 17 ? -6.850  -15.854 6.205   1.00 42.02  ? 715 LEU A CA  1 
ATOM   115  C C   . LEU A 1 17 ? -7.244  -14.648 7.096   1.00 43.52  ? 715 LEU A C   1 
ATOM   116  O O   . LEU A 1 17 ? -8.361  -14.120 6.979   1.00 44.63  ? 715 LEU A O   1 
ATOM   117  C CB  . LEU A 1 17 ? -6.960  -17.166 6.966   1.00 42.09  ? 715 LEU A CB  1 
ATOM   118  C CG  . LEU A 1 17 ? -8.182  -17.393 7.852   1.00 42.05  ? 715 LEU A CG  1 
ATOM   119  C CD1 . LEU A 1 17 ? -9.458  -17.448 7.031   1.00 40.85  ? 715 LEU A CD1 1 
ATOM   120  C CD2 . LEU A 1 17 ? -8.015  -18.666 8.684   1.00 37.38  ? 715 LEU A CD2 1 
ATOM   121  N N   . GLN A 1 18 ? -6.331  -14.192 7.957   1.00 40.20  ? 716 GLN A N   1 
ATOM   122  C CA  . GLN A 1 18 ? -6.628  -13.046 8.822   1.00 44.46  ? 716 GLN A CA  1 
ATOM   123  C C   . GLN A 1 18 ? -6.837  -11.833 7.946   1.00 43.36  ? 716 GLN A C   1 
ATOM   124  O O   . GLN A 1 18 ? -7.716  -11.014 8.187   1.00 47.18  ? 716 GLN A O   1 
ATOM   125  C CB  . GLN A 1 18 ? -5.501  -12.743 9.820   1.00 45.04  ? 716 GLN A CB  1 
ATOM   126  C CG  . GLN A 1 18 ? -5.061  -13.884 10.754  1.00 53.13  ? 716 GLN A CG  1 
ATOM   127  C CD  . GLN A 1 18 ? -3.769  -13.556 11.541  1.00 59.70  ? 716 GLN A CD  1 
ATOM   128  O OE1 . GLN A 1 18 ? -2.935  -12.766 11.092  1.00 64.36  ? 716 GLN A OE1 1 
ATOM   129  N NE2 . GLN A 1 18 ? -3.614  -14.162 12.719  1.00 55.60  ? 716 GLN A NE2 1 
ATOM   130  N N   . LEU A 1 19 ? -6.004  -11.719 6.923   1.00 42.59  ? 717 LEU A N   1 
ATOM   131  C CA  . LEU A 1 19 ? -6.061  -10.575 6.029   1.00 43.36  ? 717 LEU A CA  1 
ATOM   132  C C   . LEU A 1 19 ? -7.365  -10.532 5.226   1.00 45.26  ? 717 LEU A C   1 
ATOM   133  O O   . LEU A 1 19 ? -7.944  -9.467  5.026   1.00 48.86  ? 717 LEU A O   1 
ATOM   134  C CB  . LEU A 1 19 ? -4.850  -10.600 5.106   1.00 47.59  ? 717 LEU A CB  1 
ATOM   135  C CG  . LEU A 1 19 ? -4.831  -9.714  3.867   1.00 49.94  ? 717 LEU A CG  1 
ATOM   136  C CD1 . LEU A 1 19 ? -4.608  -8.274  4.244   1.00 54.23  ? 717 LEU A CD1 1 
ATOM   137  C CD2 . LEU A 1 19 ? -3.693  -10.180 3.031   1.00 51.62  ? 717 LEU A CD2 1 
ATOM   138  N N   . GLU A 1 20 ? -7.820  -11.693 4.766   1.00 45.23  ? 718 GLU A N   1 
ATOM   139  C CA  . GLU A 1 20 ? -9.105  -11.811 4.100   1.00 45.33  ? 718 GLU A CA  1 
ATOM   140  C C   . GLU A 1 20 ? -10.229 -11.409 5.023   1.00 47.22  ? 718 GLU A C   1 
ATOM   141  O O   . GLU A 1 20 ? -11.182 -10.748 4.610   1.00 48.34  ? 718 GLU A O   1 
ATOM   142  C CB  . GLU A 1 20 ? -9.343  -13.246 3.700   1.00 42.43  ? 718 GLU A CB  1 
ATOM   143  C CG  . GLU A 1 20 ? -9.037  -13.504 2.280   1.00 47.93  ? 718 GLU A CG  1 
ATOM   144  C CD  . GLU A 1 20 ? -9.290  -14.935 1.923   1.00 56.05  ? 718 GLU A CD  1 
ATOM   145  O OE1 . GLU A 1 20 ? -9.630  -15.726 2.834   1.00 56.64  ? 718 GLU A OE1 1 
ATOM   146  O OE2 . GLU A 1 20 ? -9.147  -15.269 0.732   1.00 59.68  ? 718 GLU A OE2 1 
ATOM   147  N N   . THR A 1 21 ? -10.121 -11.841 6.275   1.00 44.94  ? 719 THR A N   1 
ATOM   148  C CA  . THR A 1 21 ? -11.133 -11.536 7.275   1.00 46.16  ? 719 THR A CA  1 
ATOM   149  C C   . THR A 1 21 ? -11.249 -10.026 7.524   1.00 49.70  ? 719 THR A C   1 
ATOM   150  O O   . THR A 1 21 ? -12.311 -9.424  7.297   1.00 54.46  ? 719 THR A O   1 
ATOM   151  C CB  . THR A 1 21 ? -10.835 -12.288 8.586   1.00 52.18  ? 719 THR A CB  1 
ATOM   152  O OG1 . THR A 1 21 ? -10.601 -13.683 8.301   1.00 49.77  ? 719 THR A OG1 1 
ATOM   153  C CG2 . THR A 1 21 ? -12.002 -12.154 9.546   1.00 49.66  ? 719 THR A CG2 1 
ATOM   154  N N   . VAL A 1 22 ? -10.147 -9.406  7.941   1.00 45.02  ? 720 VAL A N   1 
ATOM   155  C CA  . VAL A 1 22 ? -10.082 -7.947  8.039   1.00 45.19  ? 720 VAL A CA  1 
ATOM   156  C C   . VAL A 1 22 ? -10.638 -7.235  6.783   1.00 47.65  ? 720 VAL A C   1 
ATOM   157  O O   . VAL A 1 22 ? -11.422 -6.290  6.883   1.00 49.62  ? 720 VAL A O   1 
ATOM   158  C CB  . VAL A 1 22 ? -8.627  -7.484  8.287   1.00 52.03  ? 720 VAL A CB  1 
ATOM   159  C CG1 . VAL A 1 22 ? -8.506  -5.975  8.148   1.00 52.47  ? 720 VAL A CG1 1 
ATOM   160  C CG2 . VAL A 1 22 ? -8.117  -7.961  9.649   1.00 45.33  ? 720 VAL A CG2 1 
ATOM   161  N N   . LEU A 1 23 ? -10.236 -7.697  5.599   1.00 49.93  ? 721 LEU A N   1 
ATOM   162  C CA  . LEU A 1 23 ? -10.743 -7.158  4.330   1.00 45.18  ? 721 LEU A CA  1 
ATOM   163  C C   . LEU A 1 23 ? -12.274 -7.186  4.212   1.00 49.63  ? 721 LEU A C   1 
ATOM   164  O O   . LEU A 1 23 ? -12.903 -6.191  3.824   1.00 52.11  ? 721 LEU A O   1 
ATOM   165  C CB  . LEU A 1 23 ? -10.126 -7.919  3.170   1.00 43.89  ? 721 LEU A CB  1 
ATOM   166  C CG  . LEU A 1 23 ? -10.488 -7.400  1.778   1.00 51.28  ? 721 LEU A CG  1 
ATOM   167  C CD1 . LEU A 1 23 ? -10.140 -5.926  1.632   1.00 46.06  ? 721 LEU A CD1 1 
ATOM   168  C CD2 . LEU A 1 23 ? -9.773  -8.227  0.723   1.00 48.00  ? 721 LEU A CD2 1 
ATOM   169  N N   . GLU A 1 24 ? -12.861 -8.338  4.534   1.00 50.80  ? 722 GLU A N   1 
ATOM   170  C CA  . GLU A 1 24 ? -14.312 -8.501  4.612   1.00 51.72  ? 722 GLU A CA  1 
ATOM   171  C C   . GLU A 1 24 ? -14.868 -7.398  5.502   1.00 50.70  ? 722 GLU A C   1 
ATOM   172  O O   . GLU A 1 24 ? -15.765 -6.642  5.103   1.00 52.37  ? 722 GLU A O   1 
ATOM   173  C CB  . GLU A 1 24 ? -14.623 -9.895  5.177   1.00 55.53  ? 722 GLU A CB  1 
ATOM   174  C CG  . GLU A 1 24 ? -16.085 -10.246 5.476   1.00 60.54  ? 722 GLU A CG  1 
ATOM   175  C CD  . GLU A 1 24 ? -16.288 -11.761 5.739   1.00 73.24  ? 722 GLU A CD  1 
ATOM   176  O OE1 . GLU A 1 24 ? -15.271 -12.526 5.778   1.00 58.60  ? 722 GLU A OE1 1 
ATOM   177  O OE2 . GLU A 1 24 ? -17.467 -12.187 5.890   1.00 66.55  ? 722 GLU A OE2 1 
ATOM   178  N N   . GLY A 1 25 ? -14.286 -7.278  6.690   1.00 47.72  ? 723 GLY A N   1 
ATOM   179  C CA  . GLY A 1 25 ? -14.671 -6.239  7.637   1.00 51.37  ? 723 GLY A CA  1 
ATOM   180  C C   . GLY A 1 25 ? -14.673 -4.812  7.103   1.00 56.67  ? 723 GLY A C   1 
ATOM   181  O O   . GLY A 1 25 ? -15.647 -4.080  7.302   1.00 58.31  ? 723 GLY A O   1 
ATOM   182  N N   . VAL A 1 26 ? -13.597 -4.406  6.428   1.00 55.84  ? 724 VAL A N   1 
ATOM   183  C CA  . VAL A 1 26 ? -13.528 -3.052  5.884   1.00 52.40  ? 724 VAL A CA  1 
ATOM   184  C C   . VAL A 1 26 ? -14.490 -2.833  4.723   1.00 55.00  ? 724 VAL A C   1 
ATOM   185  O O   . VAL A 1 26 ? -15.087 -1.771  4.624   1.00 64.29  ? 724 VAL A O   1 
ATOM   186  C CB  . VAL A 1 26 ? -12.103 -2.631  5.466   1.00 56.71  ? 724 VAL A CB  1 
ATOM   187  C CG1 . VAL A 1 26 ? -11.086 -3.047  6.522   1.00 56.78  ? 724 VAL A CG1 1 
ATOM   188  C CG2 . VAL A 1 26 ? -11.743 -3.191  4.114   1.00 52.48  ? 724 VAL A CG2 1 
ATOM   189  N N   . VAL A 1 27 ? -14.657 -3.820  3.849   1.00 52.11  ? 725 VAL A N   1 
ATOM   190  C CA  . VAL A 1 27 ? -15.666 -3.691  2.793   1.00 58.60  ? 725 VAL A CA  1 
ATOM   191  C C   . VAL A 1 27 ? -17.034 -3.430  3.421   1.00 62.62  ? 725 VAL A C   1 
ATOM   192  O O   . VAL A 1 27 ? -17.827 -2.608  2.944   1.00 63.68  ? 725 VAL A O   1 
ATOM   193  C CB  . VAL A 1 27 ? -15.750 -4.953  1.932   1.00 57.87  ? 725 VAL A CB  1 
ATOM   194  C CG1 . VAL A 1 27 ? -16.979 -4.901  1.046   1.00 49.33  ? 725 VAL A CG1 1 
ATOM   195  C CG2 . VAL A 1 27 ? -14.482 -5.109  1.105   1.00 53.52  ? 725 VAL A CG2 1 
ATOM   196  N N   . SER A 1 28 ? -17.294 -4.147  4.506   1.00 60.87  ? 726 SER A N   1 
ATOM   197  C CA  . SER A 1 28 ? -18.476 -3.919  5.310   1.00 58.07  ? 726 SER A CA  1 
ATOM   198  C C   . SER A 1 28 ? -18.556 -2.450  5.773   1.00 64.23  ? 726 SER A C   1 
ATOM   199  O O   . SER A 1 28 ? -19.455 -1.710  5.347   1.00 67.13  ? 726 SER A O   1 
ATOM   200  C CB  . SER A 1 28 ? -18.456 -4.880  6.504   1.00 61.60  ? 726 SER A CB  1 
ATOM   201  O OG  . SER A 1 28 ? -19.673 -4.875  7.232   1.00 78.31  ? 726 SER A OG  1 
ATOM   202  N N   . GLN A 1 29 ? -17.622 -2.030  6.630   1.00 59.45  ? 727 GLN A N   1 
ATOM   203  C CA  . GLN A 1 29 ? -17.688 -0.698  7.248   1.00 63.59  ? 727 GLN A CA  1 
ATOM   204  C C   . GLN A 1 29 ? -17.745 0.447   6.234   1.00 71.09  ? 727 GLN A C   1 
ATOM   205  O O   . GLN A 1 29 ? -18.425 1.461   6.456   1.00 64.38  ? 727 GLN A O   1 
ATOM   206  C CB  . GLN A 1 29 ? -16.523 -0.477  8.214   1.00 58.24  ? 727 GLN A CB  1 
ATOM   207  C CG  . GLN A 1 29 ? -16.500 0.904   8.896   1.00 61.76  ? 727 GLN A CG  1 
ATOM   208  C CD  . GLN A 1 29 ? -17.594 1.092   9.963   1.00 64.71  ? 727 GLN A CD  1 
ATOM   209  O OE1 . GLN A 1 29 ? -18.730 0.639   9.794   1.00 62.65  ? 727 GLN A OE1 1 
ATOM   210  N NE2 . GLN A 1 29 ? -17.247 1.769   11.063  1.00 59.97  ? 727 GLN A NE2 1 
ATOM   211  N N   . ILE A 1 30 ? -17.025 0.283   5.128   1.00 68.38  ? 728 ILE A N   1 
ATOM   212  C CA  . ILE A 1 30 ? -17.085 1.248   4.041   1.00 68.97  ? 728 ILE A CA  1 
ATOM   213  C C   . ILE A 1 30 ? -18.473 1.275   3.423   1.00 69.27  ? 728 ILE A C   1 
ATOM   214  O O   . ILE A 1 30 ? -19.078 2.337   3.306   1.00 75.18  ? 728 ILE A O   1 
ATOM   215  C CB  . ILE A 1 30 ? -16.074 0.933   2.931   1.00 63.63  ? 728 ILE A CB  1 
ATOM   216  C CG1 . ILE A 1 30 ? -14.671 1.357   3.347   1.00 62.51  ? 728 ILE A CG1 1 
ATOM   217  C CG2 . ILE A 1 30 ? -16.455 1.658   1.655   1.00 61.83  ? 728 ILE A CG2 1 
ATOM   218  C CD1 . ILE A 1 30 ? -13.627 0.962   2.329   1.00 60.42  ? 728 ILE A CD1 1 
ATOM   219  N N   . ASP A 1 31 ? -18.967 0.108   3.021   1.00 63.64  ? 729 ASP A N   1 
ATOM   220  C CA  . ASP A 1 31 ? -20.242 0.040   2.326   1.00 61.80  ? 729 ASP A CA  1 
ATOM   221  C C   . ASP A 1 31 ? -21.325 0.700   3.171   1.00 72.18  ? 729 ASP A C   1 
ATOM   222  O O   . ASP A 1 31 ? -22.191 1.407   2.651   1.00 74.31  ? 729 ASP A O   1 
ATOM   223  C CB  . ASP A 1 31 ? -20.597 -1.400  2.004   1.00 62.78  ? 729 ASP A CB  1 
ATOM   224  N N   . ALA A 1 32 ? -21.258 0.480   4.481   1.00 70.37  ? 730 ALA A N   1 
ATOM   225  C CA  . ALA A 1 32 ? -22.207 1.093   5.401   1.00 73.88  ? 730 ALA A CA  1 
ATOM   226  C C   . ALA A 1 32 ? -21.982 2.604   5.514   1.00 85.07  ? 730 ALA A C   1 
ATOM   227  O O   . ALA A 1 32 ? -22.941 3.382   5.527   1.00 90.29  ? 730 ALA A O   1 
ATOM   228  C CB  . ALA A 1 32 ? -22.135 0.425   6.782   1.00 68.15  ? 730 ALA A CB  1 
ATOM   229  N N   . VAL A 1 33 ? -20.716 3.013   5.591   1.00 83.49  ? 731 VAL A N   1 
ATOM   230  C CA  . VAL A 1 33 ? -20.377 4.423   5.745   1.00 78.78  ? 731 VAL A CA  1 
ATOM   231  C C   . VAL A 1 33 ? -21.031 5.322   4.687   1.00 85.11  ? 731 VAL A C   1 
ATOM   232  O O   . VAL A 1 33 ? -21.448 6.434   5.013   1.00 92.64  ? 731 VAL A O   1 
ATOM   233  C CB  . VAL A 1 33 ? -18.853 4.645   5.803   1.00 80.33  ? 731 VAL A CB  1 
ATOM   234  C CG1 . VAL A 1 33 ? -18.465 5.847   4.973   1.00 86.02  ? 731 VAL A CG1 1 
ATOM   235  C CG2 . VAL A 1 33 ? -18.401 4.826   7.238   1.00 69.02  ? 731 VAL A CG2 1 
ATOM   236  N N   . GLY A 1 34 ? -21.176 4.836   3.454   1.00 74.88  ? 732 GLY A N   1 
ATOM   237  C CA  . GLY A 1 34 ? -21.878 5.620   2.453   1.00 82.36  ? 732 GLY A CA  1 
ATOM   238  C C   . GLY A 1 34 ? -23.247 6.022   2.987   1.00 94.40  ? 732 GLY A C   1 
ATOM   239  O O   . GLY A 1 34 ? -24.118 5.169   3.253   1.00 89.65  ? 732 GLY A O   1 
ATOM   240  N N   . SER A 1 35 ? -23.442 7.342   3.066   1.00 97.44  ? 733 SER A N   1 
ATOM   241  C CA  . SER A 1 35 ? -24.442 7.960   3.940   1.00 94.14  ? 733 SER A CA  1 
ATOM   242  C C   . SER A 1 35 ? -25.136 6.930   4.825   1.00 89.86  ? 733 SER A C   1 
ATOM   243  O O   . SER A 1 35 ? -24.577 6.503   5.837   1.00 87.98  ? 733 SER A O   1 
ATOM   244  C CB  . SER A 1 35 ? -25.448 8.805   3.148   1.00 95.34  ? 733 SER A CB  1 
ATOM   245  O OG  . SER A 1 35 ? -25.970 8.103   2.034   1.00 95.29  ? 733 SER A OG  1 
ATOM   246  N N   . TRP B 1 3  ? 9.400   -30.344 -5.279  1.00 77.99  ? 701 TRP B N   1 
ATOM   247  C CA  . TRP B 1 3  ? 9.333   -28.888 -5.396  1.00 77.52  ? 701 TRP B CA  1 
ATOM   248  C C   . TRP B 1 3  ? 9.827   -28.210 -4.118  1.00 80.95  ? 701 TRP B C   1 
ATOM   249  O O   . TRP B 1 3  ? 10.046  -28.879 -3.102  1.00 84.14  ? 701 TRP B O   1 
ATOM   250  C CB  . TRP B 1 3  ? 7.912   -28.443 -5.731  1.00 71.87  ? 701 TRP B CB  1 
ATOM   251  N N   . VAL B 1 4  ? 10.001  -26.891 -4.171  1.00 69.37  ? 702 VAL B N   1 
ATOM   252  C CA  . VAL B 1 4  ? 10.525  -26.142 -3.027  1.00 80.32  ? 702 VAL B CA  1 
ATOM   253  C C   . VAL B 1 4  ? 10.305  -24.631 -3.189  1.00 80.81  ? 702 VAL B C   1 
ATOM   254  O O   . VAL B 1 4  ? 9.581   -24.210 -4.088  1.00 85.11  ? 702 VAL B O   1 
ATOM   255  C CB  . VAL B 1 4  ? 12.003  -26.456 -2.834  1.00 86.68  ? 702 VAL B CB  1 
ATOM   256  N N   . SER B 1 5  ? 10.863  -23.812 -2.296  1.00 72.50  ? 703 SER B N   1 
ATOM   257  C CA  . SER B 1 5  ? 10.789  -22.355 -2.505  1.00 80.65  ? 703 SER B CA  1 
ATOM   258  C C   . SER B 1 5  ? 12.070  -21.535 -2.301  1.00 72.68  ? 703 SER B C   1 
ATOM   259  O O   . SER B 1 5  ? 12.718  -21.134 -3.283  1.00 71.61  ? 703 SER B O   1 
ATOM   260  C CB  . SER B 1 5  ? 9.636   -21.751 -1.673  1.00 81.44  ? 703 SER B CB  1 
ATOM   261  N N   . GLY B 1 6  ? 12.456  -21.347 -1.033  1.00 68.52  ? 704 GLY B N   1 
ATOM   262  C CA  . GLY B 1 6  ? 13.542  -20.441 -0.692  1.00 71.07  ? 704 GLY B CA  1 
ATOM   263  C C   . GLY B 1 6  ? 13.220  -18.968 -0.886  1.00 64.52  ? 704 GLY B C   1 
ATOM   264  O O   . GLY B 1 6  ? 12.470  -18.373 -0.106  1.00 59.94  ? 704 GLY B O   1 
ATOM   265  N N   . GLU B 1 7  ? 13.914  -18.358 -1.850  1.00 64.55  ? 705 GLU B N   1 
ATOM   266  C CA  . GLU B 1 7  ? 13.636  -16.993 -2.308  1.00 61.96  ? 705 GLU B CA  1 
ATOM   267  C C   . GLU B 1 7  ? 12.164  -16.739 -2.661  1.00 63.16  ? 705 GLU B C   1 
ATOM   268  O O   . GLU B 1 7  ? 11.606  -15.697 -2.300  1.00 64.27  ? 705 GLU B O   1 
ATOM   269  C CB  . GLU B 1 7  ? 14.537  -16.634 -3.499  1.00 58.69  ? 705 GLU B CB  1 
ATOM   270  N N   . GLU B 1 8  ? 11.534  -17.677 -3.369  1.00 63.59  ? 706 GLU B N   1 
ATOM   271  C CA  . GLU B 1 8  ? 10.154  -17.485 -3.834  1.00 62.35  ? 706 GLU B CA  1 
ATOM   272  C C   . GLU B 1 8  ? 9.197   -17.198 -2.669  1.00 56.43  ? 706 GLU B C   1 
ATOM   273  O O   . GLU B 1 8  ? 8.302   -16.344 -2.766  1.00 56.16  ? 706 GLU B O   1 
ATOM   274  C CB  . GLU B 1 8  ? 9.664   -18.700 -4.631  1.00 62.37  ? 706 GLU B CB  1 
ATOM   275  C CG  . GLU B 1 8  ? 10.762  -19.534 -5.268  1.00 65.61  ? 706 GLU B CG  1 
ATOM   276  C CD  . GLU B 1 8  ? 10.212  -20.720 -6.043  1.00 65.02  ? 706 GLU B CD  1 
ATOM   277  O OE1 . GLU B 1 8  ? 9.336   -20.513 -6.905  1.00 63.81  ? 706 GLU B OE1 1 
ATOM   278  O OE2 . GLU B 1 8  ? 10.647  -21.860 -5.786  1.00 66.90  ? 706 GLU B OE2 1 
ATOM   279  N N   . PHE B 1 9  ? 9.409   -17.920 -1.572  1.00 56.31  ? 707 PHE B N   1 
ATOM   280  C CA  . PHE B 1 9  ? 8.650   -17.737 -0.354  1.00 51.41  ? 707 PHE B CA  1 
ATOM   281  C C   . PHE B 1 9  ? 8.874   -16.348 0.217   1.00 54.91  ? 707 PHE B C   1 
ATOM   282  O O   . PHE B 1 9  ? 7.941   -15.695 0.638   1.00 56.19  ? 707 PHE B O   1 
ATOM   283  C CB  . PHE B 1 9  ? 9.027   -18.787 0.676   1.00 52.34  ? 707 PHE B CB  1 
ATOM   284  C CG  . PHE B 1 9  ? 8.169   -18.751 1.914   1.00 60.60  ? 707 PHE B CG  1 
ATOM   285  C CD1 . PHE B 1 9  ? 6.825   -19.117 1.858   1.00 60.35  ? 707 PHE B CD1 1 
ATOM   286  C CD2 . PHE B 1 9  ? 8.698   -18.359 3.132   1.00 57.14  ? 707 PHE B CD2 1 
ATOM   287  C CE1 . PHE B 1 9  ? 6.028   -19.090 2.989   1.00 57.85  ? 707 PHE B CE1 1 
ATOM   288  C CE2 . PHE B 1 9  ? 7.905   -18.326 4.269   1.00 60.98  ? 707 PHE B CE2 1 
ATOM   289  C CZ  . PHE B 1 9  ? 6.569   -18.693 4.198   1.00 61.49  ? 707 PHE B CZ  1 
ATOM   290  N N   . TYR B 1 10 ? 10.115  -15.889 0.233   1.00 60.13  ? 708 TYR B N   1 
ATOM   291  C CA  . TYR B 1 10 ? 10.386  -14.524 0.663   1.00 57.96  ? 708 TYR B CA  1 
ATOM   292  C C   . TYR B 1 10 ? 9.560   -13.539 -0.174  1.00 54.65  ? 708 TYR B C   1 
ATOM   293  O O   . TYR B 1 10 ? 8.874   -12.674 0.370   1.00 56.69  ? 708 TYR B O   1 
ATOM   294  C CB  . TYR B 1 10 ? 11.899  -14.215 0.580   1.00 61.45  ? 708 TYR B CB  1 
ATOM   295  C CG  . TYR B 1 10 ? 12.276  -12.800 0.994   1.00 69.50  ? 708 TYR B CG  1 
ATOM   296  C CD1 . TYR B 1 10 ? 12.437  -12.462 2.341   1.00 65.87  ? 708 TYR B CD1 1 
ATOM   297  C CD2 . TYR B 1 10 ? 12.459  -11.794 0.037   1.00 66.43  ? 708 TYR B CD2 1 
ATOM   298  C CE1 . TYR B 1 10 ? 12.772  -11.157 2.727   1.00 67.41  ? 708 TYR B CE1 1 
ATOM   299  C CE2 . TYR B 1 10 ? 12.792  -10.486 0.415   1.00 69.81  ? 708 TYR B CE2 1 
ATOM   300  C CZ  . TYR B 1 10 ? 12.948  -10.176 1.760   1.00 74.37  ? 708 TYR B CZ  1 
ATOM   301  O OH  . TYR B 1 10 ? 13.279  -8.886  2.132   1.00 79.57  ? 708 TYR B OH  1 
ATOM   302  N N   . MET B 1 11 ? 9.621   -13.673 -1.494  1.00 51.19  ? 709 MET B N   1 
ATOM   303  C CA  . MET B 1 11 ? 8.910   -12.752 -2.375  1.00 49.15  ? 709 MET B CA  1 
ATOM   304  C C   . MET B 1 11 ? 7.425   -12.724 -2.047  1.00 50.36  ? 709 MET B C   1 
ATOM   305  O O   . MET B 1 11 ? 6.809   -11.651 -1.941  1.00 52.39  ? 709 MET B O   1 
ATOM   306  C CB  . MET B 1 11 ? 9.124   -13.137 -3.830  1.00 51.34  ? 709 MET B CB  1 
ATOM   307  N N   . LEU B 1 12 ? 6.838   -13.907 -1.878  1.00 52.56  ? 710 LEU B N   1 
ATOM   308  C CA  . LEU B 1 12 ? 5.428   -13.967 -1.495  1.00 47.20  ? 710 LEU B CA  1 
ATOM   309  C C   . LEU B 1 12 ? 5.164   -13.295 -0.143  1.00 47.54  ? 710 LEU B C   1 
ATOM   310  O O   . LEU B 1 12 ? 4.235   -12.491 -0.026  1.00 48.79  ? 710 LEU B O   1 
ATOM   311  C CB  . LEU B 1 12 ? 4.901   -15.397 -1.503  1.00 41.52  ? 710 LEU B CB  1 
ATOM   312  C CG  . LEU B 1 12 ? 3.372   -15.526 -1.461  1.00 40.46  ? 710 LEU B CG  1 
ATOM   313  C CD1 . LEU B 1 12 ? 2.670   -14.735 -2.575  1.00 36.97  ? 710 LEU B CD1 1 
ATOM   314  C CD2 . LEU B 1 12 ? 2.947   -16.982 -1.495  1.00 37.56  ? 710 LEU B CD2 1 
ATOM   315  N N   . THR B 1 13 ? 5.975   -13.604 0.869   1.00 44.96  ? 711 THR B N   1 
ATOM   316  C CA  . THR B 1 13 ? 5.789   -12.967 2.172   1.00 48.72  ? 711 THR B CA  1 
ATOM   317  C C   . THR B 1 13 ? 5.856   -11.453 2.085   1.00 49.47  ? 711 THR B C   1 
ATOM   318  O O   . THR B 1 13 ? 5.111   -10.793 2.775   1.00 51.30  ? 711 THR B O   1 
ATOM   319  C CB  . THR B 1 13 ? 6.782   -13.422 3.243   1.00 48.30  ? 711 THR B CB  1 
ATOM   320  O OG1 . THR B 1 13 ? 8.108   -13.065 2.841   1.00 60.75  ? 711 THR B OG1 1 
ATOM   321  C CG2 . THR B 1 13 ? 6.684   -14.928 3.489   1.00 48.45  ? 711 THR B CG2 1 
ATOM   322  N N   . ARG B 1 14 ? 6.734   -10.905 1.247   1.00 48.93  ? 712 ARG B N   1 
ATOM   323  C CA  . ARG B 1 14 ? 6.816   -9.449  1.103   1.00 50.64  ? 712 ARG B CA  1 
ATOM   324  C C   . ARG B 1 14 ? 5.555   -8.899  0.450   1.00 46.45  ? 712 ARG B C   1 
ATOM   325  O O   . ARG B 1 14 ? 5.099   -7.790  0.780   1.00 48.24  ? 712 ARG B O   1 
ATOM   326  C CB  . ARG B 1 14 ? 8.063   -9.018  0.294   1.00 59.01  ? 712 ARG B CB  1 
ATOM   327  C CG  . ARG B 1 14 ? 9.382   -8.833  1.094   1.00 67.67  ? 712 ARG B CG  1 
ATOM   328  C CD  . ARG B 1 14 ? 9.268   -7.901  2.339   1.00 65.91  ? 712 ARG B CD  1 
ATOM   329  N NE  . ARG B 1 14 ? 9.408   -6.455  2.087   1.00 66.98  ? 712 ARG B NE  1 
ATOM   330  C CZ  . ARG B 1 14 ? 8.380   -5.619  1.888   1.00 68.50  ? 712 ARG B CZ  1 
ATOM   331  N NH1 . ARG B 1 14 ? 7.136   -6.085  1.883   1.00 65.75  ? 712 ARG B NH1 1 
ATOM   332  N NH2 . ARG B 1 14 ? 8.581   -4.317  1.690   1.00 58.33  ? 712 ARG B NH2 1 
ATOM   333  N N   . ARG B 1 15 ? 4.992   -9.658  -0.487  1.00 45.95  ? 713 ARG B N   1 
ATOM   334  C CA  . ARG B 1 15 ? 3.720   -9.236  -1.089  1.00 51.65  ? 713 ARG B CA  1 
ATOM   335  C C   . ARG B 1 15 ? 2.561   -9.225  -0.057  1.00 49.16  ? 713 ARG B C   1 
ATOM   336  O O   . ARG B 1 15 ? 1.744   -8.289  -0.010  1.00 47.31  ? 713 ARG B O   1 
ATOM   337  C CB  . ARG B 1 15 ? 3.381   -10.104 -2.303  1.00 55.56  ? 713 ARG B CB  1 
ATOM   338  C CG  . ARG B 1 15 ? 2.968   -9.309  -3.536  1.00 62.43  ? 713 ARG B CG  1 
ATOM   339  C CD  . ARG B 1 15 ? 2.705   -10.222 -4.732  1.00 71.33  ? 713 ARG B CD  1 
ATOM   340  N NE  . ARG B 1 15 ? 3.555   -9.901  -5.878  1.00 82.67  ? 713 ARG B NE  1 
ATOM   341  C CZ  . ARG B 1 15 ? 3.433   -8.804  -6.624  1.00 82.22  ? 713 ARG B CZ  1 
ATOM   342  N NH1 . ARG B 1 15 ? 2.501   -7.902  -6.351  1.00 75.39  ? 713 ARG B NH1 1 
ATOM   343  N NH2 . ARG B 1 15 ? 4.253   -8.605  -7.649  1.00 90.31  ? 713 ARG B NH2 1 
ATOM   344  N N   . VAL B 1 16 ? 2.509   -10.260 0.776   1.00 44.25  ? 714 VAL B N   1 
ATOM   345  C CA  . VAL B 1 16 ? 1.533   -10.314 1.856   1.00 46.42  ? 714 VAL B CA  1 
ATOM   346  C C   . VAL B 1 16 ? 1.740   -9.186  2.886   1.00 46.97  ? 714 VAL B C   1 
ATOM   347  O O   . VAL B 1 16 ? 0.778   -8.564  3.368   1.00 40.75  ? 714 VAL B O   1 
ATOM   348  C CB  . VAL B 1 16 ? 1.547   -11.692 2.541   1.00 43.95  ? 714 VAL B CB  1 
ATOM   349  C CG1 . VAL B 1 16 ? 0.622   -11.699 3.760   1.00 42.79  ? 714 VAL B CG1 1 
ATOM   350  C CG2 . VAL B 1 16 ? 1.138   -12.764 1.544   1.00 41.73  ? 714 VAL B CG2 1 
ATOM   351  N N   . LEU B 1 17 ? 2.997   -8.918  3.211   1.00 42.44  ? 715 LEU B N   1 
ATOM   352  C CA  . LEU B 1 17 ? 3.322   -7.856  4.143   1.00 46.73  ? 715 LEU B CA  1 
ATOM   353  C C   . LEU B 1 17 ? 2.827   -6.519  3.596   1.00 49.03  ? 715 LEU B C   1 
ATOM   354  O O   . LEU B 1 17 ? 2.266   -5.700  4.341   1.00 50.81  ? 715 LEU B O   1 
ATOM   355  C CB  . LEU B 1 17 ? 4.820   -7.835  4.423   1.00 46.79  ? 715 LEU B CB  1 
ATOM   356  C CG  . LEU B 1 17 ? 5.379   -6.768  5.364   1.00 56.16  ? 715 LEU B CG  1 
ATOM   357  C CD1 . LEU B 1 17 ? 4.613   -6.704  6.662   1.00 48.39  ? 715 LEU B CD1 1 
ATOM   358  C CD2 . LEU B 1 17 ? 6.852   -7.038  5.644   1.00 55.81  ? 715 LEU B CD2 1 
ATOM   359  N N   . GLN B 1 18 ? 2.988   -6.320  2.285   1.00 50.28  ? 716 GLN B N   1 
ATOM   360  C CA  . GLN B 1 18 ? 2.511   -5.088  1.643   1.00 49.00  ? 716 GLN B CA  1 
ATOM   361  C C   . GLN B 1 18 ? 0.974   -4.979  1.616   1.00 48.14  ? 716 GLN B C   1 
ATOM   362  O O   . GLN B 1 18 ? 0.423   -3.901  1.828   1.00 50.69  ? 716 GLN B O   1 
ATOM   363  C CB  . GLN B 1 18 ? 3.098   -4.949  0.235   1.00 52.48  ? 716 GLN B CB  1 
ATOM   364  C CG  . GLN B 1 18 ? 3.670   -3.560  -0.091  1.00 61.52  ? 716 GLN B CG  1 
ATOM   365  C CD  . GLN B 1 18 ? 5.094   -3.309  0.460   1.00 71.35  ? 716 GLN B CD  1 
ATOM   366  O OE1 . GLN B 1 18 ? 5.621   -4.075  1.286   1.00 64.59  ? 716 GLN B OE1 1 
ATOM   367  N NE2 . GLN B 1 18 ? 5.718   -2.224  -0.010  1.00 66.82  ? 716 GLN B NE2 1 
ATOM   368  N N   . LEU B 1 19 ? 0.277   -6.086  1.361   1.00 48.62  ? 717 LEU B N   1 
ATOM   369  C CA  . LEU B 1 19 ? -1.187  -6.081  1.485   1.00 46.14  ? 717 LEU B CA  1 
ATOM   370  C C   . LEU B 1 19 ? -1.621  -5.756  2.916   1.00 44.92  ? 717 LEU B C   1 
ATOM   371  O O   . LEU B 1 19 ? -2.595  -5.058  3.136   1.00 42.52  ? 717 LEU B O   1 
ATOM   372  C CB  . LEU B 1 19 ? -1.778  -7.441  1.084   1.00 47.43  ? 717 LEU B CB  1 
ATOM   373  C CG  . LEU B 1 19 ? -1.738  -7.872  -0.388  1.00 50.39  ? 717 LEU B CG  1 
ATOM   374  C CD1 . LEU B 1 19 ? -1.903  -9.376  -0.512  1.00 50.57  ? 717 LEU B CD1 1 
ATOM   375  C CD2 . LEU B 1 19 ? -2.816  -7.183  -1.176  1.00 52.35  ? 717 LEU B CD2 1 
ATOM   376  N N   . GLU B 1 20 ? -0.900  -6.304  3.886   1.00 46.58  ? 718 GLU B N   1 
ATOM   377  C CA  . GLU B 1 20 ? -1.213  -6.088  5.294   1.00 46.13  ? 718 GLU B CA  1 
ATOM   378  C C   . GLU B 1 20 ? -1.122  -4.611  5.620   1.00 46.03  ? 718 GLU B C   1 
ATOM   379  O O   . GLU B 1 20 ? -2.016  -4.056  6.258   1.00 44.63  ? 718 GLU B O   1 
ATOM   380  C CB  . GLU B 1 20 ? -0.257  -6.882  6.199   1.00 44.05  ? 718 GLU B CB  1 
ATOM   381  C CG  . GLU B 1 20 ? -0.608  -8.361  6.366   1.00 42.09  ? 718 GLU B CG  1 
ATOM   382  C CD  . GLU B 1 20 ? 0.514   -9.172  7.014   1.00 53.13  ? 718 GLU B CD  1 
ATOM   383  O OE1 . GLU B 1 20 ? 1.672   -8.710  6.986   1.00 58.08  ? 718 GLU B OE1 1 
ATOM   384  O OE2 . GLU B 1 20 ? 0.252   -10.268 7.556   1.00 53.27  ? 718 GLU B OE2 1 
ATOM   385  N N   . THR B 1 21 ? -0.043  -3.978  5.155   1.00 46.04  ? 719 THR B N   1 
ATOM   386  C CA  . THR B 1 21 ? 0.166   -2.552  5.388   1.00 42.41  ? 719 THR B CA  1 
ATOM   387  C C   . THR B 1 21 ? -0.854  -1.666  4.681   1.00 43.08  ? 719 THR B C   1 
ATOM   388  O O   . THR B 1 21 ? -1.381  -0.713  5.262   1.00 50.00  ? 719 THR B O   1 
ATOM   389  C CB  . THR B 1 21 ? 1.573   -2.136  4.992   1.00 40.67  ? 719 THR B CB  1 
ATOM   390  O OG1 . THR B 1 21 ? 2.511   -2.926  5.730   1.00 40.40  ? 719 THR B OG1 1 
ATOM   391  C CG2 . THR B 1 21 ? 1.797   -0.685  5.315   1.00 40.16  ? 719 THR B CG2 1 
ATOM   392  N N   . VAL B 1 22 ? -1.150  -1.967  3.429   1.00 42.83  ? 720 VAL B N   1 
ATOM   393  C CA  . VAL B 1 22 ? -2.161  -1.185  2.729   1.00 45.17  ? 720 VAL B CA  1 
ATOM   394  C C   . VAL B 1 22 ? -3.467  -1.304  3.489   1.00 45.78  ? 720 VAL B C   1 
ATOM   395  O O   . VAL B 1 22 ? -4.128  -0.311  3.796   1.00 49.75  ? 720 VAL B O   1 
ATOM   396  C CB  . VAL B 1 22 ? -2.347  -1.672  1.270   1.00 48.59  ? 720 VAL B CB  1 
ATOM   397  C CG1 . VAL B 1 22 ? -3.499  -0.939  0.588   1.00 50.16  ? 720 VAL B CG1 1 
ATOM   398  C CG2 . VAL B 1 22 ? -1.073  -1.499  0.500   1.00 38.85  ? 720 VAL B CG2 1 
ATOM   399  N N   . LEU B 1 23 ? -3.818  -2.541  3.803   1.00 46.60  ? 721 LEU B N   1 
ATOM   400  C CA  . LEU B 1 23 ? -5.018  -2.846  4.559   1.00 51.70  ? 721 LEU B CA  1 
ATOM   401  C C   . LEU B 1 23 ? -5.119  -2.039  5.837   1.00 50.13  ? 721 LEU B C   1 
ATOM   402  O O   . LEU B 1 23 ? -6.159  -1.448  6.124   1.00 50.28  ? 721 LEU B O   1 
ATOM   403  C CB  . LEU B 1 23 ? -5.062  -4.331  4.893   1.00 49.91  ? 721 LEU B CB  1 
ATOM   404  C CG  . LEU B 1 23 ? -6.459  -4.786  5.299   1.00 51.10  ? 721 LEU B CG  1 
ATOM   405  C CD1 . LEU B 1 23 ? -7.545  -4.135  4.420   1.00 49.54  ? 721 LEU B CD1 1 
ATOM   406  C CD2 . LEU B 1 23 ? -6.533  -6.288  5.222   1.00 51.11  ? 721 LEU B CD2 1 
ATOM   407  N N   . GLU B 1 24 ? -4.039  -2.036  6.608   1.00 47.18  ? 722 GLU B N   1 
ATOM   408  C CA  . GLU B 1 24 ? -3.973  -1.283  7.851   1.00 48.94  ? 722 GLU B CA  1 
ATOM   409  C C   . GLU B 1 24 ? -4.160  0.227   7.607   1.00 55.82  ? 722 GLU B C   1 
ATOM   410  O O   . GLU B 1 24 ? -4.774  0.929   8.405   1.00 57.17  ? 722 GLU B O   1 
ATOM   411  C CB  . GLU B 1 24 ? -2.631  -1.561  8.516   1.00 52.04  ? 722 GLU B CB  1 
ATOM   412  C CG  . GLU B 1 24 ? -2.606  -1.287  9.982   1.00 65.21  ? 722 GLU B CG  1 
ATOM   413  C CD  . GLU B 1 24 ? -3.494  -2.237  10.753  1.00 74.19  ? 722 GLU B CD  1 
ATOM   414  O OE1 . GLU B 1 24 ? -3.334  -3.472  10.586  1.00 68.66  ? 722 GLU B OE1 1 
ATOM   415  O OE2 . GLU B 1 24 ? -4.349  -1.747  11.528  1.00 72.49  ? 722 GLU B OE2 1 
ATOM   416  N N   . GLY B 1 25 ? -3.644  0.724   6.485   1.00 53.58  ? 723 GLY B N   1 
ATOM   417  C CA  . GLY B 1 25 ? -3.921  2.092   6.087   1.00 51.39  ? 723 GLY B CA  1 
ATOM   418  C C   . GLY B 1 25 ? -5.406  2.310   5.904   1.00 55.38  ? 723 GLY B C   1 
ATOM   419  O O   . GLY B 1 25 ? -5.947  3.298   6.426   1.00 58.60  ? 723 GLY B O   1 
ATOM   420  N N   . VAL B 1 26 ? -6.059  1.406   5.160   1.00 51.62  ? 724 VAL B N   1 
ATOM   421  C CA  . VAL B 1 26 ? -7.503  1.497   4.909   1.00 52.17  ? 724 VAL B CA  1 
ATOM   422  C C   . VAL B 1 26 ? -8.286  1.462   6.218   1.00 53.84  ? 724 VAL B C   1 
ATOM   423  O O   . VAL B 1 26 ? -9.289  2.160   6.376   1.00 54.12  ? 724 VAL B O   1 
ATOM   424  C CB  . VAL B 1 26 ? -8.023  0.365   3.995   1.00 49.85  ? 724 VAL B CB  1 
ATOM   425  C CG1 . VAL B 1 26 ? -9.522  0.521   3.746   1.00 40.75  ? 724 VAL B CG1 1 
ATOM   426  C CG2 . VAL B 1 26 ? -7.272  0.352   2.686   1.00 49.14  ? 724 VAL B CG2 1 
ATOM   427  N N   . VAL B 1 27 ? -7.817  0.650   7.158   1.00 50.09  ? 725 VAL B N   1 
ATOM   428  C CA  . VAL B 1 27 ? -8.501  0.508   8.436   1.00 56.58  ? 725 VAL B CA  1 
ATOM   429  C C   . VAL B 1 27 ? -8.387  1.792   9.251   1.00 61.53  ? 725 VAL B C   1 
ATOM   430  O O   . VAL B 1 27 ? -9.375  2.277   9.804   1.00 65.54  ? 725 VAL B O   1 
ATOM   431  C CB  . VAL B 1 27 ? -7.945  -0.678  9.237   1.00 56.35  ? 725 VAL B CB  1 
ATOM   432  C CG1 . VAL B 1 27 ? -8.472  -0.651  10.663  1.00 48.36  ? 725 VAL B CG1 1 
ATOM   433  C CG2 . VAL B 1 27 ? -8.281  -1.986  8.541   1.00 50.94  ? 725 VAL B CG2 1 
ATOM   434  N N   . SER B 1 28 ? -7.177  2.340   9.321   1.00 58.93  ? 726 SER B N   1 
ATOM   435  C CA  . SER B 1 28 ? -6.968  3.641   9.938   1.00 58.45  ? 726 SER B CA  1 
ATOM   436  C C   . SER B 1 28 ? -7.967  4.624   9.364   1.00 65.05  ? 726 SER B C   1 
ATOM   437  O O   . SER B 1 28 ? -8.703  5.284   10.092  1.00 65.41  ? 726 SER B O   1 
ATOM   438  C CB  . SER B 1 28 ? -5.568  4.155   9.634   1.00 59.70  ? 726 SER B CB  1 
ATOM   439  O OG  . SER B 1 28 ? -4.788  4.252   10.806  1.00 64.34  ? 726 SER B OG  1 
ATOM   440  N N   . GLN B 1 29 ? -7.988  4.710   8.040   1.00 65.47  ? 727 GLN B N   1 
ATOM   441  C CA  . GLN B 1 29 ? -8.830  5.689   7.366   1.00 66.54  ? 727 GLN B CA  1 
ATOM   442  C C   . GLN B 1 29 ? -10.306 5.545   7.697   1.00 65.18  ? 727 GLN B C   1 
ATOM   443  O O   . GLN B 1 29 ? -10.948 6.501   8.124   1.00 67.74  ? 727 GLN B O   1 
ATOM   444  C CB  . GLN B 1 29 ? -8.606  5.624   5.852   1.00 63.69  ? 727 GLN B CB  1 
ATOM   445  C CG  . GLN B 1 29 ? -7.427  6.476   5.414   1.00 69.96  ? 727 GLN B CG  1 
ATOM   446  C CD  . GLN B 1 29 ? -6.767  5.996   4.145   1.00 68.78  ? 727 GLN B CD  1 
ATOM   447  O OE1 . GLN B 1 29 ? -7.237  5.060   3.503   1.00 70.15  ? 727 GLN B OE1 1 
ATOM   448  N NE2 . GLN B 1 29 ? -5.651  6.628   3.784   1.00 67.96  ? 727 GLN B NE2 1 
ATOM   449  N N   . ILE B 1 30 ? -10.836 4.345   7.491   1.00 66.73  ? 728 ILE B N   1 
ATOM   450  C CA  . ILE B 1 30 ? -12.272 4.121   7.596   1.00 70.02  ? 728 ILE B CA  1 
ATOM   451  C C   . ILE B 1 30 ? -12.683 4.204   9.045   1.00 70.32  ? 728 ILE B C   1 
ATOM   452  O O   . ILE B 1 30 ? -13.840 4.454   9.364   1.00 73.10  ? 728 ILE B O   1 
ATOM   453  C CB  . ILE B 1 30 ? -12.709 2.761   6.991   1.00 68.10  ? 728 ILE B CB  1 
ATOM   454  C CG1 . ILE B 1 30 ? -14.205 2.785   6.681   1.00 70.70  ? 728 ILE B CG1 1 
ATOM   455  C CG2 . ILE B 1 30 ? -12.383 1.614   7.932   1.00 59.70  ? 728 ILE B CG2 1 
ATOM   456  C CD1 . ILE B 1 30 ? -14.676 4.066   6.009   1.00 71.06  ? 728 ILE B CD1 1 
ATOM   457  N N   . ASP B 1 31 ? -11.709 4.010   9.922   1.00 70.38  ? 729 ASP B N   1 
ATOM   458  C CA  . ASP B 1 31 ? -11.945 4.121   11.348  1.00 73.24  ? 729 ASP B CA  1 
ATOM   459  C C   . ASP B 1 31 ? -12.007 5.591   11.768  1.00 77.40  ? 729 ASP B C   1 
ATOM   460  O O   . ASP B 1 31 ? -12.797 5.968   12.630  1.00 82.19  ? 729 ASP B O   1 
ATOM   461  C CB  . ASP B 1 31 ? -10.845 3.399   12.110  1.00 69.70  ? 729 ASP B CB  1 
ATOM   462  C CG  . ASP B 1 31 ? -11.317 2.884   13.436  1.00 76.11  ? 729 ASP B CG  1 
ATOM   463  O OD1 . ASP B 1 31 ? -12.412 3.292   13.864  1.00 75.13  ? 729 ASP B OD1 1 
ATOM   464  O OD2 . ASP B 1 31 ? -10.601 2.068   14.049  1.00 87.08  ? 729 ASP B OD2 1 
ATOM   465  N N   . ALA B 1 32 ? -11.163 6.415   11.154  1.00 78.11  ? 730 ALA B N   1 
ATOM   466  C CA  . ALA B 1 32 ? -11.218 7.860   11.347  1.00 79.27  ? 730 ALA B CA  1 
ATOM   467  C C   . ALA B 1 32 ? -12.554 8.418   10.854  1.00 81.65  ? 730 ALA B C   1 
ATOM   468  O O   . ALA B 1 32 ? -13.257 9.098   11.607  1.00 82.19  ? 730 ALA B O   1 
ATOM   469  C CB  . ALA B 1 32 ? -10.045 8.550   10.644  1.00 71.89  ? 730 ALA B CB  1 
ATOM   470  N N   . VAL B 1 33 ? -12.912 8.123   9.601   1.00 78.50  ? 731 VAL B N   1 
ATOM   471  C CA  . VAL B 1 33 ? -14.216 8.547   9.074   1.00 81.86  ? 731 VAL B CA  1 
ATOM   472  C C   . VAL B 1 33 ? -15.362 8.020   9.940   1.00 83.51  ? 731 VAL B C   1 
ATOM   473  O O   . VAL B 1 33 ? -16.352 8.715   10.168  1.00 84.11  ? 731 VAL B O   1 
ATOM   474  C CB  . VAL B 1 33 ? -14.444 8.114   7.603   1.00 76.49  ? 731 VAL B CB  1 
ATOM   475  C CG1 . VAL B 1 33 ? -15.834 8.523   7.137   1.00 69.71  ? 731 VAL B CG1 1 
ATOM   476  C CG2 . VAL B 1 33 ? -13.387 8.719   6.691   1.00 73.03  ? 731 VAL B CG2 1 
ATOM   477  N N   . GLY B 1 34 ? -15.220 6.789   10.424  1.00 82.61  ? 732 GLY B N   1 
ATOM   478  C CA  . GLY B 1 34 ? -16.209 6.208   11.313  1.00 87.28  ? 732 GLY B CA  1 
ATOM   479  C C   . GLY B 1 34 ? -16.312 6.980   12.619  1.00 96.16  ? 732 GLY B C   1 
ATOM   480  O O   . GLY B 1 34 ? -17.385 7.052   13.229  1.00 96.22  ? 732 GLY B O   1 
ATOM   481  N N   . SER B 1 35 ? -15.191 7.557   13.048  1.00 93.33  ? 733 SER B N   1 
ATOM   482  C CA  . SER B 1 35 ? -15.151 8.337   14.284  1.00 97.44  ? 733 SER B CA  1 
ATOM   483  C C   . SER B 1 35 ? -15.724 9.738   14.085  1.00 97.91  ? 733 SER B C   1 
ATOM   484  O O   . SER B 1 35 ? -16.234 10.341  15.024  1.00 101.33 ? 733 SER B O   1 
ATOM   485  C CB  . SER B 1 35 ? -13.727 8.421   14.845  1.00 99.52  ? 733 SER B CB  1 
ATOM   486  O OG  . SER B 1 35 ? -13.693 9.193   16.037  1.00 104.14 ? 733 SER B OG  1 
ATOM   487  N N   . LYS B 1 36 ? -15.623 10.259  12.865  1.00 95.65  ? 734 LYS B N   1 
ATOM   488  C CA  . LYS B 1 36 ? -16.328 11.485  12.516  1.00 93.16  ? 734 LYS B CA  1 
ATOM   489  C C   . LYS B 1 36 ? -17.827 11.203  12.535  1.00 94.84  ? 734 LYS B C   1 
ATOM   490  O O   . LYS B 1 36 ? -18.643 12.112  12.411  1.00 92.03  ? 734 LYS B O   1 
ATOM   491  C CB  . LYS B 1 36 ? -15.890 11.994  11.153  1.00 89.29  ? 734 LYS B CB  1 
ATOM   492  N N   . LEU B 1 37 ? -18.182 9.931   12.686  1.00 93.86  ? 735 LEU B N   1 
ATOM   493  C CA  . LEU B 1 37 ? -19.578 9.533   12.823  1.00 95.51  ? 735 LEU B CA  1 
ATOM   494  C C   . LEU B 1 37 ? -20.358 9.832   11.549  1.00 95.43  ? 735 LEU B C   1 
ATOM   495  O O   . LEU B 1 37 ? -19.774 9.982   10.473  1.00 95.82  ? 735 LEU B O   1 
ATOM   496  C CB  . LEU B 1 37 ? -20.213 10.229  14.025  1.00 91.28  ? 735 LEU B CB  1 
ATOM   497  N N   . TRP C 1 3  ? 9.289   -29.664 2.337   1.00 73.98  ? 701 TRP C N   1 
ATOM   498  C CA  . TRP C 1 3  ? 8.003   -30.243 2.711   1.00 77.12  ? 701 TRP C CA  1 
ATOM   499  C C   . TRP C 1 3  ? 6.809   -29.475 2.128   1.00 78.11  ? 701 TRP C C   1 
ATOM   500  O O   . TRP C 1 3  ? 5.664   -29.746 2.498   1.00 84.08  ? 701 TRP C O   1 
ATOM   501  C CB  . TRP C 1 3  ? 7.879   -30.345 4.245   1.00 75.68  ? 701 TRP C CB  1 
ATOM   502  N N   . VAL C 1 4  ? 7.069   -28.524 1.227   1.00 73.91  ? 702 VAL C N   1 
ATOM   503  C CA  . VAL C 1 4  ? 5.986   -27.706 0.647   1.00 77.57  ? 702 VAL C CA  1 
ATOM   504  C C   . VAL C 1 4  ? 5.808   -27.797 -0.886  1.00 70.02  ? 702 VAL C C   1 
ATOM   505  O O   . VAL C 1 4  ? 6.694   -27.418 -1.662  1.00 62.58  ? 702 VAL C O   1 
ATOM   506  C CB  . VAL C 1 4  ? 6.060   -26.232 1.133   1.00 72.34  ? 702 VAL C CB  1 
ATOM   507  C CG1 . VAL C 1 4  ? 5.322   -25.294 0.188   1.00 56.41  ? 702 VAL C CG1 1 
ATOM   508  C CG2 . VAL C 1 4  ? 5.483   -26.139 2.524   1.00 73.20  ? 702 VAL C CG2 1 
ATOM   509  N N   . SER C 1 5  ? 4.641   -28.296 -1.294  1.00 68.54  ? 703 SER C N   1 
ATOM   510  C CA  . SER C 1 5  ? 4.330   -28.550 -2.698  1.00 66.63  ? 703 SER C CA  1 
ATOM   511  C C   . SER C 1 5  ? 4.178   -27.257 -3.493  1.00 63.38  ? 703 SER C C   1 
ATOM   512  O O   . SER C 1 5  ? 3.956   -26.188 -2.930  1.00 58.41  ? 703 SER C O   1 
ATOM   513  C CB  . SER C 1 5  ? 3.061   -29.401 -2.828  1.00 65.80  ? 703 SER C CB  1 
ATOM   514  N N   . GLY C 1 6  ? 4.290   -27.370 -4.811  1.00 61.99  ? 704 GLY C N   1 
ATOM   515  C CA  . GLY C 1 6  ? 4.036   -26.247 -5.690  1.00 52.86  ? 704 GLY C CA  1 
ATOM   516  C C   . GLY C 1 6  ? 2.558   -25.985 -5.879  1.00 49.64  ? 704 GLY C C   1 
ATOM   517  O O   . GLY C 1 6  ? 2.167   -24.868 -6.176  1.00 50.61  ? 704 GLY C O   1 
ATOM   518  N N   . GLU C 1 7  ? 1.734   -27.014 -5.711  1.00 55.62  ? 705 GLU C N   1 
ATOM   519  C CA  . GLU C 1 7  ? 0.281   -26.860 -5.824  1.00 54.88  ? 705 GLU C CA  1 
ATOM   520  C C   . GLU C 1 7  ? -0.237  -25.825 -4.828  1.00 50.24  ? 705 GLU C C   1 
ATOM   521  O O   . GLU C 1 7  ? -0.949  -24.886 -5.195  1.00 53.59  ? 705 GLU C O   1 
ATOM   522  C CB  . GLU C 1 7  ? -0.416  -28.202 -5.598  1.00 55.06  ? 705 GLU C CB  1 
ATOM   523  C CG  . GLU C 1 7  ? -1.941  -28.156 -5.693  1.00 59.85  ? 705 GLU C CG  1 
ATOM   524  C CD  . GLU C 1 7  ? -2.496  -28.306 -7.128  1.00 73.37  ? 705 GLU C CD  1 
ATOM   525  O OE1 . GLU C 1 7  ? -2.142  -29.286 -7.840  1.00 74.01  ? 705 GLU C OE1 1 
ATOM   526  O OE2 . GLU C 1 7  ? -3.319  -27.449 -7.537  1.00 75.65  ? 705 GLU C OE2 1 
ATOM   527  N N   . GLU C 1 8  ? 0.151   -25.982 -3.570  1.00 48.45  ? 706 GLU C N   1 
ATOM   528  C CA  . GLU C 1 8  ? -0.346  -25.108 -2.517  1.00 53.99  ? 706 GLU C CA  1 
ATOM   529  C C   . GLU C 1 8  ? 0.266   -23.712 -2.596  1.00 52.55  ? 706 GLU C C   1 
ATOM   530  O O   . GLU C 1 8  ? -0.426  -22.700 -2.377  1.00 46.67  ? 706 GLU C O   1 
ATOM   531  C CB  . GLU C 1 8  ? -0.119  -25.737 -1.140  1.00 54.70  ? 706 GLU C CB  1 
ATOM   532  C CG  . GLU C 1 8  ? 1.307   -26.197 -0.895  1.00 61.00  ? 706 GLU C CG  1 
ATOM   533  C CD  . GLU C 1 8  ? 1.364   -27.463 -0.069  1.00 66.45  ? 706 GLU C CD  1 
ATOM   534  O OE1 . GLU C 1 8  ? 0.618   -27.558 0.935   1.00 67.83  ? 706 GLU C OE1 1 
ATOM   535  O OE2 . GLU C 1 8  ? 2.139   -28.370 -0.439  1.00 69.04  ? 706 GLU C OE2 1 
ATOM   536  N N   . PHE C 1 9  ? 1.556   -23.664 -2.920  1.00 51.38  ? 707 PHE C N   1 
ATOM   537  C CA  . PHE C 1 9  ? 2.260   -22.392 -3.033  1.00 50.27  ? 707 PHE C CA  1 
ATOM   538  C C   . PHE C 1 9  ? 1.685   -21.552 -4.172  1.00 46.08  ? 707 PHE C C   1 
ATOM   539  O O   . PHE C 1 9  ? 1.454   -20.350 -4.027  1.00 45.57  ? 707 PHE C O   1 
ATOM   540  C CB  . PHE C 1 9  ? 3.752   -22.628 -3.244  1.00 48.20  ? 707 PHE C CB  1 
ATOM   541  C CG  . PHE C 1 9  ? 4.542   -21.364 -3.446  1.00 49.12  ? 707 PHE C CG  1 
ATOM   542  C CD1 . PHE C 1 9  ? 4.946   -20.599 -2.358  1.00 47.89  ? 707 PHE C CD1 1 
ATOM   543  C CD2 . PHE C 1 9  ? 4.889   -20.944 -4.721  1.00 41.75  ? 707 PHE C CD2 1 
ATOM   544  C CE1 . PHE C 1 9  ? 5.674   -19.427 -2.539  1.00 45.93  ? 707 PHE C CE1 1 
ATOM   545  C CE2 . PHE C 1 9  ? 5.605   -19.788 -4.906  1.00 48.43  ? 707 PHE C CE2 1 
ATOM   546  C CZ  . PHE C 1 9  ? 6.002   -19.023 -3.810  1.00 49.19  ? 707 PHE C CZ  1 
ATOM   547  N N   . TYR C 1 10 ? 1.435   -22.200 -5.299  1.00 43.42  ? 708 TYR C N   1 
ATOM   548  C CA  . TYR C 1 10 ? 0.901   -21.512 -6.456  1.00 46.71  ? 708 TYR C CA  1 
ATOM   549  C C   . TYR C 1 10 ? -0.527  -21.068 -6.169  1.00 43.98  ? 708 TYR C C   1 
ATOM   550  O O   . TYR C 1 10 ? -0.906  -19.940 -6.463  1.00 42.77  ? 708 TYR C O   1 
ATOM   551  C CB  . TYR C 1 10 ? 0.995   -22.415 -7.702  1.00 48.16  ? 708 TYR C CB  1 
ATOM   552  C CG  . TYR C 1 10 ? 0.085   -21.999 -8.836  1.00 51.87  ? 708 TYR C CG  1 
ATOM   553  C CD1 . TYR C 1 10 ? 0.432   -20.964 -9.705  1.00 47.49  ? 708 TYR C CD1 1 
ATOM   554  C CD2 . TYR C 1 10 ? -1.140  -22.634 -9.026  1.00 54.06  ? 708 TYR C CD2 1 
ATOM   555  C CE1 . TYR C 1 10 ? -0.424  -20.574 -10.731 1.00 50.15  ? 708 TYR C CE1 1 
ATOM   556  C CE2 . TYR C 1 10 ? -1.995  -22.261 -10.043 1.00 54.30  ? 708 TYR C CE2 1 
ATOM   557  C CZ  . TYR C 1 10 ? -1.637  -21.234 -10.893 1.00 56.60  ? 708 TYR C CZ  1 
ATOM   558  O OH  . TYR C 1 10 ? -2.519  -20.878 -11.892 1.00 58.82  ? 708 TYR C OH  1 
ATOM   559  N N   . MET C 1 11 ? -1.311  -21.961 -5.578  1.00 48.03  ? 709 MET C N   1 
ATOM   560  C CA  . MET C 1 11 ? -2.656  -21.611 -5.124  1.00 48.56  ? 709 MET C CA  1 
ATOM   561  C C   . MET C 1 11 ? -2.636  -20.329 -4.279  1.00 46.60  ? 709 MET C C   1 
ATOM   562  O O   . MET C 1 11 ? -3.392  -19.378 -4.524  1.00 46.58  ? 709 MET C O   1 
ATOM   563  C CB  . MET C 1 11 ? -3.244  -22.768 -4.315  1.00 50.09  ? 709 MET C CB  1 
ATOM   564  C CG  . MET C 1 11 ? -4.661  -22.511 -3.791  1.00 59.37  ? 709 MET C CG  1 
ATOM   565  S SD  . MET C 1 11 ? -4.773  -21.310 -2.430  1.00 64.46  ? 709 MET C SD  1 
ATOM   566  C CE  . MET C 1 11 ? -4.002  -22.245 -1.094  1.00 47.23  ? 709 MET C CE  1 
ATOM   567  N N   . LEU C 1 12 ? -1.751  -20.308 -3.292  1.00 41.34  ? 710 LEU C N   1 
ATOM   568  C CA  . LEU C 1 12 ? -1.671  -19.181 -2.392  1.00 42.83  ? 710 LEU C CA  1 
ATOM   569  C C   . LEU C 1 12 ? -1.221  -17.908 -3.102  1.00 46.55  ? 710 LEU C C   1 
ATOM   570  O O   . LEU C 1 12 ? -1.670  -16.805 -2.748  1.00 45.20  ? 710 LEU C O   1 
ATOM   571  C CB  . LEU C 1 12 ? -0.753  -19.499 -1.215  1.00 43.14  ? 710 LEU C CB  1 
ATOM   572  C CG  . LEU C 1 12 ? -0.831  -18.519 -0.048  1.00 42.57  ? 710 LEU C CG  1 
ATOM   573  C CD1 . LEU C 1 12 ? -2.239  -18.483 0.510   1.00 39.69  ? 710 LEU C CD1 1 
ATOM   574  C CD2 . LEU C 1 12 ? 0.149   -18.892 1.039   1.00 43.71  ? 710 LEU C CD2 1 
ATOM   575  N N   . THR C 1 13 ? -0.345  -18.035 -4.100  1.00 43.04  ? 711 THR C N   1 
ATOM   576  C CA  . THR C 1 13 ? 0.071   -16.824 -4.802  1.00 43.68  ? 711 THR C CA  1 
ATOM   577  C C   . THR C 1 13 ? -1.063  -16.286 -5.673  1.00 42.07  ? 711 THR C C   1 
ATOM   578  O O   . THR C 1 13 ? -1.212  -15.071 -5.828  1.00 45.12  ? 711 THR C O   1 
ATOM   579  C CB  . THR C 1 13 ? 1.391   -16.969 -5.619  1.00 42.27  ? 711 THR C CB  1 
ATOM   580  O OG1 . THR C 1 13 ? 1.108   -17.498 -6.911  1.00 49.51  ? 711 THR C OG1 1 
ATOM   581  C CG2 . THR C 1 13 ? 2.377   -17.855 -4.920  1.00 43.75  ? 711 THR C CG2 1 
ATOM   582  N N   . ARG C 1 14 ? -1.869  -17.177 -6.232  1.00 41.52  ? 712 ARG C N   1 
ATOM   583  C CA  . ARG C 1 14 ? -3.037  -16.724 -6.977  1.00 47.22  ? 712 ARG C CA  1 
ATOM   584  C C   . ARG C 1 14 ? -3.976  -15.988 -6.039  1.00 46.13  ? 712 ARG C C   1 
ATOM   585  O O   . ARG C 1 14 ? -4.481  -14.899 -6.358  1.00 41.54  ? 712 ARG C O   1 
ATOM   586  C CB  . ARG C 1 14 ? -3.776  -17.895 -7.618  1.00 47.50  ? 712 ARG C CB  1 
ATOM   587  C CG  . ARG C 1 14 ? -3.078  -18.426 -8.830  1.00 51.05  ? 712 ARG C CG  1 
ATOM   588  C CD  . ARG C 1 14 ? -2.587  -17.267 -9.690  1.00 55.24  ? 712 ARG C CD  1 
ATOM   589  N NE  . ARG C 1 14 ? -3.645  -16.707 -10.530 1.00 63.34  ? 712 ARG C NE  1 
ATOM   590  C CZ  . ARG C 1 14 ? -3.423  -15.857 -11.527 1.00 62.60  ? 712 ARG C CZ  1 
ATOM   591  N NH1 . ARG C 1 14 ? -2.176  -15.485 -11.793 1.00 64.36  ? 712 ARG C NH1 1 
ATOM   592  N NH2 . ARG C 1 14 ? -4.432  -15.391 -12.263 1.00 57.55  ? 712 ARG C NH2 1 
ATOM   593  N N   . ARG C 1 15 ? -4.200  -16.587 -4.874  1.00 42.70  ? 713 ARG C N   1 
ATOM   594  C CA  . ARG C 1 15 ? -5.129  -16.006 -3.922  1.00 44.96  ? 713 ARG C CA  1 
ATOM   595  C C   . ARG C 1 15 ? -4.639  -14.606 -3.593  1.00 42.18  ? 713 ARG C C   1 
ATOM   596  O O   . ARG C 1 15 ? -5.402  -13.642 -3.629  1.00 41.43  ? 713 ARG C O   1 
ATOM   597  C CB  . ARG C 1 15 ? -5.236  -16.883 -2.663  1.00 49.18  ? 713 ARG C CB  1 
ATOM   598  C CG  . ARG C 1 15 ? -6.348  -16.502 -1.693  1.00 39.76  ? 713 ARG C CG  1 
ATOM   599  C CD  . ARG C 1 15 ? -7.715  -16.639 -2.349  1.00 49.02  ? 713 ARG C CD  1 
ATOM   600  N NE  . ARG C 1 15 ? -8.690  -15.706 -1.786  1.00 47.66  ? 713 ARG C NE  1 
ATOM   601  C CZ  . ARG C 1 15 ? -9.570  -15.028 -2.511  1.00 48.64  ? 713 ARG C CZ  1 
ATOM   602  N NH1 . ARG C 1 15 ? -9.602  -15.190 -3.826  1.00 51.19  ? 713 ARG C NH1 1 
ATOM   603  N NH2 . ARG C 1 15 ? -10.413 -14.188 -1.928  1.00 53.99  ? 713 ARG C NH2 1 
ATOM   604  N N   . VAL C 1 16 ? -3.351  -14.497 -3.291  1.00 40.73  ? 714 VAL C N   1 
ATOM   605  C CA  . VAL C 1 16 ? -2.782  -13.209 -2.927  1.00 44.38  ? 714 VAL C CA  1 
ATOM   606  C C   . VAL C 1 16 ? -2.940  -12.184 -4.046  1.00 46.65  ? 714 VAL C C   1 
ATOM   607  O O   . VAL C 1 16 ? -3.257  -11.019 -3.777  1.00 44.65  ? 714 VAL C O   1 
ATOM   608  C CB  . VAL C 1 16 ? -1.301  -13.342 -2.494  1.00 48.12  ? 714 VAL C CB  1 
ATOM   609  C CG1 . VAL C 1 16 ? -0.563  -11.999 -2.594  1.00 43.01  ? 714 VAL C CG1 1 
ATOM   610  C CG2 . VAL C 1 16 ? -1.215  -13.925 -1.080  1.00 35.88  ? 714 VAL C CG2 1 
ATOM   611  N N   . LEU C 1 17 ? -2.743  -12.619 -5.293  1.00 41.80  ? 715 LEU C N   1 
ATOM   612  C CA  . LEU C 1 17 ? -2.907  -11.725 -6.436  1.00 40.43  ? 715 LEU C CA  1 
ATOM   613  C C   . LEU C 1 17 ? -4.354  -11.186 -6.580  1.00 47.30  ? 715 LEU C C   1 
ATOM   614  O O   . LEU C 1 17 ? -4.586  -9.967  -6.800  1.00 46.25  ? 715 LEU C O   1 
ATOM   615  C CB  . LEU C 1 17 ? -2.368  -12.379 -7.712  1.00 43.73  ? 715 LEU C CB  1 
ATOM   616  C CG  . LEU C 1 17 ? -0.823  -12.319 -7.901  1.00 59.36  ? 715 LEU C CG  1 
ATOM   617  C CD1 . LEU C 1 17 ? -0.053  -12.146 -6.597  1.00 59.47  ? 715 LEU C CD1 1 
ATOM   618  C CD2 . LEU C 1 17 ? -0.248  -13.524 -8.665  1.00 48.07  ? 715 LEU C CD2 1 
ATOM   619  N N   . GLN C 1 18 ? -5.323  -12.081 -6.400  1.00 42.92  ? 716 GLN C N   1 
ATOM   620  C CA  . GLN C 1 18 ? -6.727  -11.693 -6.427  1.00 39.71  ? 716 GLN C CA  1 
ATOM   621  C C   . GLN C 1 18 ? -7.003  -10.689 -5.292  1.00 45.69  ? 716 GLN C C   1 
ATOM   622  O O   . GLN C 1 18 ? -7.737  -9.687  -5.459  1.00 43.83  ? 716 GLN C O   1 
ATOM   623  C CB  . GLN C 1 18 ? -7.626  -12.930 -6.313  1.00 40.62  ? 716 GLN C CB  1 
ATOM   624  C CG  . GLN C 1 18 ? -7.443  -13.925 -7.460  1.00 47.10  ? 716 GLN C CG  1 
ATOM   625  C CD  . GLN C 1 18 ? -8.060  -15.308 -7.204  1.00 50.63  ? 716 GLN C CD  1 
ATOM   626  O OE1 . GLN C 1 18 ? -8.370  -15.671 -6.067  1.00 53.32  ? 716 GLN C OE1 1 
ATOM   627  N NE2 . GLN C 1 18 ? -8.226  -16.084 -8.265  1.00 46.59  ? 716 GLN C NE2 1 
ATOM   628  N N   . LEU C 1 19 ? -6.390  -10.940 -4.137  1.00 41.64  ? 717 LEU C N   1 
ATOM   629  C CA  . LEU C 1 19 ? -6.589  -10.052 -3.009  1.00 42.63  ? 717 LEU C CA  1 
ATOM   630  C C   . LEU C 1 19 ? -6.012  -8.682  -3.320  1.00 44.11  ? 717 LEU C C   1 
ATOM   631  O O   . LEU C 1 19 ? -6.613  -7.668  -2.995  1.00 45.19  ? 717 LEU C O   1 
ATOM   632  C CB  . LEU C 1 19 ? -6.029  -10.631 -1.697  1.00 49.41  ? 717 LEU C CB  1 
ATOM   633  C CG  . LEU C 1 19 ? -6.721  -11.855 -1.049  1.00 43.95  ? 717 LEU C CG  1 
ATOM   634  C CD1 . LEU C 1 19 ? -5.979  -12.300 0.193   1.00 36.69  ? 717 LEU C CD1 1 
ATOM   635  C CD2 . LEU C 1 19 ? -8.191  -11.599 -0.712  1.00 44.70  ? 717 LEU C CD2 1 
ATOM   636  N N   . GLU C 1 20 ? -4.864  -8.645  -3.980  1.00 47.04  ? 718 GLU C N   1 
ATOM   637  C CA  . GLU C 1 20 ? -4.300  -7.373  -4.445  1.00 47.94  ? 718 GLU C CA  1 
ATOM   638  C C   . GLU C 1 20 ? -5.274  -6.589  -5.303  1.00 47.46  ? 718 GLU C C   1 
ATOM   639  O O   . GLU C 1 20 ? -5.473  -5.386  -5.082  1.00 50.63  ? 718 GLU C O   1 
ATOM   640  C CB  . GLU C 1 20 ? -3.010  -7.588  -5.243  1.00 48.98  ? 718 GLU C CB  1 
ATOM   641  C CG  . GLU C 1 20 ? -1.753  -7.522  -4.409  1.00 54.10  ? 718 GLU C CG  1 
ATOM   642  C CD  . GLU C 1 20 ? -0.509  -7.978  -5.166  1.00 64.66  ? 718 GLU C CD  1 
ATOM   643  O OE1 . GLU C 1 20 ? -0.488  -7.894  -6.418  1.00 67.35  ? 718 GLU C OE1 1 
ATOM   644  O OE2 . GLU C 1 20 ? 0.454   -8.430  -4.505  1.00 67.18  ? 718 GLU C OE2 1 
ATOM   645  N N   . THR C 1 21 ? -5.875  -7.234  -6.298  1.00 43.46  ? 719 THR C N   1 
ATOM   646  C CA  . THR C 1 21 ? -6.725  -6.428  -7.180  1.00 49.70  ? 719 THR C CA  1 
ATOM   647  C C   . THR C 1 21 ? -8.010  -5.956  -6.473  1.00 45.29  ? 719 THR C C   1 
ATOM   648  O O   . THR C 1 21 ? -8.462  -4.789  -6.616  1.00 48.46  ? 719 THR C O   1 
ATOM   649  C CB  . THR C 1 21 ? -6.991  -7.097  -8.562  1.00 48.71  ? 719 THR C CB  1 
ATOM   650  O OG1 . THR C 1 21 ? -8.382  -7.388  -8.691  1.00 48.09  ? 719 THR C OG1 1 
ATOM   651  C CG2 . THR C 1 21 ? -6.151  -8.367  -8.747  1.00 41.79  ? 719 THR C CG2 1 
ATOM   652  N N   . VAL C 1 22 ? -8.573  -6.847  -5.674  1.00 42.40  ? 720 VAL C N   1 
ATOM   653  C CA  . VAL C 1 22 ? -9.692  -6.453  -4.829  1.00 46.54  ? 720 VAL C CA  1 
ATOM   654  C C   . VAL C 1 22 ? -9.343  -5.205  -4.005  1.00 44.42  ? 720 VAL C C   1 
ATOM   655  O O   . VAL C 1 22 ? -10.069 -4.206  -4.016  1.00 46.92  ? 720 VAL C O   1 
ATOM   656  C CB  . VAL C 1 22 ? -10.099 -7.597  -3.893  1.00 48.26  ? 720 VAL C CB  1 
ATOM   657  C CG1 . VAL C 1 22 ? -11.064 -7.094  -2.860  1.00 36.52  ? 720 VAL C CG1 1 
ATOM   658  C CG2 . VAL C 1 22 ? -10.692 -8.768  -4.697  1.00 41.58  ? 720 VAL C CG2 1 
ATOM   659  N N   . LEU C 1 23 ? -8.208  -5.268  -3.316  1.00 45.07  ? 721 LEU C N   1 
ATOM   660  C CA  . LEU C 1 23 ? -7.707  -4.161  -2.503  1.00 46.67  ? 721 LEU C CA  1 
ATOM   661  C C   . LEU C 1 23 ? -7.432  -2.862  -3.286  1.00 52.37  ? 721 LEU C C   1 
ATOM   662  O O   . LEU C 1 23 ? -7.565  -1.778  -2.729  1.00 51.18  ? 721 LEU C O   1 
ATOM   663  C CB  . LEU C 1 23 ? -6.463  -4.596  -1.738  1.00 47.57  ? 721 LEU C CB  1 
ATOM   664  C CG  . LEU C 1 23 ? -6.038  -3.802  -0.500  1.00 53.70  ? 721 LEU C CG  1 
ATOM   665  C CD1 . LEU C 1 23 ? -7.195  -3.693  0.481   1.00 55.16  ? 721 LEU C CD1 1 
ATOM   666  C CD2 . LEU C 1 23 ? -4.821  -4.446  0.179   1.00 49.71  ? 721 LEU C CD2 1 
ATOM   667  N N   . GLU C 1 24 ? -7.051  -2.956  -4.563  1.00 54.77  ? 722 GLU C N   1 
ATOM   668  C CA  . GLU C 1 24 ? -7.002  -1.758  -5.411  1.00 54.74  ? 722 GLU C CA  1 
ATOM   669  C C   . GLU C 1 24 ? -8.381  -1.119  -5.488  1.00 56.90  ? 722 GLU C C   1 
ATOM   670  O O   . GLU C 1 24 ? -8.545  0.088   -5.239  1.00 61.70  ? 722 GLU C O   1 
ATOM   671  C CB  . GLU C 1 24 ? -6.489  -2.091  -6.810  1.00 58.32  ? 722 GLU C CB  1 
ATOM   672  C CG  . GLU C 1 24 ? -5.117  -2.743  -6.761  1.00 69.14  ? 722 GLU C CG  1 
ATOM   673  C CD  . GLU C 1 24 ? -4.540  -3.083  -8.133  1.00 79.11  ? 722 GLU C CD  1 
ATOM   674  O OE1 . GLU C 1 24 ? -5.329  -3.249  -9.096  1.00 71.91  ? 722 GLU C OE1 1 
ATOM   675  O OE2 . GLU C 1 24 ? -3.290  -3.188  -8.229  1.00 79.71  ? 722 GLU C OE2 1 
ATOM   676  N N   . GLY C 1 25 ? -9.385  -1.932  -5.806  1.00 55.58  ? 723 GLY C N   1 
ATOM   677  C CA  . GLY C 1 25 ? -10.741 -1.407  -5.821  1.00 50.51  ? 723 GLY C CA  1 
ATOM   678  C C   . GLY C 1 25 ? -11.137 -0.753  -4.505  1.00 60.90  ? 723 GLY C C   1 
ATOM   679  O O   . GLY C 1 25 ? -11.758 0.319   -4.468  1.00 65.90  ? 723 GLY C O   1 
ATOM   680  N N   . VAL C 1 26 ? -10.766 -1.393  -3.403  1.00 58.45  ? 724 VAL C N   1 
ATOM   681  C CA  . VAL C 1 26 ? -11.169 -0.904  -2.088  1.00 55.61  ? 724 VAL C CA  1 
ATOM   682  C C   . VAL C 1 26 ? -10.470 0.395   -1.704  1.00 58.56  ? 724 VAL C C   1 
ATOM   683  O O   . VAL C 1 26 ? -11.078 1.291   -1.131  1.00 60.84  ? 724 VAL C O   1 
ATOM   684  C CB  . VAL C 1 26 ? -10.916 -1.965  -1.019  1.00 56.04  ? 724 VAL C CB  1 
ATOM   685  C CG1 . VAL C 1 26 ? -10.926 -1.355  0.363   1.00 47.73  ? 724 VAL C CG1 1 
ATOM   686  C CG2 . VAL C 1 26 ? -11.943 -3.079  -1.143  1.00 52.27  ? 724 VAL C CG2 1 
ATOM   687  N N   . VAL C 1 27 ? -9.187  0.503   -2.014  1.00 58.72  ? 725 VAL C N   1 
ATOM   688  C CA  . VAL C 1 27 ? -8.494  1.761   -1.798  1.00 59.06  ? 725 VAL C CA  1 
ATOM   689  C C   . VAL C 1 27 ? -9.202  2.847   -2.607  1.00 62.86  ? 725 VAL C C   1 
ATOM   690  O O   . VAL C 1 27 ? -9.346  3.992   -2.157  1.00 63.41  ? 725 VAL C O   1 
ATOM   691  C CB  . VAL C 1 27 ? -7.019  1.677   -2.198  1.00 53.90  ? 725 VAL C CB  1 
ATOM   692  C CG1 . VAL C 1 27 ? -6.386  3.023   -2.086  1.00 53.04  ? 725 VAL C CG1 1 
ATOM   693  C CG2 . VAL C 1 27 ? -6.293  0.691   -1.312  1.00 57.62  ? 725 VAL C CG2 1 
ATOM   694  N N   . SER C 1 28 ? -9.661  2.485   -3.801  1.00 60.79  ? 726 SER C N   1 
ATOM   695  C CA  . SER C 1 28 ? -10.446 3.436   -4.579  1.00 65.55  ? 726 SER C CA  1 
ATOM   696  C C   . SER C 1 28 ? -11.708 3.889   -3.831  1.00 64.43  ? 726 SER C C   1 
ATOM   697  O O   . SER C 1 28 ? -11.993 5.081   -3.744  1.00 59.38  ? 726 SER C O   1 
ATOM   698  C CB  . SER C 1 28 ? -10.787 2.868   -5.960  1.00 65.11  ? 726 SER C CB  1 
ATOM   699  O OG  . SER C 1 28 ? -9.608  2.708   -6.726  1.00 69.26  ? 726 SER C OG  1 
ATOM   700  N N   . GLN C 1 29 ? -12.457 2.933   -3.287  1.00 65.40  ? 727 GLN C N   1 
ATOM   701  C CA  . GLN C 1 29 ? -13.694 3.271   -2.585  1.00 65.36  ? 727 GLN C CA  1 
ATOM   702  C C   . GLN C 1 29 ? -13.463 4.133   -1.358  1.00 66.15  ? 727 GLN C C   1 
ATOM   703  O O   . GLN C 1 29 ? -14.217 5.057   -1.107  1.00 67.40  ? 727 GLN C O   1 
ATOM   704  C CB  . GLN C 1 29 ? -14.438 2.018   -2.160  1.00 65.40  ? 727 GLN C CB  1 
ATOM   705  C CG  . GLN C 1 29 ? -14.840 1.111   -3.293  1.00 70.10  ? 727 GLN C CG  1 
ATOM   706  C CD  . GLN C 1 29 ? -15.518 -0.146  -2.782  1.00 81.52  ? 727 GLN C CD  1 
ATOM   707  O OE1 . GLN C 1 29 ? -16.654 -0.103  -2.303  1.00 93.20  ? 727 GLN C OE1 1 
ATOM   708  N NE2 . GLN C 1 29 ? -14.814 -1.273  -2.860  1.00 77.77  ? 727 GLN C NE2 1 
ATOM   709  N N   . ILE C 1 30 ? -12.432 3.804   -0.586  1.00 66.12  ? 728 ILE C N   1 
ATOM   710  C CA  . ILE C 1 30 ? -12.087 4.542   0.629   1.00 65.77  ? 728 ILE C CA  1 
ATOM   711  C C   . ILE C 1 30 ? -11.573 5.955   0.335   1.00 70.23  ? 728 ILE C C   1 
ATOM   712  O O   . ILE C 1 30 ? -11.807 6.882   1.116   1.00 70.42  ? 728 ILE C O   1 
ATOM   713  C CB  . ILE C 1 30 ? -11.037 3.773   1.477   1.00 65.93  ? 728 ILE C CB  1 
ATOM   714  C CG1 . ILE C 1 30 ? -11.557 3.490   2.895   1.00 67.14  ? 728 ILE C CG1 1 
ATOM   715  C CG2 . ILE C 1 30 ? -9.704  4.507   1.500   1.00 62.17  ? 728 ILE C CG2 1 
ATOM   716  C CD1 . ILE C 1 30 ? -12.049 4.702   3.677   1.00 62.02  ? 728 ILE C CD1 1 
ATOM   717  N N   . ASP C 1 31 ? -10.867 6.122   -0.782  1.00 71.42  ? 729 ASP C N   1 
ATOM   718  C CA  . ASP C 1 31 ? -10.494 7.461   -1.230  1.00 73.26  ? 729 ASP C CA  1 
ATOM   719  C C   . ASP C 1 31 ? -11.726 8.221   -1.743  1.00 78.33  ? 729 ASP C C   1 
ATOM   720  O O   . ASP C 1 31 ? -11.827 9.438   -1.580  1.00 79.12  ? 729 ASP C O   1 
ATOM   721  C CB  . ASP C 1 31 ? -9.406  7.400   -2.307  1.00 77.23  ? 729 ASP C CB  1 
ATOM   722  C CG  . ASP C 1 31 ? -8.941  8.787   -2.758  1.00 84.18  ? 729 ASP C CG  1 
ATOM   723  O OD1 . ASP C 1 31 ? -8.138  9.423   -2.030  1.00 80.68  ? 729 ASP C OD1 1 
ATOM   724  O OD2 . ASP C 1 31 ? -9.368  9.232   -3.850  1.00 84.68  ? 729 ASP C OD2 1 
ATOM   725  N N   . ALA C 1 32 ? -12.664 7.501   -2.358  1.00 76.91  ? 730 ALA C N   1 
ATOM   726  C CA  . ALA C 1 32 ? -13.918 8.106   -2.803  1.00 77.07  ? 730 ALA C CA  1 
ATOM   727  C C   . ALA C 1 32 ? -14.699 8.628   -1.608  1.00 76.69  ? 730 ALA C C   1 
ATOM   728  O O   . ALA C 1 32 ? -15.215 9.741   -1.627  1.00 79.50  ? 730 ALA C O   1 
ATOM   729  C CB  . ALA C 1 32 ? -14.757 7.102   -3.579  1.00 70.27  ? 730 ALA C CB  1 
ATOM   730  N N   . VAL C 1 33 ? -14.770 7.810   -0.565  1.00 78.22  ? 731 VAL C N   1 
ATOM   731  C CA  . VAL C 1 33 ? -15.585 8.102   0.605   1.00 80.85  ? 731 VAL C CA  1 
ATOM   732  C C   . VAL C 1 33 ? -14.949 9.177   1.477   1.00 83.47  ? 731 VAL C C   1 
ATOM   733  O O   . VAL C 1 33 ? -15.633 10.090  1.934   1.00 79.98  ? 731 VAL C O   1 
ATOM   734  C CB  . VAL C 1 33 ? -15.861 6.825   1.445   1.00 77.77  ? 731 VAL C CB  1 
ATOM   735  C CG1 . VAL C 1 33 ? -15.911 7.151   2.934   1.00 76.43  ? 731 VAL C CG1 1 
ATOM   736  C CG2 . VAL C 1 33 ? -17.152 6.157   0.996   1.00 76.11  ? 731 VAL C CG2 1 
ATOM   737  N N   . GLY C 1 34 ? -13.641 9.069   1.702   1.00 83.30  ? 732 GLY C N   1 
ATOM   738  C CA  . GLY C 1 34 ? -12.932 10.043  2.514   1.00 80.58  ? 732 GLY C CA  1 
ATOM   739  C C   . GLY C 1 34 ? -13.100 11.455  1.980   1.00 82.21  ? 732 GLY C C   1 
ATOM   740  O O   . GLY C 1 34 ? -13.566 12.346  2.685   1.00 84.05  ? 732 GLY C O   1 
ATOM   741  N N   . SER C 1 35 ? -12.733 11.664  0.722   1.00 87.60  ? 733 SER C N   1 
ATOM   742  C CA  . SER C 1 35 ? -13.030 12.927  0.064   1.00 88.15  ? 733 SER C CA  1 
ATOM   743  C C   . SER C 1 35 ? -14.539 12.994  0.027   1.00 88.78  ? 733 SER C C   1 
ATOM   744  O O   . SER C 1 35 ? -15.201 11.957  0.091   1.00 92.34  ? 733 SER C O   1 
ATOM   745  C CB  . SER C 1 35 ? -12.469 12.950  -1.360  1.00 89.99  ? 733 SER C CB  1 
ATOM   746  O OG  . SER C 1 35 ? -11.080 12.668  -1.372  1.00 92.56  ? 733 SER C OG  1 
ATOM   747  N N   . LYS C 1 36 ? -15.097 14.195  -0.053  1.00 87.28  ? 734 LYS C N   1 
ATOM   748  C CA  . LYS C 1 36 ? -16.543 14.299  -0.080  1.00 95.74  ? 734 LYS C CA  1 
ATOM   749  C C   . LYS C 1 36 ? -17.095 13.932  1.293   1.00 92.35  ? 734 LYS C C   1 
ATOM   750  O O   . LYS C 1 36 ? -18.304 13.881  1.485   1.00 97.21  ? 734 LYS C O   1 
ATOM   751  C CB  . LYS C 1 36 ? -17.148 13.415  -1.184  1.00 98.31  ? 734 LYS C CB  1 
ATOM   752  N N   . LEU C 1 37 ? -16.208 13.615  2.230   1.00 90.32  ? 735 LEU C N   1 
ATOM   753  C CA  . LEU C 1 37 ? -16.614 13.492  3.625   1.00 92.59  ? 735 LEU C CA  1 
ATOM   754  C C   . LEU C 1 37 ? -16.509 14.829  4.363   1.00 98.24  ? 735 LEU C C   1 
ATOM   755  O O   . LEU C 1 37 ? -16.695 14.869  5.574   1.00 102.68 ? 735 LEU C O   1 
ATOM   756  C CB  . LEU C 1 37 ? -15.818 12.410  4.356   1.00 82.55  ? 735 LEU C CB  1 
ATOM   757  N N   . LYS C 1 38 ? -16.190 15.915  3.657   1.00 96.90  ? 736 LYS C N   1 
ATOM   758  C CA  . LYS C 1 38 ? -16.176 17.237  4.303   1.00 102.27 ? 736 LYS C CA  1 
ATOM   759  C C   . LYS C 1 38 ? -17.588 17.806  4.547   1.00 102.30 ? 736 LYS C C   1 
ATOM   760  O O   . LYS C 1 38 ? -17.807 18.561  5.505   1.00 97.12  ? 736 LYS C O   1 
ATOM   761  C CB  . LYS C 1 38 ? -15.311 18.242  3.536   1.00 93.22  ? 736 LYS C CB  1 
ATOM   762  C CG  . LYS C 1 38 ? -15.014 19.523  4.330   1.00 89.32  ? 736 LYS C CG  1 
ATOM   763  C CD  . LYS C 1 38 ? -14.289 19.229  5.652   1.00 88.43  ? 736 LYS C CD  1 
ATOM   764  C CE  . LYS C 1 38 ? -15.235 19.196  6.855   1.00 88.78  ? 736 LYS C CE  1 
ATOM   765  N NZ  . LYS C 1 38 ? -15.284 20.481  7.605   1.00 78.09  ? 736 LYS C NZ  1 
ATOM   766  N N   . MET C 1 39 ? -18.534 17.427  3.688   1.00 101.08 ? 737 MET C N   1 
ATOM   767  C CA  . MET C 1 39 ? -19.941 17.797  3.853   1.00 98.94  ? 737 MET C CA  1 
ATOM   768  C C   . MET C 1 39 ? -20.650 16.908  4.883   1.00 95.41  ? 737 MET C C   1 
ATOM   769  O O   . MET C 1 39 ? -20.147 16.672  5.989   1.00 88.01  ? 737 MET C O   1 
ATOM   770  C CB  . MET C 1 39 ? -20.666 17.736  2.514   1.00 98.17  ? 737 MET C CB  1 
ATOM   771  N N   . GLY D 1 2  ? -1.243  24.649  -20.124 1.00 80.21  ? 700 GLY D N   1 
ATOM   772  C CA  . GLY D 1 2  ? -0.334  23.953  -21.024 1.00 80.57  ? 700 GLY D CA  1 
ATOM   773  C C   . GLY D 1 2  ? -0.509  22.440  -20.992 1.00 76.37  ? 700 GLY D C   1 
ATOM   774  O O   . GLY D 1 2  ? -1.556  21.941  -20.570 1.00 80.77  ? 700 GLY D O   1 
ATOM   775  N N   . TRP D 1 3  ? 0.515   21.711  -21.431 1.00 64.71  ? 701 TRP D N   1 
ATOM   776  C CA  . TRP D 1 3  ? 0.472   20.250  -21.444 1.00 68.79  ? 701 TRP D CA  1 
ATOM   777  C C   . TRP D 1 3  ? 1.647   19.636  -20.680 1.00 66.35  ? 701 TRP D C   1 
ATOM   778  O O   . TRP D 1 3  ? 2.737   20.197  -20.681 1.00 62.37  ? 701 TRP D O   1 
ATOM   779  C CB  . TRP D 1 3  ? 0.484   19.727  -22.884 1.00 68.03  ? 701 TRP D CB  1 
ATOM   780  C CG  . TRP D 1 3  ? -0.714  20.120  -23.706 1.00 66.40  ? 701 TRP D CG  1 
ATOM   781  C CD1 . TRP D 1 3  ? -0.740  21.010  -24.739 1.00 67.58  ? 701 TRP D CD1 1 
ATOM   782  C CD2 . TRP D 1 3  ? -2.051  19.619  -23.575 1.00 65.11  ? 701 TRP D CD2 1 
ATOM   783  N NE1 . TRP D 1 3  ? -2.009  21.097  -25.258 1.00 64.08  ? 701 TRP D NE1 1 
ATOM   784  C CE2 . TRP D 1 3  ? -2.834  20.253  -24.563 1.00 60.41  ? 701 TRP D CE2 1 
ATOM   785  C CE3 . TRP D 1 3  ? -2.667  18.698  -22.713 1.00 65.49  ? 701 TRP D CE3 1 
ATOM   786  C CZ2 . TRP D 1 3  ? -4.198  20.005  -24.714 1.00 64.36  ? 701 TRP D CZ2 1 
ATOM   787  C CZ3 . TRP D 1 3  ? -4.025  18.447  -22.865 1.00 61.76  ? 701 TRP D CZ3 1 
ATOM   788  C CH2 . TRP D 1 3  ? -4.775  19.101  -23.858 1.00 63.69  ? 701 TRP D CH2 1 
ATOM   789  N N   . VAL D 1 4  ? 1.436   18.487  -20.039 1.00 63.68  ? 702 VAL D N   1 
ATOM   790  C CA  . VAL D 1 4  ? 2.537   17.831  -19.331 1.00 63.43  ? 702 VAL D CA  1 
ATOM   791  C C   . VAL D 1 4  ? 3.574   17.220  -20.292 1.00 52.11  ? 702 VAL D C   1 
ATOM   792  O O   . VAL D 1 4  ? 3.257   16.375  -21.127 1.00 50.59  ? 702 VAL D O   1 
ATOM   793  C CB  . VAL D 1 4  ? 2.010   16.784  -18.314 1.00 55.29  ? 702 VAL D CB  1 
ATOM   794  N N   . SER D 1 5  ? 4.815   17.667  -20.141 1.00 48.24  ? 703 SER D N   1 
ATOM   795  C CA  . SER D 1 5  ? 5.954   17.177  -20.900 1.00 47.75  ? 703 SER D CA  1 
ATOM   796  C C   . SER D 1 5  ? 6.508   15.846  -20.383 1.00 51.39  ? 703 SER D C   1 
ATOM   797  O O   . SER D 1 5  ? 6.335   15.492  -19.221 1.00 50.82  ? 703 SER D O   1 
ATOM   798  C CB  . SER D 1 5  ? 7.079   18.201  -20.837 1.00 44.22  ? 703 SER D CB  1 
ATOM   799  O OG  . SER D 1 5  ? 7.731   18.121  -19.581 1.00 44.50  ? 703 SER D OG  1 
ATOM   800  N N   . GLY D 1 6  ? 7.222   15.134  -21.247 1.00 50.90  ? 704 GLY D N   1 
ATOM   801  C CA  . GLY D 1 6  ? 7.882   13.904  -20.857 1.00 45.20  ? 704 GLY D CA  1 
ATOM   802  C C   . GLY D 1 6  ? 8.959   14.057  -19.798 1.00 40.82  ? 704 GLY D C   1 
ATOM   803  O O   . GLY D 1 6  ? 9.086   13.206  -18.928 1.00 42.92  ? 704 GLY D O   1 
ATOM   804  N N   . GLU D 1 7  ? 9.746   15.121  -19.862 1.00 42.22  ? 705 GLU D N   1 
ATOM   805  C CA  . GLU D 1 7  ? 10.737  15.375  -18.809 1.00 51.80  ? 705 GLU D CA  1 
ATOM   806  C C   . GLU D 1 7  ? 10.113  15.567  -17.391 1.00 51.10  ? 705 GLU D C   1 
ATOM   807  O O   . GLU D 1 7  ? 10.613  15.027  -16.381 1.00 48.54  ? 705 GLU D O   1 
ATOM   808  C CB  . GLU D 1 7  ? 11.615  16.577  -19.191 1.00 53.84  ? 705 GLU D CB  1 
ATOM   809  C CG  . GLU D 1 7  ? 12.515  17.102  -18.073 1.00 57.06  ? 705 GLU D CG  1 
ATOM   810  C CD  . GLU D 1 7  ? 12.450  18.626  -17.937 1.00 67.02  ? 705 GLU D CD  1 
ATOM   811  O OE1 . GLU D 1 7  ? 11.872  19.265  -18.854 1.00 68.17  ? 705 GLU D OE1 1 
ATOM   812  O OE2 . GLU D 1 7  ? 12.956  19.186  -16.918 1.00 65.09  ? 705 GLU D OE2 1 
ATOM   813  N N   . GLU D 1 8  ? 9.023   16.328  -17.310 1.00 47.83  ? 706 GLU D N   1 
ATOM   814  C CA  . GLU D 1 8  ? 8.383   16.542  -16.012 1.00 52.19  ? 706 GLU D CA  1 
ATOM   815  C C   . GLU D 1 8  ? 7.961   15.198  -15.421 1.00 49.00  ? 706 GLU D C   1 
ATOM   816  O O   . GLU D 1 8  ? 8.427   14.790  -14.337 1.00 49.44  ? 706 GLU D O   1 
ATOM   817  C CB  . GLU D 1 8  ? 7.177   17.471  -16.156 1.00 50.95  ? 706 GLU D CB  1 
ATOM   818  C CG  . GLU D 1 8  ? 7.535   18.874  -16.633 1.00 52.53  ? 706 GLU D CG  1 
ATOM   819  C CD  . GLU D 1 8  ? 6.316   19.673  -17.070 1.00 59.65  ? 706 GLU D CD  1 
ATOM   820  O OE1 . GLU D 1 8  ? 5.266   19.059  -17.383 1.00 55.80  ? 706 GLU D OE1 1 
ATOM   821  O OE2 . GLU D 1 8  ? 6.407   20.920  -17.089 1.00 69.31  ? 706 GLU D OE2 1 
ATOM   822  N N   . PHE D 1 9  ? 7.113   14.507  -16.178 1.00 46.30  ? 707 PHE D N   1 
ATOM   823  C CA  . PHE D 1 9  ? 6.626   13.181  -15.845 1.00 41.36  ? 707 PHE D CA  1 
ATOM   824  C C   . PHE D 1 9  ? 7.743   12.233  -15.444 1.00 42.82  ? 707 PHE D C   1 
ATOM   825  O O   . PHE D 1 9  ? 7.615   11.515  -14.463 1.00 42.51  ? 707 PHE D O   1 
ATOM   826  C CB  . PHE D 1 9  ? 5.869   12.623  -17.036 1.00 44.56  ? 707 PHE D CB  1 
ATOM   827  C CG  . PHE D 1 9  ? 5.514   11.172  -16.914 1.00 43.76  ? 707 PHE D CG  1 
ATOM   828  C CD1 . PHE D 1 9  ? 4.396   10.775  -16.199 1.00 46.88  ? 707 PHE D CD1 1 
ATOM   829  C CD2 . PHE D 1 9  ? 6.275   10.210  -17.541 1.00 41.66  ? 707 PHE D CD2 1 
ATOM   830  C CE1 . PHE D 1 9  ? 4.050   9.442   -16.099 1.00 47.46  ? 707 PHE D CE1 1 
ATOM   831  C CE2 . PHE D 1 9  ? 5.945   8.875   -17.434 1.00 50.17  ? 707 PHE D CE2 1 
ATOM   832  C CZ  . PHE D 1 9  ? 4.826   8.489   -16.715 1.00 45.61  ? 707 PHE D CZ  1 
ATOM   833  N N   . TYR D 1 10 ? 8.838   12.237  -16.195 1.00 41.31  ? 708 TYR D N   1 
ATOM   834  C CA  . TYR D 1 10 ? 9.980   11.377  -15.877 1.00 41.02  ? 708 TYR D CA  1 
ATOM   835  C C   . TYR D 1 10 ? 10.508  11.679  -14.484 1.00 39.79  ? 708 TYR D C   1 
ATOM   836  O O   . TYR D 1 10 ? 10.772  10.763  -13.693 1.00 38.00  ? 708 TYR D O   1 
ATOM   837  C CB  . TYR D 1 10 ? 11.112  11.564  -16.904 1.00 38.92  ? 708 TYR D CB  1 
ATOM   838  C CG  . TYR D 1 10 ? 12.412  10.886  -16.511 1.00 40.73  ? 708 TYR D CG  1 
ATOM   839  C CD1 . TYR D 1 10 ? 12.579  9.509   -16.681 1.00 35.24  ? 708 TYR D CD1 1 
ATOM   840  C CD2 . TYR D 1 10 ? 13.468  11.616  -15.946 1.00 40.66  ? 708 TYR D CD2 1 
ATOM   841  C CE1 . TYR D 1 10 ? 13.760  8.875   -16.322 1.00 40.95  ? 708 TYR D CE1 1 
ATOM   842  C CE2 . TYR D 1 10 ? 14.661  10.985  -15.573 1.00 41.00  ? 708 TYR D CE2 1 
ATOM   843  C CZ  . TYR D 1 10 ? 14.800  9.614   -15.770 1.00 46.72  ? 708 TYR D CZ  1 
ATOM   844  O OH  . TYR D 1 10 ? 15.970  8.970   -15.413 1.00 51.53  ? 708 TYR D OH  1 
ATOM   845  N N   . MET D 1 11 ? 10.683  12.969  -14.199 1.00 42.76  ? 709 MET D N   1 
ATOM   846  C CA  . MET D 1 11 ? 11.175  13.401  -12.877 1.00 49.32  ? 709 MET D CA  1 
ATOM   847  C C   . MET D 1 11 ? 10.289  12.883  -11.750 1.00 41.90  ? 709 MET D C   1 
ATOM   848  O O   . MET D 1 11 ? 10.752  12.255  -10.782 1.00 39.69  ? 709 MET D O   1 
ATOM   849  C CB  . MET D 1 11 ? 11.257  14.925  -12.811 1.00 49.08  ? 709 MET D CB  1 
ATOM   850  C CG  . MET D 1 11 ? 12.210  15.513  -13.855 1.00 49.34  ? 709 MET D CG  1 
ATOM   851  S SD  . MET D 1 11 ? 12.879  17.113  -13.391 1.00 62.40  ? 709 MET D SD  1 
ATOM   852  C CE  . MET D 1 11 ? 11.483  18.192  -13.660 1.00 47.71  ? 709 MET D CE  1 
ATOM   853  N N   . LEU D 1 12 ? 9.002   13.139  -11.914 1.00 36.61  ? 710 LEU D N   1 
ATOM   854  C CA  . LEU D 1 12 ? 8.009   12.589  -11.029 1.00 37.75  ? 710 LEU D CA  1 
ATOM   855  C C   . LEU D 1 12 ? 8.146   11.079  -10.837 1.00 42.80  ? 710 LEU D C   1 
ATOM   856  O O   . LEU D 1 12 ? 8.142   10.590  -9.717  1.00 48.55  ? 710 LEU D O   1 
ATOM   857  C CB  . LEU D 1 12 ? 6.637   12.911  -11.577 1.00 41.10  ? 710 LEU D CB  1 
ATOM   858  C CG  . LEU D 1 12 ? 5.633   13.280  -10.508 1.00 44.68  ? 710 LEU D CG  1 
ATOM   859  C CD1 . LEU D 1 12 ? 6.359   14.019  -9.395  1.00 46.49  ? 710 LEU D CD1 1 
ATOM   860  C CD2 . LEU D 1 12 ? 4.556   14.140  -11.138 1.00 41.74  ? 710 LEU D CD2 1 
ATOM   861  N N   . THR D 1 13 ? 8.258   10.321  -11.916 1.00 40.67  ? 711 THR D N   1 
ATOM   862  C CA  . THR D 1 13 ? 8.355   8.876   -11.762 1.00 42.38  ? 711 THR D CA  1 
ATOM   863  C C   . THR D 1 13 ? 9.641   8.435   -11.056 1.00 42.05  ? 711 THR D C   1 
ATOM   864  O O   . THR D 1 13 ? 9.644   7.420   -10.376 1.00 44.15  ? 711 THR D O   1 
ATOM   865  C CB  . THR D 1 13 ? 8.229   8.125   -13.102 1.00 40.05  ? 711 THR D CB  1 
ATOM   866  O OG1 . THR D 1 13 ? 9.490   8.132   -13.758 1.00 42.73  ? 711 THR D OG1 1 
ATOM   867  C CG2 . THR D 1 13 ? 7.220   8.780   -13.983 1.00 40.25  ? 711 THR D CG2 1 
ATOM   868  N N   . ARG D 1 14 ? 10.729  9.180   -11.211 1.00 41.39  ? 712 ARG D N   1 
ATOM   869  C CA  . ARG D 1 14 ? 11.917  8.927   -10.388 1.00 42.72  ? 712 ARG D CA  1 
ATOM   870  C C   . ARG D 1 14 ? 11.637  9.170   -8.887  1.00 45.89  ? 712 ARG D C   1 
ATOM   871  O O   . ARG D 1 14 ? 12.000  8.351   -8.028  1.00 47.78  ? 712 ARG D O   1 
ATOM   872  C CB  . ARG D 1 14 ? 13.090  9.807   -10.822 1.00 46.35  ? 712 ARG D CB  1 
ATOM   873  C CG  . ARG D 1 14 ? 13.866  9.328   -12.016 1.00 46.47  ? 712 ARG D CG  1 
ATOM   874  C CD  . ARG D 1 14 ? 14.237  7.874   -11.878 1.00 55.99  ? 712 ARG D CD  1 
ATOM   875  N NE  . ARG D 1 14 ? 13.553  7.067   -12.887 1.00 61.32  ? 712 ARG D NE  1 
ATOM   876  C CZ  . ARG D 1 14 ? 13.973  5.873   -13.306 1.00 76.09  ? 712 ARG D CZ  1 
ATOM   877  N NH1 . ARG D 1 14 ? 15.082  5.349   -12.782 1.00 76.75  ? 712 ARG D NH1 1 
ATOM   878  N NH2 . ARG D 1 14 ? 13.294  5.203   -14.252 1.00 65.45  ? 712 ARG D NH2 1 
ATOM   879  N N   . ARG D 1 15 ? 11.011  10.296  -8.560  1.00 36.18  ? 713 ARG D N   1 
ATOM   880  C CA  . ARG D 1 15 ? 10.649  10.520  -7.160  1.00 41.65  ? 713 ARG D CA  1 
ATOM   881  C C   . ARG D 1 15 ? 9.777   9.381   -6.585  1.00 41.38  ? 713 ARG D C   1 
ATOM   882  O O   . ARG D 1 15 ? 10.023  8.890   -5.475  1.00 41.77  ? 713 ARG D O   1 
ATOM   883  C CB  . ARG D 1 15 ? 9.960   11.883  -6.948  1.00 42.35  ? 713 ARG D CB  1 
ATOM   884  C CG  . ARG D 1 15 ? 10.761  13.128  -7.356  1.00 38.79  ? 713 ARG D CG  1 
ATOM   885  C CD  . ARG D 1 15 ? 12.224  13.041  -6.961  1.00 45.22  ? 713 ARG D CD  1 
ATOM   886  N NE  . ARG D 1 15 ? 12.419  13.110  -5.517  1.00 50.61  ? 713 ARG D NE  1 
ATOM   887  C CZ  . ARG D 1 15 ? 13.480  12.624  -4.875  1.00 52.84  ? 713 ARG D CZ  1 
ATOM   888  N NH1 . ARG D 1 15 ? 14.449  12.019  -5.549  1.00 50.43  ? 713 ARG D NH1 1 
ATOM   889  N NH2 . ARG D 1 15 ? 13.568  12.742  -3.553  1.00 59.26  ? 713 ARG D NH2 1 
ATOM   890  N N   . VAL D 1 16 ? 8.754   8.972   -7.334  1.00 40.37  ? 714 VAL D N   1 
ATOM   891  C CA  . VAL D 1 16 ? 7.929   7.822   -6.944  1.00 44.28  ? 714 VAL D CA  1 
ATOM   892  C C   . VAL D 1 16 ? 8.689   6.493   -6.796  1.00 44.16  ? 714 VAL D C   1 
ATOM   893  O O   . VAL D 1 16 ? 8.465   5.759   -5.846  1.00 44.38  ? 714 VAL D O   1 
ATOM   894  C CB  . VAL D 1 16 ? 6.753   7.621   -7.907  1.00 41.97  ? 714 VAL D CB  1 
ATOM   895  C CG1 . VAL D 1 16 ? 6.088   6.274   -7.641  1.00 40.65  ? 714 VAL D CG1 1 
ATOM   896  C CG2 . VAL D 1 16 ? 5.772   8.765   -7.744  1.00 38.69  ? 714 VAL D CG2 1 
ATOM   897  N N   . LEU D 1 17 ? 9.562   6.192   -7.751  1.00 41.71  ? 715 LEU D N   1 
ATOM   898  C CA  . LEU D 1 17 ? 10.516  5.107   -7.637  1.00 39.88  ? 715 LEU D CA  1 
ATOM   899  C C   . LEU D 1 17 ? 11.255  5.113   -6.294  1.00 45.02  ? 715 LEU D C   1 
ATOM   900  O O   . LEU D 1 17 ? 11.314  4.091   -5.570  1.00 48.84  ? 715 LEU D O   1 
ATOM   901  C CB  . LEU D 1 17 ? 11.517  5.263   -8.763  1.00 47.58  ? 715 LEU D CB  1 
ATOM   902  C CG  . LEU D 1 17 ? 11.760  4.120   -9.760  1.00 63.00  ? 715 LEU D CG  1 
ATOM   903  C CD1 . LEU D 1 17 ? 12.304  2.942   -8.969  1.00 64.23  ? 715 LEU D CD1 1 
ATOM   904  C CD2 . LEU D 1 17 ? 10.520  3.738   -10.600 1.00 55.87  ? 715 LEU D CD2 1 
ATOM   905  N N   . GLN D 1 18 ? 11.797  6.272   -5.938  1.00 42.52  ? 716 GLN D N   1 
ATOM   906  C CA  . GLN D 1 18 ? 12.551  6.376   -4.696  1.00 42.81  ? 716 GLN D CA  1 
ATOM   907  C C   . GLN D 1 18 ? 11.665  6.205   -3.460  1.00 47.68  ? 716 GLN D C   1 
ATOM   908  O O   . GLN D 1 18 ? 12.075  5.608   -2.462  1.00 44.94  ? 716 GLN D O   1 
ATOM   909  C CB  . GLN D 1 18 ? 13.309  7.683   -4.619  1.00 39.53  ? 716 GLN D CB  1 
ATOM   910  C CG  . GLN D 1 18 ? 14.669  7.522   -3.990  1.00 53.30  ? 716 GLN D CG  1 
ATOM   911  C CD  . GLN D 1 18 ? 15.208  8.835   -3.460  1.00 64.94  ? 716 GLN D CD  1 
ATOM   912  O OE1 . GLN D 1 18 ? 15.140  9.858   -4.148  1.00 65.80  ? 716 GLN D OE1 1 
ATOM   913  N NE2 . GLN D 1 18 ? 15.724  8.822   -2.218  1.00 64.66  ? 716 GLN D NE2 1 
ATOM   914  N N   . LEU D 1 19 ? 10.445  6.725   -3.536  1.00 41.40  ? 717 LEU D N   1 
ATOM   915  C CA  . LEU D 1 19 ? 9.523   6.609   -2.430  1.00 41.56  ? 717 LEU D CA  1 
ATOM   916  C C   . LEU D 1 19 ? 9.244   5.135   -2.221  1.00 45.02  ? 717 LEU D C   1 
ATOM   917  O O   . LEU D 1 19 ? 9.257   4.652   -1.101  1.00 46.27  ? 717 LEU D O   1 
ATOM   918  C CB  . LEU D 1 19 ? 8.204   7.348   -2.711  1.00 45.43  ? 717 LEU D CB  1 
ATOM   919  C CG  . LEU D 1 19 ? 8.146   8.872   -2.571  1.00 48.21  ? 717 LEU D CG  1 
ATOM   920  C CD1 . LEU D 1 19 ? 6.880   9.451   -3.220  1.00 46.15  ? 717 LEU D CD1 1 
ATOM   921  C CD2 . LEU D 1 19 ? 8.248   9.297   -1.112  1.00 51.89  ? 717 LEU D CD2 1 
ATOM   922  N N   . GLU D 1 20 ? 9.000   4.409   -3.305  1.00 44.43  ? 718 GLU D N   1 
ATOM   923  C CA  . GLU D 1 20 ? 8.656   2.995   -3.180  1.00 48.00  ? 718 GLU D CA  1 
ATOM   924  C C   . GLU D 1 20 ? 9.772   2.207   -2.525  1.00 46.54  ? 718 GLU D C   1 
ATOM   925  O O   . GLU D 1 20 ? 9.530   1.372   -1.665  1.00 45.47  ? 718 GLU D O   1 
ATOM   926  C CB  . GLU D 1 20 ? 8.330   2.402   -4.540  1.00 45.97  ? 718 GLU D CB  1 
ATOM   927  C CG  . GLU D 1 20 ? 6.963   2.810   -5.026  1.00 50.85  ? 718 GLU D CG  1 
ATOM   928  C CD  . GLU D 1 20 ? 6.763   2.494   -6.487  1.00 53.86  ? 718 GLU D CD  1 
ATOM   929  O OE1 . GLU D 1 20 ? 7.732   2.058   -7.149  1.00 56.61  ? 718 GLU D OE1 1 
ATOM   930  O OE2 . GLU D 1 20 ? 5.632   2.676   -6.976  1.00 60.20  ? 718 GLU D OE2 1 
ATOM   931  N N   . THR D 1 21 ? 11.001  2.492   -2.941  1.00 46.58  ? 719 THR D N   1 
ATOM   932  C CA  . THR D 1 21 ? 12.173  1.867   -2.334  1.00 47.64  ? 719 THR D CA  1 
ATOM   933  C C   . THR D 1 21 ? 12.357  2.140   -0.820  1.00 51.04  ? 719 THR D C   1 
ATOM   934  O O   . THR D 1 21 ? 12.559  1.204   -0.001  1.00 60.34  ? 719 THR D O   1 
ATOM   935  C CB  . THR D 1 21 ? 13.432  2.298   -3.117  1.00 54.54  ? 719 THR D CB  1 
ATOM   936  O OG1 . THR D 1 21 ? 13.253  1.970   -4.505  1.00 50.50  ? 719 THR D OG1 1 
ATOM   937  C CG2 . THR D 1 21 ? 14.684  1.607   -2.576  1.00 47.21  ? 719 THR D CG2 1 
ATOM   938  N N   . VAL D 1 22 ? 12.292  3.412   -0.441  1.00 47.14  ? 720 VAL D N   1 
ATOM   939  C CA  . VAL D 1 22 ? 12.446  3.761   0.963   1.00 46.76  ? 720 VAL D CA  1 
ATOM   940  C C   . VAL D 1 22 ? 11.322  3.116   1.763   1.00 49.24  ? 720 VAL D C   1 
ATOM   941  O O   . VAL D 1 22 ? 11.555  2.463   2.772   1.00 53.09  ? 720 VAL D O   1 
ATOM   942  C CB  . VAL D 1 22 ? 12.473  5.289   1.180   1.00 47.52  ? 720 VAL D CB  1 
ATOM   943  C CG1 . VAL D 1 22 ? 12.432  5.626   2.639   1.00 44.91  ? 720 VAL D CG1 1 
ATOM   944  C CG2 . VAL D 1 22 ? 13.717  5.897   0.553   1.00 47.60  ? 720 VAL D CG2 1 
ATOM   945  N N   . LEU D 1 23 ? 10.103  3.275   1.282   1.00 49.97  ? 721 LEU D N   1 
ATOM   946  C CA  . LEU D 1 23 ? 8.927   2.677   1.894   1.00 48.49  ? 721 LEU D CA  1 
ATOM   947  C C   . LEU D 1 23 ? 9.081   1.175   2.123   1.00 49.74  ? 721 LEU D C   1 
ATOM   948  O O   . LEU D 1 23 ? 8.782   0.669   3.194   1.00 45.41  ? 721 LEU D O   1 
ATOM   949  C CB  . LEU D 1 23 ? 7.747   2.938   0.978   1.00 46.97  ? 721 LEU D CB  1 
ATOM   950  C CG  . LEU D 1 23 ? 6.420   3.185   1.627   1.00 47.98  ? 721 LEU D CG  1 
ATOM   951  C CD1 . LEU D 1 23 ? 6.727   3.850   2.918   1.00 52.83  ? 721 LEU D CD1 1 
ATOM   952  C CD2 . LEU D 1 23 ? 5.665   4.133   0.717   1.00 51.81  ? 721 LEU D CD2 1 
ATOM   953  N N   . GLU D 1 24 ? 9.552   0.464   1.108   1.00 51.12  ? 722 GLU D N   1 
ATOM   954  C CA  . GLU D 1 24 ? 9.749   -0.982  1.213   1.00 52.21  ? 722 GLU D CA  1 
ATOM   955  C C   . GLU D 1 24 ? 10.641  -1.266  2.417   1.00 52.85  ? 722 GLU D C   1 
ATOM   956  O O   . GLU D 1 24 ? 10.287  -2.068  3.307   1.00 59.35  ? 722 GLU D O   1 
ATOM   957  C CB  . GLU D 1 24 ? 10.370  -1.542  -0.065  1.00 53.66  ? 722 GLU D CB  1 
ATOM   958  C CG  . GLU D 1 24 ? 11.158  -2.828  0.141   1.00 64.63  ? 722 GLU D CG  1 
ATOM   959  C CD  . GLU D 1 24 ? 12.209  -3.064  -0.944  1.00 80.69  ? 722 GLU D CD  1 
ATOM   960  O OE1 . GLU D 1 24 ? 13.387  -3.338  -0.588  1.00 82.23  ? 722 GLU D OE1 1 
ATOM   961  O OE2 . GLU D 1 24 ? 11.857  -2.989  -2.152  1.00 80.90  ? 722 GLU D OE2 1 
ATOM   962  N N   . GLY D 1 25 ? 11.783  -0.581  2.475   1.00 52.91  ? 723 GLY D N   1 
ATOM   963  C CA  . GLY D 1 25 ? 12.619  -0.681  3.667   1.00 51.62  ? 723 GLY D CA  1 
ATOM   964  C C   . GLY D 1 25 ? 11.904  -0.359  4.993   1.00 59.55  ? 723 GLY D C   1 
ATOM   965  O O   . GLY D 1 25 ? 12.050  -1.075  5.994   1.00 58.49  ? 723 GLY D O   1 
ATOM   966  N N   . VAL D 1 26 ? 11.128  0.719   5.014   1.00 48.24  ? 724 VAL D N   1 
ATOM   967  C CA  . VAL D 1 26 ? 10.448  1.121   6.233   1.00 50.73  ? 724 VAL D CA  1 
ATOM   968  C C   . VAL D 1 26 ? 9.481   0.048   6.741   1.00 54.56  ? 724 VAL D C   1 
ATOM   969  O O   . VAL D 1 26 ? 9.567   -0.366  7.893   1.00 57.51  ? 724 VAL D O   1 
ATOM   970  C CB  . VAL D 1 26 ? 9.709   2.463   6.045   1.00 52.65  ? 724 VAL D CB  1 
ATOM   971  C CG1 . VAL D 1 26 ? 8.645   2.633   7.091   1.00 49.29  ? 724 VAL D CG1 1 
ATOM   972  C CG2 . VAL D 1 26 ? 10.698  3.635   6.060   1.00 48.34  ? 724 VAL D CG2 1 
ATOM   973  N N   . VAL D 1 27 ? 8.566   -0.415  5.890   1.00 59.11  ? 725 VAL D N   1 
ATOM   974  C CA  . VAL D 1 27 ? 7.595   -1.413  6.338   1.00 57.44  ? 725 VAL D CA  1 
ATOM   975  C C   . VAL D 1 27 ? 8.303   -2.688  6.748   1.00 55.73  ? 725 VAL D C   1 
ATOM   976  O O   . VAL D 1 27 ? 7.865   -3.375  7.673   1.00 59.02  ? 725 VAL D O   1 
ATOM   977  C CB  . VAL D 1 27 ? 6.469   -1.757  5.300   1.00 47.55  ? 725 VAL D CB  1 
ATOM   978  C CG1 . VAL D 1 27 ? 6.391   -0.756  4.187   1.00 41.95  ? 725 VAL D CG1 1 
ATOM   979  C CG2 . VAL D 1 27 ? 6.634   -3.164  4.785   1.00 45.21  ? 725 VAL D CG2 1 
ATOM   980  N N   . SER D 1 28 ? 9.403   -3.020  6.089   1.00 49.22  ? 726 SER D N   1 
ATOM   981  C CA  . SER D 1 28 ? 10.072  -4.212  6.575   1.00 56.41  ? 726 SER D CA  1 
ATOM   982  C C   . SER D 1 28 ? 10.699  -3.972  7.963   1.00 60.98  ? 726 SER D C   1 
ATOM   983  O O   . SER D 1 28 ? 10.640  -4.838  8.832   1.00 60.85  ? 726 SER D O   1 
ATOM   984  C CB  . SER D 1 28 ? 11.063  -4.784  5.561   1.00 53.84  ? 726 SER D CB  1 
ATOM   985  O OG  . SER D 1 28 ? 12.290  -4.101  5.615   1.00 65.94  ? 726 SER D OG  1 
ATOM   986  N N   . GLN D 1 29 ? 11.268  -2.791  8.186   1.00 60.82  ? 727 GLN D N   1 
ATOM   987  C CA  . GLN D 1 29 ? 11.788  -2.458  9.510   1.00 57.28  ? 727 GLN D CA  1 
ATOM   988  C C   . GLN D 1 29 ? 10.711  -2.518  10.606  1.00 63.28  ? 727 GLN D C   1 
ATOM   989  O O   . GLN D 1 29 ? 10.932  -3.147  11.655  1.00 63.36  ? 727 GLN D O   1 
ATOM   990  C CB  . GLN D 1 29 ? 12.485  -1.095  9.509   1.00 62.15  ? 727 GLN D CB  1 
ATOM   991  C CG  . GLN D 1 29 ? 13.826  -1.098  8.774   1.00 73.27  ? 727 GLN D CG  1 
ATOM   992  C CD  . GLN D 1 29 ? 14.415  0.299   8.589   1.00 77.73  ? 727 GLN D CD  1 
ATOM   993  O OE1 . GLN D 1 29 ? 13.689  1.265   8.343   1.00 75.46  ? 727 GLN D OE1 1 
ATOM   994  N NE2 . GLN D 1 29 ? 15.740  0.408   8.710   1.00 82.41  ? 727 GLN D NE2 1 
ATOM   995  N N   . ILE D 1 30 ? 9.552   -1.886  10.394  1.00 59.82  ? 728 ILE D N   1 
ATOM   996  C CA  . ILE D 1 30 ? 8.529   -1.931  11.449  1.00 63.60  ? 728 ILE D CA  1 
ATOM   997  C C   . ILE D 1 30 ? 7.942   -3.316  11.621  1.00 65.46  ? 728 ILE D C   1 
ATOM   998  O O   . ILE D 1 30 ? 7.595   -3.720  12.724  1.00 68.58  ? 728 ILE D O   1 
ATOM   999  C CB  . ILE D 1 30 ? 7.377   -0.885  11.311  1.00 63.52  ? 728 ILE D CB  1 
ATOM   1000 C CG1 . ILE D 1 30 ? 6.460   -1.182  10.135  1.00 69.36  ? 728 ILE D CG1 1 
ATOM   1001 C CG2 . ILE D 1 30 ? 7.922   0.508   11.179  1.00 66.95  ? 728 ILE D CG2 1 
ATOM   1002 C CD1 . ILE D 1 30 ? 5.632   0.044   9.737   1.00 67.89  ? 728 ILE D CD1 1 
ATOM   1003 N N   . ASP D 1 31 ? 7.822   -4.057  10.534  1.00 67.34  ? 729 ASP D N   1 
ATOM   1004 C CA  . ASP D 1 31 ? 7.356   -5.413  10.699  1.00 66.86  ? 729 ASP D CA  1 
ATOM   1005 C C   . ASP D 1 31 ? 8.345   -6.214  11.547  1.00 68.42  ? 729 ASP D C   1 
ATOM   1006 O O   . ASP D 1 31 ? 7.935   -6.976  12.423  1.00 71.48  ? 729 ASP D O   1 
ATOM   1007 C CB  . ASP D 1 31 ? 7.113   -6.095  9.368   1.00 62.61  ? 729 ASP D CB  1 
ATOM   1008 C CG  . ASP D 1 31 ? 6.695   -7.527  9.547   1.00 65.34  ? 729 ASP D CG  1 
ATOM   1009 O OD1 . ASP D 1 31 ? 5.501   -7.762  9.857   1.00 61.60  ? 729 ASP D OD1 1 
ATOM   1010 O OD2 . ASP D 1 31 ? 7.571   -8.415  9.409   1.00 66.72  ? 729 ASP D OD2 1 
ATOM   1011 N N   . ALA D 1 32 ? 9.641   -6.036  11.298  1.00 65.70  ? 730 ALA D N   1 
ATOM   1012 C CA  . ALA D 1 32 ? 10.653  -6.679  12.137  1.00 66.51  ? 730 ALA D CA  1 
ATOM   1013 C C   . ALA D 1 32 ? 10.447  -6.277  13.601  1.00 73.21  ? 730 ALA D C   1 
ATOM   1014 O O   . ALA D 1 32 ? 10.509  -7.110  14.514  1.00 73.63  ? 730 ALA D O   1 
ATOM   1015 C CB  . ALA D 1 32 ? 12.067  -6.340  11.666  1.00 58.69  ? 730 ALA D CB  1 
ATOM   1016 N N   . VAL D 1 33 ? 10.182  -5.003  13.839  1.00 69.54  ? 731 VAL D N   1 
ATOM   1017 C CA  . VAL D 1 33 ? 9.824   -4.629  15.195  1.00 75.71  ? 731 VAL D CA  1 
ATOM   1018 C C   . VAL D 1 33 ? 8.696   -5.518  15.759  1.00 83.01  ? 731 VAL D C   1 
ATOM   1019 O O   . VAL D 1 33 ? 8.921   -6.255  16.725  1.00 90.76  ? 731 VAL D O   1 
ATOM   1020 C CB  . VAL D 1 33 ? 9.501   -3.132  15.349  1.00 76.98  ? 731 VAL D CB  1 
ATOM   1021 C CG1 . VAL D 1 33 ? 8.634   -2.899  16.591  1.00 75.09  ? 731 VAL D CG1 1 
ATOM   1022 C CG2 . VAL D 1 33 ? 10.799  -2.313  15.412  1.00 67.11  ? 731 VAL D CG2 1 
ATOM   1023 N N   . GLY D 1 34 ? 7.511   -5.485  15.148  1.00 81.24  ? 732 GLY D N   1 
ATOM   1024 C CA  . GLY D 1 34 ? 6.323   -6.074  15.759  1.00 77.97  ? 732 GLY D CA  1 
ATOM   1025 C C   . GLY D 1 34 ? 6.474   -7.521  16.210  1.00 85.12  ? 732 GLY D C   1 
ATOM   1026 O O   . GLY D 1 34 ? 6.765   -8.425  15.417  1.00 80.42  ? 732 GLY D O   1 
ATOM   1027 N N   . SER D 1 35 ? 6.243   -7.732  17.506  1.00 90.49  ? 733 SER D N   1 
ATOM   1028 C CA  . SER D 1 35 ? 6.477   -9.013  18.170  1.00 92.21  ? 733 SER D CA  1 
ATOM   1029 C C   . SER D 1 35 ? 5.981   -8.943  19.616  1.00 88.76  ? 733 SER D C   1 
ATOM   1030 O O   . SER D 1 35 ? 5.170   -8.080  19.957  1.00 77.71  ? 733 SER D O   1 
ATOM   1031 C CB  . SER D 1 35 ? 7.969   -9.400  18.122  1.00 82.08  ? 733 SER D CB  1 
ATOM   1032 O OG  . SER D 1 35 ? 8.797   -8.416  18.719  1.00 80.05  ? 733 SER D OG  1 
ATOM   1033 N N   . GLY E 1 1  ? -6.170  8.594   -23.722 1.00 81.17  ? 699 GLY E N   1 
ATOM   1034 C CA  . GLY E 1 1  ? -4.786  8.257   -24.005 1.00 73.62  ? 699 GLY E CA  1 
ATOM   1035 C C   . GLY E 1 1  ? -4.022  9.374   -24.708 1.00 80.87  ? 699 GLY E C   1 
ATOM   1036 O O   . GLY E 1 1  ? -3.046  9.106   -25.417 1.00 76.85  ? 699 GLY E O   1 
ATOM   1037 N N   . GLY E 1 2  ? -4.455  10.623  -24.518 1.00 72.04  ? 700 GLY E N   1 
ATOM   1038 C CA  . GLY E 1 2  ? -3.767  11.771  -25.096 1.00 67.80  ? 700 GLY E CA  1 
ATOM   1039 C C   . GLY E 1 2  ? -2.977  12.601  -24.087 1.00 67.89  ? 700 GLY E C   1 
ATOM   1040 O O   . GLY E 1 2  ? -2.559  12.089  -23.047 1.00 69.25  ? 700 GLY E O   1 
ATOM   1041 N N   . TRP E 1 3  ? -2.767  13.882  -24.388 1.00 60.18  ? 701 TRP E N   1 
ATOM   1042 C CA  . TRP E 1 3  ? -1.979  14.741  -23.510 1.00 61.71  ? 701 TRP E CA  1 
ATOM   1043 C C   . TRP E 1 3  ? -2.761  15.069  -22.256 1.00 61.71  ? 701 TRP E C   1 
ATOM   1044 O O   . TRP E 1 3  ? -3.983  15.031  -22.253 1.00 66.62  ? 701 TRP E O   1 
ATOM   1045 C CB  . TRP E 1 3  ? -1.561  16.031  -24.215 1.00 58.44  ? 701 TRP E CB  1 
ATOM   1046 C CG  . TRP E 1 3  ? -0.768  15.775  -25.433 1.00 59.36  ? 701 TRP E CG  1 
ATOM   1047 C CD1 . TRP E 1 3  ? -0.182  14.592  -25.792 1.00 56.53  ? 701 TRP E CD1 1 
ATOM   1048 C CD2 . TRP E 1 3  ? -0.474  16.704  -26.488 1.00 59.05  ? 701 TRP E CD2 1 
ATOM   1049 N NE1 . TRP E 1 3  ? 0.458   14.730  -26.996 1.00 55.86  ? 701 TRP E NE1 1 
ATOM   1050 C CE2 . TRP E 1 3  ? 0.295   16.014  -27.446 1.00 56.71  ? 701 TRP E CE2 1 
ATOM   1051 C CE3 . TRP E 1 3  ? -0.787  18.051  -26.706 1.00 61.60  ? 701 TRP E CE3 1 
ATOM   1052 C CZ2 . TRP E 1 3  ? 0.760   16.625  -28.612 1.00 54.77  ? 701 TRP E CZ2 1 
ATOM   1053 C CZ3 . TRP E 1 3  ? -0.323  18.659  -27.862 1.00 63.27  ? 701 TRP E CZ3 1 
ATOM   1054 C CH2 . TRP E 1 3  ? 0.443   17.941  -28.803 1.00 60.31  ? 701 TRP E CH2 1 
ATOM   1055 N N   . VAL E 1 4  ? -2.037  15.383  -21.191 1.00 61.47  ? 702 VAL E N   1 
ATOM   1056 C CA  . VAL E 1 4  ? -2.645  15.733  -19.924 1.00 61.51  ? 702 VAL E CA  1 
ATOM   1057 C C   . VAL E 1 4  ? -2.261  17.161  -19.560 1.00 61.67  ? 702 VAL E C   1 
ATOM   1058 O O   . VAL E 1 4  ? -1.139  17.605  -19.837 1.00 58.29  ? 702 VAL E O   1 
ATOM   1059 C CB  . VAL E 1 4  ? -2.220  14.743  -18.802 1.00 62.20  ? 702 VAL E CB  1 
ATOM   1060 C CG1 . VAL E 1 4  ? -1.608  13.513  -19.400 1.00 55.57  ? 702 VAL E CG1 1 
ATOM   1061 C CG2 . VAL E 1 4  ? -1.240  15.390  -17.839 1.00 64.56  ? 702 VAL E CG2 1 
ATOM   1062 N N   . SER E 1 5  ? -3.194  17.875  -18.936 1.00 62.82  ? 703 SER E N   1 
ATOM   1063 C CA  . SER E 1 5  ? -2.985  19.276  -18.602 1.00 65.48  ? 703 SER E CA  1 
ATOM   1064 C C   . SER E 1 5  ? -2.015  19.450  -17.445 1.00 64.78  ? 703 SER E C   1 
ATOM   1065 O O   . SER E 1 5  ? -1.783  18.521  -16.675 1.00 69.00  ? 703 SER E O   1 
ATOM   1066 C CB  . SER E 1 5  ? -4.309  19.973  -18.290 1.00 75.95  ? 703 SER E CB  1 
ATOM   1067 O OG  . SER E 1 5  ? -4.100  21.369  -18.105 1.00 86.27  ? 703 SER E OG  1 
ATOM   1068 N N   . GLY E 1 6  ? -1.448  20.645  -17.336 1.00 66.85  ? 704 GLY E N   1 
ATOM   1069 C CA  . GLY E 1 6  ? -0.455  20.951  -16.323 1.00 58.05  ? 704 GLY E CA  1 
ATOM   1070 C C   . GLY E 1 6  ? -1.007  20.956  -14.918 1.00 64.86  ? 704 GLY E C   1 
ATOM   1071 O O   . GLY E 1 6  ? -0.271  20.717  -13.968 1.00 66.06  ? 704 GLY E O   1 
ATOM   1072 N N   . GLU E 1 7  ? -2.304  21.217  -14.777 1.00 70.32  ? 705 GLU E N   1 
ATOM   1073 C CA  . GLU E 1 7  ? -2.927  21.236  -13.453 1.00 72.15  ? 705 GLU E CA  1 
ATOM   1074 C C   . GLU E 1 7  ? -2.919  19.836  -12.825 1.00 66.76  ? 705 GLU E C   1 
ATOM   1075 O O   . GLU E 1 7  ? -2.710  19.691  -11.611 1.00 63.08  ? 705 GLU E O   1 
ATOM   1076 C CB  . GLU E 1 7  ? -4.346  21.848  -13.500 1.00 76.77  ? 705 GLU E CB  1 
ATOM   1077 C CG  . GLU E 1 7  ? -5.475  20.882  -13.879 1.00 82.84  ? 705 GLU E CG  1 
ATOM   1078 C CD  . GLU E 1 7  ? -6.175  21.232  -15.201 1.00 90.70  ? 705 GLU E CD  1 
ATOM   1079 O OE1 . GLU E 1 7  ? -5.884  22.305  -15.781 1.00 92.50  ? 705 GLU E OE1 1 
ATOM   1080 O OE2 . GLU E 1 7  ? -7.018  20.424  -15.662 1.00 85.50  ? 705 GLU E OE2 1 
ATOM   1081 N N   . GLU E 1 8  ? -3.130  18.819  -13.664 1.00 65.51  ? 706 GLU E N   1 
ATOM   1082 C CA  . GLU E 1 8  ? -2.985  17.409  -13.279 1.00 65.35  ? 706 GLU E CA  1 
ATOM   1083 C C   . GLU E 1 8  ? -1.600  17.136  -12.723 1.00 60.85  ? 706 GLU E C   1 
ATOM   1084 O O   . GLU E 1 8  ? -1.429  16.531  -11.652 1.00 58.85  ? 706 GLU E O   1 
ATOM   1085 C CB  . GLU E 1 8  ? -3.164  16.528  -14.503 1.00 66.67  ? 706 GLU E CB  1 
ATOM   1086 C CG  . GLU E 1 8  ? -4.505  16.671  -15.158 1.00 71.59  ? 706 GLU E CG  1 
ATOM   1087 C CD  . GLU E 1 8  ? -5.500  15.725  -14.560 1.00 75.30  ? 706 GLU E CD  1 
ATOM   1088 O OE1 . GLU E 1 8  ? -5.060  14.719  -13.956 1.00 67.59  ? 706 GLU E OE1 1 
ATOM   1089 O OE2 . GLU E 1 8  ? -6.715  15.982  -14.690 1.00 90.92  ? 706 GLU E OE2 1 
ATOM   1090 N N   . PHE E 1 9  ? -0.614  17.590  -13.480 1.00 55.14  ? 707 PHE E N   1 
ATOM   1091 C CA  . PHE E 1 9  ? 0.764   17.442  -13.090 1.00 56.60  ? 707 PHE E CA  1 
ATOM   1092 C C   . PHE E 1 9  ? 1.114   18.168  -11.759 1.00 57.12  ? 707 PHE E C   1 
ATOM   1093 O O   . PHE E 1 9  ? 1.765   17.581  -10.885 1.00 51.54  ? 707 PHE E O   1 
ATOM   1094 C CB  . PHE E 1 9  ? 1.672   17.865  -14.247 1.00 55.10  ? 707 PHE E CB  1 
ATOM   1095 C CG  . PHE E 1 9  ? 3.102   17.950  -13.872 1.00 48.31  ? 707 PHE E CG  1 
ATOM   1096 C CD1 . PHE E 1 9  ? 3.830   16.802  -13.637 1.00 48.01  ? 707 PHE E CD1 1 
ATOM   1097 C CD2 . PHE E 1 9  ? 3.713   19.181  -13.714 1.00 56.62  ? 707 PHE E CD2 1 
ATOM   1098 C CE1 . PHE E 1 9  ? 5.160   16.876  -13.261 1.00 51.98  ? 707 PHE E CE1 1 
ATOM   1099 C CE2 . PHE E 1 9  ? 5.049   19.276  -13.348 1.00 56.54  ? 707 PHE E CE2 1 
ATOM   1100 C CZ  . PHE E 1 9  ? 5.774   18.119  -13.118 1.00 51.47  ? 707 PHE E CZ  1 
ATOM   1101 N N   . TYR E 1 10 ? 0.690   19.425  -11.604 1.00 58.16  ? 708 TYR E N   1 
ATOM   1102 C CA  . TYR E 1 10 ? 0.841   20.145  -10.330 1.00 57.28  ? 708 TYR E CA  1 
ATOM   1103 C C   . TYR E 1 10 ? 0.218   19.364  -9.165  1.00 52.88  ? 708 TYR E C   1 
ATOM   1104 O O   . TYR E 1 10 ? 0.874   19.117  -8.153  1.00 46.61  ? 708 TYR E O   1 
ATOM   1105 C CB  . TYR E 1 10 ? 0.236   21.538  -10.416 1.00 55.72  ? 708 TYR E CB  1 
ATOM   1106 N N   . MET E 1 11 ? -1.045  18.983  -9.325  1.00 50.97  ? 709 MET E N   1 
ATOM   1107 C CA  . MET E 1 11 ? -1.761  18.238  -8.297  1.00 58.48  ? 709 MET E CA  1 
ATOM   1108 C C   . MET E 1 11 ? -1.004  16.978  -7.891  1.00 57.72  ? 709 MET E C   1 
ATOM   1109 O O   . MET E 1 11 ? -0.884  16.671  -6.705  1.00 56.72  ? 709 MET E O   1 
ATOM   1110 C CB  . MET E 1 11 ? -3.165  17.873  -8.782  1.00 67.61  ? 709 MET E CB  1 
ATOM   1111 C CG  . MET E 1 11 ? -4.162  19.018  -8.717  1.00 75.50  ? 709 MET E CG  1 
ATOM   1112 S SD  . MET E 1 11 ? -5.606  18.743  -9.760  1.00 87.48  ? 709 MET E SD  1 
ATOM   1113 C CE  . MET E 1 11 ? -6.917  19.311  -8.680  1.00 81.54  ? 709 MET E CE  1 
ATOM   1114 N N   . LEU E 1 12 ? -0.497  16.250  -8.880  1.00 52.83  ? 710 LEU E N   1 
ATOM   1115 C CA  . LEU E 1 12 ? 0.245   15.023  -8.620  1.00 46.27  ? 710 LEU E CA  1 
ATOM   1116 C C   . LEU E 1 12 ? 1.566   15.320  -7.922  1.00 44.43  ? 710 LEU E C   1 
ATOM   1117 O O   . LEU E 1 12 ? 1.923   14.664  -6.946  1.00 44.19  ? 710 LEU E O   1 
ATOM   1118 C CB  . LEU E 1 12 ? 0.495   14.255  -9.918  1.00 20.00  ? 710 LEU E CB  1 
ATOM   1119 C CG  . LEU E 1 12 ? 0.898   12.789  -9.751  1.00 20.00  ? 710 LEU E CG  1 
ATOM   1120 C CD1 . LEU E 1 12 ? -0.053  12.075  -8.807  1.00 20.00  ? 710 LEU E CD1 1 
ATOM   1121 C CD2 . LEU E 1 12 ? 0.948   12.087  -11.098 1.00 20.00  ? 710 LEU E CD2 1 
ATOM   1122 N N   . THR E 1 13 ? 2.289   16.313  -8.427  1.00 46.24  ? 711 THR E N   1 
ATOM   1123 C CA  . THR E 1 13 ? 3.552   16.715  -7.823  1.00 50.36  ? 711 THR E CA  1 
ATOM   1124 C C   . THR E 1 13 ? 3.331   17.093  -6.364  1.00 45.58  ? 711 THR E C   1 
ATOM   1125 O O   . THR E 1 13 ? 4.123   16.737  -5.493  1.00 43.13  ? 711 THR E O   1 
ATOM   1126 C CB  . THR E 1 13 ? 4.182   17.904  -8.568  1.00 51.97  ? 711 THR E CB  1 
ATOM   1127 O OG1 . THR E 1 13 ? 3.917   17.786  -9.971  1.00 48.12  ? 711 THR E OG1 1 
ATOM   1128 C CG2 . THR E 1 13 ? 5.686   17.936  -8.343  1.00 41.83  ? 711 THR E CG2 1 
ATOM   1129 N N   . ARG E 1 14 ? 2.246   17.815  -6.108  1.00 44.79  ? 712 ARG E N   1 
ATOM   1130 C CA  . ARG E 1 14 ? 1.877   18.192  -4.751  1.00 45.27  ? 712 ARG E CA  1 
ATOM   1131 C C   . ARG E 1 14 ? 1.775   16.945  -3.884  1.00 48.44  ? 712 ARG E C   1 
ATOM   1132 O O   . ARG E 1 14 ? 2.416   16.845  -2.839  1.00 45.40  ? 712 ARG E O   1 
ATOM   1133 C CB  . ARG E 1 14 ? 0.546   18.942  -4.754  1.00 55.38  ? 712 ARG E CB  1 
ATOM   1134 C CG  . ARG E 1 14 ? 0.249   19.695  -3.471  1.00 62.63  ? 712 ARG E CG  1 
ATOM   1135 C CD  . ARG E 1 14 ? -1.160  20.263  -3.484  1.00 65.52  ? 712 ARG E CD  1 
ATOM   1136 N NE  . ARG E 1 14 ? -2.154  19.251  -3.826  1.00 69.63  ? 712 ARG E NE  1 
ATOM   1137 C CZ  . ARG E 1 14 ? -3.084  19.401  -4.763  1.00 78.19  ? 712 ARG E CZ  1 
ATOM   1138 N NH1 . ARG E 1 14 ? -3.151  20.529  -5.458  1.00 72.84  ? 712 ARG E NH1 1 
ATOM   1139 N NH2 . ARG E 1 14 ? -3.948  18.426  -5.006  1.00 79.89  ? 712 ARG E NH2 1 
ATOM   1140 N N   . ARG E 1 15 ? 0.964   15.993  -4.333  1.00 47.28  ? 713 ARG E N   1 
ATOM   1141 C CA  . ARG E 1 15 ? 0.822   14.712  -3.646  1.00 44.55  ? 713 ARG E CA  1 
ATOM   1142 C C   . ARG E 1 15 ? 2.171   14.021  -3.339  1.00 42.36  ? 713 ARG E C   1 
ATOM   1143 O O   . ARG E 1 15 ? 2.416   13.588  -2.211  1.00 44.13  ? 713 ARG E O   1 
ATOM   1144 C CB  . ARG E 1 15 ? -0.137  13.799  -4.405  1.00 45.73  ? 713 ARG E CB  1 
ATOM   1145 C CG  . ARG E 1 15 ? -1.599  14.183  -4.200  1.00 42.06  ? 713 ARG E CG  1 
ATOM   1146 C CD  . ARG E 1 15 ? -2.521  13.480  -5.188  1.00 48.57  ? 713 ARG E CD  1 
ATOM   1147 N NE  . ARG E 1 15 ? -2.896  12.129  -4.772  1.00 56.18  ? 713 ARG E NE  1 
ATOM   1148 C CZ  . ARG E 1 15 ? -3.554  11.253  -5.534  1.00 56.60  ? 713 ARG E CZ  1 
ATOM   1149 N NH1 . ARG E 1 15 ? -3.908  11.562  -6.771  1.00 50.70  ? 713 ARG E NH1 1 
ATOM   1150 N NH2 . ARG E 1 15 ? -3.858  10.054  -5.060  1.00 61.99  ? 713 ARG E NH2 1 
ATOM   1151 N N   . VAL E 1 16 ? 3.063   13.958  -4.320  1.00 41.10  ? 714 VAL E N   1 
ATOM   1152 C CA  . VAL E 1 16 ? 4.323   13.225  -4.139  1.00 41.26  ? 714 VAL E CA  1 
ATOM   1153 C C   . VAL E 1 16 ? 5.301   13.910  -3.182  1.00 44.15  ? 714 VAL E C   1 
ATOM   1154 O O   . VAL E 1 16 ? 6.024   13.255  -2.425  1.00 46.90  ? 714 VAL E O   1 
ATOM   1155 C CB  . VAL E 1 16 ? 5.009   12.957  -5.498  1.00 42.90  ? 714 VAL E CB  1 
ATOM   1156 C CG1 . VAL E 1 16 ? 6.446   12.477  -5.309  1.00 39.15  ? 714 VAL E CG1 1 
ATOM   1157 C CG2 . VAL E 1 16 ? 4.197   11.966  -6.303  1.00 36.96  ? 714 VAL E CG2 1 
ATOM   1158 N N   . LEU E 1 17 ? 5.335   15.236  -3.222  1.00 46.67  ? 715 LEU E N   1 
ATOM   1159 C CA  . LEU E 1 17 ? 6.152   15.993  -2.286  1.00 45.98  ? 715 LEU E CA  1 
ATOM   1160 C C   . LEU E 1 17 ? 5.624   15.801  -0.877  1.00 45.50  ? 715 LEU E C   1 
ATOM   1161 O O   . LEU E 1 17 ? 6.387   15.560  0.052   1.00 45.35  ? 715 LEU E O   1 
ATOM   1162 C CB  . LEU E 1 17 ? 6.137   17.473  -2.648  1.00 45.95  ? 715 LEU E CB  1 
ATOM   1163 C CG  . LEU E 1 17 ? 6.858   17.826  -3.946  1.00 47.12  ? 715 LEU E CG  1 
ATOM   1164 C CD1 . LEU E 1 17 ? 6.752   19.319  -4.234  1.00 42.34  ? 715 LEU E CD1 1 
ATOM   1165 C CD2 . LEU E 1 17 ? 8.310   17.378  -3.885  1.00 45.46  ? 715 LEU E CD2 1 
ATOM   1166 N N   . GLN E 1 18 ? 4.308   15.904  -0.730  1.00 46.49  ? 716 GLN E N   1 
ATOM   1167 C CA  . GLN E 1 18 ? 3.667   15.625  0.557   1.00 53.41  ? 716 GLN E CA  1 
ATOM   1168 C C   . GLN E 1 18 ? 4.127   14.269  1.084   1.00 50.25  ? 716 GLN E C   1 
ATOM   1169 O O   . GLN E 1 18 ? 4.570   14.140  2.241   1.00 52.14  ? 716 GLN E O   1 
ATOM   1170 C CB  . GLN E 1 18 ? 2.140   15.646  0.410   1.00 54.31  ? 716 GLN E CB  1 
ATOM   1171 C CG  . GLN E 1 18 ? 1.372   15.240  1.664   1.00 55.01  ? 716 GLN E CG  1 
ATOM   1172 C CD  . GLN E 1 18 ? 1.206   16.386  2.652   1.00 74.33  ? 716 GLN E CD  1 
ATOM   1173 O OE1 . GLN E 1 18 ? 1.786   16.369  3.744   1.00 82.48  ? 716 GLN E OE1 1 
ATOM   1174 N NE2 . GLN E 1 18 ? 0.404   17.390  2.278   1.00 77.78  ? 716 GLN E NE2 1 
ATOM   1175 N N   . LEU E 1 19 ? 4.022   13.261  0.222   1.00 47.80  ? 717 LEU E N   1 
ATOM   1176 C CA  . LEU E 1 19 ? 4.475   11.928  0.567   1.00 47.67  ? 717 LEU E CA  1 
ATOM   1177 C C   . LEU E 1 19 ? 5.909   11.952  1.067   1.00 52.49  ? 717 LEU E C   1 
ATOM   1178 O O   . LEU E 1 19 ? 6.206   11.382  2.114   1.00 52.68  ? 717 LEU E O   1 
ATOM   1179 C CB  . LEU E 1 19 ? 4.344   10.981  -0.617  1.00 46.53  ? 717 LEU E CB  1 
ATOM   1180 C CG  . LEU E 1 19 ? 2.952   10.380  -0.825  1.00 51.14  ? 717 LEU E CG  1 
ATOM   1181 C CD1 . LEU E 1 19 ? 2.960   9.434   -2.018  1.00 52.40  ? 717 LEU E CD1 1 
ATOM   1182 C CD2 . LEU E 1 19 ? 2.493   9.642   0.413   1.00 52.03  ? 717 LEU E CD2 1 
ATOM   1183 N N   . GLU E 1 20 ? 6.798   12.618  0.331   1.00 49.54  ? 718 GLU E N   1 
ATOM   1184 C CA  . GLU E 1 20 ? 8.208   12.658  0.721   1.00 50.80  ? 718 GLU E CA  1 
ATOM   1185 C C   . GLU E 1 20 ? 8.445   13.290  2.084   1.00 45.92  ? 718 GLU E C   1 
ATOM   1186 O O   . GLU E 1 20 ? 9.207   12.771  2.899   1.00 45.98  ? 718 GLU E O   1 
ATOM   1187 C CB  . GLU E 1 20 ? 9.025   13.408  -0.318  1.00 52.31  ? 718 GLU E CB  1 
ATOM   1188 C CG  . GLU E 1 20 ? 9.227   12.654  -1.590  1.00 52.93  ? 718 GLU E CG  1 
ATOM   1189 C CD  . GLU E 1 20 ? 9.919   13.504  -2.602  1.00 51.60  ? 718 GLU E CD  1 
ATOM   1190 O OE1 . GLU E 1 20 ? 11.048  13.163  -3.007  1.00 56.07  ? 718 GLU E OE1 1 
ATOM   1191 O OE2 . GLU E 1 20 ? 9.332   14.534  -2.968  1.00 51.13  ? 718 GLU E OE2 1 
ATOM   1192 N N   . THR E 1 21 ? 7.802   14.429  2.302   1.00 43.73  ? 719 THR E N   1 
ATOM   1193 C CA  . THR E 1 21 ? 7.878   15.152  3.559   1.00 49.22  ? 719 THR E CA  1 
ATOM   1194 C C   . THR E 1 21 ? 7.501   14.248  4.736   1.00 52.26  ? 719 THR E C   1 
ATOM   1195 O O   . THR E 1 21 ? 8.284   14.046  5.710   1.00 57.44  ? 719 THR E O   1 
ATOM   1196 C CB  . THR E 1 21 ? 6.902   16.338  3.539   1.00 49.25  ? 719 THR E CB  1 
ATOM   1197 O OG1 . THR E 1 21 ? 7.138   17.145  2.375   1.00 48.84  ? 719 THR E OG1 1 
ATOM   1198 C CG2 . THR E 1 21 ? 7.078   17.179  4.790   1.00 51.21  ? 719 THR E CG2 1 
ATOM   1199 N N   . VAL E 1 22 ? 6.304   13.680  4.630   1.00 49.63  ? 720 VAL E N   1 
ATOM   1200 C CA  . VAL E 1 22 ? 5.816   12.804  5.679   1.00 48.90  ? 720 VAL E CA  1 
ATOM   1201 C C   . VAL E 1 22 ? 6.752   11.618  5.866   1.00 48.83  ? 720 VAL E C   1 
ATOM   1202 O O   . VAL E 1 22 ? 7.147   11.295  6.978   1.00 51.71  ? 720 VAL E O   1 
ATOM   1203 C CB  . VAL E 1 22 ? 4.401   12.311  5.387   1.00 53.31  ? 720 VAL E CB  1 
ATOM   1204 C CG1 . VAL E 1 22 ? 3.959   11.369  6.479   1.00 47.71  ? 720 VAL E CG1 1 
ATOM   1205 C CG2 . VAL E 1 22 ? 3.449   13.490  5.276   1.00 50.76  ? 720 VAL E CG2 1 
ATOM   1206 N N   . LEU E 1 23 ? 7.132   10.986  4.769   1.00 51.85  ? 721 LEU E N   1 
ATOM   1207 C CA  . LEU E 1 23 ? 7.981   9.814   4.834   1.00 50.10  ? 721 LEU E CA  1 
ATOM   1208 C C   . LEU E 1 23 ? 9.281   10.094  5.563   1.00 52.19  ? 721 LEU E C   1 
ATOM   1209 O O   . LEU E 1 23 ? 9.807   9.228   6.255   1.00 50.48  ? 721 LEU E O   1 
ATOM   1210 C CB  . LEU E 1 23 ? 8.295   9.291   3.437   1.00 48.86  ? 721 LEU E CB  1 
ATOM   1211 C CG  . LEU E 1 23 ? 9.091   7.986   3.520   1.00 45.90  ? 721 LEU E CG  1 
ATOM   1212 C CD1 . LEU E 1 23 ? 8.378   7.020   4.454   1.00 48.16  ? 721 LEU E CD1 1 
ATOM   1213 C CD2 . LEU E 1 23 ? 9.284   7.373   2.166   1.00 42.63  ? 721 LEU E CD2 1 
ATOM   1214 N N   . GLU E 1 24 ? 9.812   11.299  5.388   1.00 55.12  ? 722 GLU E N   1 
ATOM   1215 C CA  . GLU E 1 24 ? 11.075  11.653  6.037   1.00 59.48  ? 722 GLU E CA  1 
ATOM   1216 C C   . GLU E 1 24 ? 10.852  11.706  7.534   1.00 57.77  ? 722 GLU E C   1 
ATOM   1217 O O   . GLU E 1 24 ? 11.679  11.225  8.340   1.00 55.69  ? 722 GLU E O   1 
ATOM   1218 C CB  . GLU E 1 24 ? 11.577  13.002  5.541   1.00 58.66  ? 722 GLU E CB  1 
ATOM   1219 C CG  . GLU E 1 24 ? 13.085  13.048  5.374   1.00 64.73  ? 722 GLU E CG  1 
ATOM   1220 C CD  . GLU E 1 24 ? 13.596  12.352  4.103   1.00 70.27  ? 722 GLU E CD  1 
ATOM   1221 O OE1 . GLU E 1 24 ? 12.797  12.000  3.190   1.00 69.75  ? 722 GLU E OE1 1 
ATOM   1222 O OE2 . GLU E 1 24 ? 14.829  12.172  4.020   1.00 76.39  ? 722 GLU E OE2 1 
ATOM   1223 N N   . GLY E 1 25 ? 9.710   12.286  7.897   1.00 56.49  ? 723 GLY E N   1 
ATOM   1224 C CA  . GLY E 1 25 ? 9.284   12.230  9.285   1.00 56.95  ? 723 GLY E CA  1 
ATOM   1225 C C   . GLY E 1 25 ? 9.249   10.813  9.838   1.00 60.60  ? 723 GLY E C   1 
ATOM   1226 O O   . GLY E 1 25 ? 9.798   10.532  10.913  1.00 58.31  ? 723 GLY E O   1 
ATOM   1227 N N   . VAL E 1 26 ? 8.605   9.919   9.084   1.00 62.20  ? 724 VAL E N   1 
ATOM   1228 C CA  . VAL E 1 26 ? 8.415   8.521   9.467   1.00 55.97  ? 724 VAL E CA  1 
ATOM   1229 C C   . VAL E 1 26 ? 9.728   7.790   9.609   1.00 57.52  ? 724 VAL E C   1 
ATOM   1230 O O   . VAL E 1 26 ? 9.905   7.011   10.528  1.00 57.53  ? 724 VAL E O   1 
ATOM   1231 C CB  . VAL E 1 26 ? 7.554   7.781   8.440   1.00 49.66  ? 724 VAL E CB  1 
ATOM   1232 C CG1 . VAL E 1 26 ? 7.716   6.284   8.580   1.00 44.67  ? 724 VAL E CG1 1 
ATOM   1233 C CG2 . VAL E 1 26 ? 6.104   8.184   8.594   1.00 44.34  ? 724 VAL E CG2 1 
ATOM   1234 N N   . VAL E 1 27 ? 10.643  8.038   8.681   1.00 62.09  ? 725 VAL E N   1 
ATOM   1235 C CA  . VAL E 1 27 ? 11.980  7.474   8.749   1.00 64.28  ? 725 VAL E CA  1 
ATOM   1236 C C   . VAL E 1 27 ? 12.610  7.874   10.069  1.00 69.53  ? 725 VAL E C   1 
ATOM   1237 O O   . VAL E 1 27 ? 13.131  7.024   10.790  1.00 72.02  ? 725 VAL E O   1 
ATOM   1238 C CB  . VAL E 1 27 ? 12.855  7.961   7.591   1.00 64.12  ? 725 VAL E CB  1 
ATOM   1239 C CG1 . VAL E 1 27 ? 14.333  7.628   7.846   1.00 64.77  ? 725 VAL E CG1 1 
ATOM   1240 C CG2 . VAL E 1 27 ? 12.375  7.350   6.292   1.00 59.57  ? 725 VAL E CG2 1 
ATOM   1241 N N   . SER E 1 28 ? 12.543  9.167   10.390  1.00 67.05  ? 726 SER E N   1 
ATOM   1242 C CA  . SER E 1 28 ? 13.026  9.643   11.690  1.00 71.00  ? 726 SER E CA  1 
ATOM   1243 C C   . SER E 1 28 ? 12.390  8.901   12.887  1.00 72.34  ? 726 SER E C   1 
ATOM   1244 O O   . SER E 1 28 ? 13.090  8.425   13.785  1.00 68.20  ? 726 SER E O   1 
ATOM   1245 C CB  . SER E 1 28 ? 12.789  11.147  11.823  1.00 74.12  ? 726 SER E CB  1 
ATOM   1246 O OG  . SER E 1 28 ? 13.667  11.706  12.783  1.00 81.89  ? 726 SER E OG  1 
ATOM   1247 N N   . GLN E 1 29 ? 11.065  8.806   12.887  1.00 70.92  ? 727 GLN E N   1 
ATOM   1248 C CA  . GLN E 1 29 ? 10.334  8.174   13.984  1.00 70.98  ? 727 GLN E CA  1 
ATOM   1249 C C   . GLN E 1 29 ? 10.566  6.665   14.051  1.00 78.87  ? 727 GLN E C   1 
ATOM   1250 O O   . GLN E 1 29 ? 10.361  6.029   15.089  1.00 81.89  ? 727 GLN E O   1 
ATOM   1251 C CB  . GLN E 1 29 ? 8.844   8.477   13.868  1.00 64.88  ? 727 GLN E CB  1 
ATOM   1252 N N   . ILE E 1 30 ? 10.980  6.096   12.930  1.00 73.67  ? 728 ILE E N   1 
ATOM   1253 C CA  . ILE E 1 30 ? 11.211  4.667   12.829  1.00 75.97  ? 728 ILE E CA  1 
ATOM   1254 C C   . ILE E 1 30 ? 12.588  4.340   13.398  1.00 82.56  ? 728 ILE E C   1 
ATOM   1255 O O   . ILE E 1 30 ? 12.749  3.377   14.146  1.00 82.05  ? 728 ILE E O   1 
ATOM   1256 C CB  . ILE E 1 30 ? 11.092  4.177   11.347  1.00 76.08  ? 728 ILE E CB  1 
ATOM   1257 C CG1 . ILE E 1 30 ? 10.293  2.881   11.270  1.00 72.88  ? 728 ILE E CG1 1 
ATOM   1258 C CG2 . ILE E 1 30 ? 12.452  3.997   10.701  1.00 72.63  ? 728 ILE E CG2 1 
ATOM   1259 C CD1 . ILE E 1 30 ? 10.758  1.833   12.275  1.00 78.96  ? 728 ILE E CD1 1 
ATOM   1260 N N   . ASP E 1 31 ? 13.565  5.177   13.052  1.00 83.14  ? 729 ASP E N   1 
ATOM   1261 C CA  . ASP E 1 31 ? 14.958  4.965   13.422  1.00 85.34  ? 729 ASP E CA  1 
ATOM   1262 C C   . ASP E 1 31 ? 15.167  5.053   14.934  1.00 92.38  ? 729 ASP E C   1 
ATOM   1263 O O   . ASP E 1 31 ? 16.268  4.818   15.438  1.00 98.70  ? 729 ASP E O   1 
ATOM   1264 C CB  . ASP E 1 31 ? 15.884  5.937   12.684  1.00 84.69  ? 729 ASP E CB  1 
ATOM   1265 C CG  . ASP E 1 31 ? 16.185  5.492   11.240  1.00 95.60  ? 729 ASP E CG  1 
ATOM   1266 O OD1 . ASP E 1 31 ? 15.271  4.943   10.585  1.00 92.21  ? 729 ASP E OD1 1 
ATOM   1267 O OD2 . ASP E 1 31 ? 17.339  5.680   10.765  1.00 95.87  ? 729 ASP E OD2 1 
ATOM   1268 N N   . ALA E 1 32 ? 14.112  5.401   15.660  1.00 86.92  ? 730 ALA E N   1 
ATOM   1269 C CA  . ALA E 1 32 ? 14.218  5.488   17.107  1.00 88.56  ? 730 ALA E CA  1 
ATOM   1270 C C   . ALA E 1 32 ? 13.562  4.297   17.817  1.00 90.69  ? 730 ALA E C   1 
ATOM   1271 O O   . ALA E 1 32 ? 12.334  4.193   17.880  1.00 88.57  ? 730 ALA E O   1 
ATOM   1272 C CB  . ALA E 1 32 ? 13.624  6.806   17.593  1.00 89.88  ? 730 ALA E CB  1 
ATOM   1273 N N   . VAL E 1 33 ? 14.400  3.422   18.376  1.00 97.55  ? 731 VAL E N   1 
ATOM   1274 C CA  . VAL E 1 33 ? 13.957  2.268   19.175  1.00 102.33 ? 731 VAL E CA  1 
ATOM   1275 C C   . VAL E 1 33 ? 15.110  1.635   19.980  1.00 97.21  ? 731 VAL E C   1 
ATOM   1276 O O   . VAL E 1 33 ? 15.036  1.489   21.208  1.00 81.36  ? 731 VAL E O   1 
ATOM   1277 C CB  . VAL E 1 33 ? 13.308  1.185   18.296  1.00 92.13  ? 731 VAL E CB  1 
ATOM   1278 C CG1 . VAL E 1 33 ? 11.844  1.516   18.044  1.00 87.75  ? 731 VAL E CG1 1 
ATOM   1279 C CG2 . VAL E 1 33 ? 14.066  1.072   16.992  1.00 86.13  ? 731 VAL E CG2 1 
ATOM   1280 N N   . GLY F 1 1  ? 10.707  16.572  -22.655 1.00 47.51  ? 699 GLY F N   1 
ATOM   1281 C CA  . GLY F 1 1  ? 11.012  15.545  -23.642 1.00 53.65  ? 699 GLY F CA  1 
ATOM   1282 C C   . GLY F 1 1  ? 9.890   15.461  -24.666 1.00 67.40  ? 699 GLY F C   1 
ATOM   1283 O O   . GLY F 1 1  ? 9.830   16.276  -25.600 1.00 74.98  ? 699 GLY F O   1 
ATOM   1284 N N   . GLY F 1 2  ? 8.998   14.492  -24.492 1.00 45.13  ? 700 GLY F N   1 
ATOM   1285 C CA  . GLY F 1 2  ? 7.871   14.332  -25.392 1.00 50.27  ? 700 GLY F CA  1 
ATOM   1286 C C   . GLY F 1 2  ? 6.584   14.869  -24.797 1.00 58.21  ? 700 GLY F C   1 
ATOM   1287 O O   . GLY F 1 2  ? 6.539   15.996  -24.304 1.00 54.18  ? 700 GLY F O   1 
ATOM   1288 N N   . TRP F 1 3  ? 5.535   14.057  -24.844 1.00 57.56  ? 701 TRP F N   1 
ATOM   1289 C CA  . TRP F 1 3  ? 4.242   14.435  -24.287 1.00 54.83  ? 701 TRP F CA  1 
ATOM   1290 C C   . TRP F 1 3  ? 3.604   13.252  -23.575 1.00 56.84  ? 701 TRP F C   1 
ATOM   1291 O O   . TRP F 1 3  ? 3.072   12.346  -24.213 1.00 70.96  ? 701 TRP F O   1 
ATOM   1292 C CB  . TRP F 1 3  ? 3.311   14.937  -25.389 1.00 52.02  ? 701 TRP F CB  1 
ATOM   1293 C CG  . TRP F 1 3  ? 3.408   16.406  -25.637 1.00 55.02  ? 701 TRP F CG  1 
ATOM   1294 C CD1 . TRP F 1 3  ? 3.063   17.406  -24.778 1.00 56.34  ? 701 TRP F CD1 1 
ATOM   1295 C CD2 . TRP F 1 3  ? 3.883   17.044  -26.827 1.00 60.99  ? 701 TRP F CD2 1 
ATOM   1296 N NE1 . TRP F 1 3  ? 3.293   18.628  -25.359 1.00 64.48  ? 701 TRP F NE1 1 
ATOM   1297 C CE2 . TRP F 1 3  ? 3.796   18.434  -26.618 1.00 64.59  ? 701 TRP F CE2 1 
ATOM   1298 C CE3 . TRP F 1 3  ? 4.372   16.575  -28.050 1.00 57.25  ? 701 TRP F CE3 1 
ATOM   1299 C CZ2 . TRP F 1 3  ? 4.181   19.359  -27.585 1.00 63.34  ? 701 TRP F CZ2 1 
ATOM   1300 C CZ3 . TRP F 1 3  ? 4.753   17.494  -29.008 1.00 56.99  ? 701 TRP F CZ3 1 
ATOM   1301 C CH2 . TRP F 1 3  ? 4.656   18.871  -28.771 1.00 60.35  ? 701 TRP F CH2 1 
ATOM   1302 N N   . VAL F 1 4  ? 3.661   13.264  -22.247 1.00 57.38  ? 702 VAL F N   1 
ATOM   1303 C CA  . VAL F 1 4  ? 3.084   12.187  -21.454 1.00 61.31  ? 702 VAL F CA  1 
ATOM   1304 C C   . VAL F 1 4  ? 1.631   11.943  -21.843 1.00 58.60  ? 702 VAL F C   1 
ATOM   1305 O O   . VAL F 1 4  ? 0.841   12.878  -21.945 1.00 56.69  ? 702 VAL F O   1 
ATOM   1306 C CB  . VAL F 1 4  ? 3.157   12.495  -19.949 1.00 20.00  ? 702 VAL F CB  1 
ATOM   1307 C CG1 . VAL F 1 4  ? 2.171   13.592  -19.585 1.00 20.00  ? 702 VAL F CG1 1 
ATOM   1308 C CG2 . VAL F 1 4  ? 2.886   11.238  -19.139 1.00 20.00  ? 702 VAL F CG2 1 
ATOM   1309 N N   . SER F 1 5  ? 1.288   10.677  -22.061 1.00 56.69  ? 703 SER F N   1 
ATOM   1310 C CA  . SER F 1 5  ? -0.075  10.304  -22.415 1.00 60.31  ? 703 SER F CA  1 
ATOM   1311 C C   . SER F 1 5  ? -0.880  9.984   -21.162 1.00 58.83  ? 703 SER F C   1 
ATOM   1312 O O   . SER F 1 5  ? -0.315  9.667   -20.118 1.00 60.98  ? 703 SER F O   1 
ATOM   1313 C CB  . SER F 1 5  ? -0.071  9.117   -23.362 1.00 66.19  ? 703 SER F CB  1 
ATOM   1314 N N   . GLY F 1 6  ? -2.202  10.072  -21.268 1.00 63.39  ? 704 GLY F N   1 
ATOM   1315 C CA  . GLY F 1 6  ? -3.065  9.806   -20.131 1.00 61.96  ? 704 GLY F CA  1 
ATOM   1316 C C   . GLY F 1 6  ? -2.906  8.416   -19.508 1.00 66.50  ? 704 GLY F C   1 
ATOM   1317 O O   . GLY F 1 6  ? -3.155  8.237   -18.317 1.00 64.34  ? 704 GLY F O   1 
ATOM   1318 N N   . GLU F 1 7  ? -2.479  7.425   -20.292 1.00 64.96  ? 705 GLU F N   1 
ATOM   1319 C CA  . GLU F 1 7  ? -2.336  6.074   -19.753 1.00 60.64  ? 705 GLU F CA  1 
ATOM   1320 C C   . GLU F 1 7  ? -1.213  5.981   -18.717 1.00 65.80  ? 705 GLU F C   1 
ATOM   1321 O O   . GLU F 1 7  ? -1.470  5.622   -17.557 1.00 69.18  ? 705 GLU F O   1 
ATOM   1322 C CB  . GLU F 1 7  ? -2.152  5.066   -20.864 1.00 59.34  ? 705 GLU F CB  1 
ATOM   1323 N N   . GLU F 1 8  ? 0.011   6.328   -19.133 1.00 62.06  ? 706 GLU F N   1 
ATOM   1324 C CA  . GLU F 1 8  ? 1.180   6.336   -18.255 1.00 55.94  ? 706 GLU F CA  1 
ATOM   1325 C C   . GLU F 1 8  ? 0.900   7.174   -17.007 1.00 58.32  ? 706 GLU F C   1 
ATOM   1326 O O   . GLU F 1 8  ? 1.233   6.797   -15.878 1.00 61.31  ? 706 GLU F O   1 
ATOM   1327 C CB  . GLU F 1 8  ? 2.392   6.922   -18.972 1.00 54.56  ? 706 GLU F CB  1 
ATOM   1328 C CG  . GLU F 1 8  ? 2.749   6.286   -20.291 1.00 63.26  ? 706 GLU F CG  1 
ATOM   1329 C CD  . GLU F 1 8  ? 2.835   7.306   -21.422 1.00 68.28  ? 706 GLU F CD  1 
ATOM   1330 O OE1 . GLU F 1 8  ? 1.842   7.425   -22.187 1.00 63.59  ? 706 GLU F OE1 1 
ATOM   1331 O OE2 . GLU F 1 8  ? 3.886   7.989   -21.538 1.00 65.12  ? 706 GLU F OE2 1 
ATOM   1332 N N   . PHE F 1 9  ? 0.279   8.323   -17.220 1.00 55.81  ? 707 PHE F N   1 
ATOM   1333 C CA  . PHE F 1 9  ? -0.007  9.218   -16.120 1.00 59.56  ? 707 PHE F CA  1 
ATOM   1334 C C   . PHE F 1 9  ? -0.979  8.557   -15.150 1.00 58.58  ? 707 PHE F C   1 
ATOM   1335 O O   . PHE F 1 9  ? -0.760  8.600   -13.944 1.00 57.26  ? 707 PHE F O   1 
ATOM   1336 C CB  . PHE F 1 9  ? -0.560  10.560  -16.614 1.00 61.12  ? 707 PHE F CB  1 
ATOM   1337 C CG  . PHE F 1 9  ? -0.539  11.654  -15.566 1.00 62.54  ? 707 PHE F CG  1 
ATOM   1338 C CD1 . PHE F 1 9  ? -1.656  11.905  -14.776 1.00 59.72  ? 707 PHE F CD1 1 
ATOM   1339 C CD2 . PHE F 1 9  ? 0.598   12.441  -15.381 1.00 55.65  ? 707 PHE F CD2 1 
ATOM   1340 C CE1 . PHE F 1 9  ? -1.639  12.930  -13.811 1.00 60.06  ? 707 PHE F CE1 1 
ATOM   1341 C CE2 . PHE F 1 9  ? 0.619   13.458  -14.427 1.00 54.12  ? 707 PHE F CE2 1 
ATOM   1342 C CZ  . PHE F 1 9  ? -0.500  13.698  -13.639 1.00 61.17  ? 707 PHE F CZ  1 
ATOM   1343 N N   . TYR F 1 10 ? -2.036  7.935   -15.665 1.00 58.32  ? 708 TYR F N   1 
ATOM   1344 C CA  . TYR F 1 10 ? -3.029  7.321   -14.790 1.00 59.38  ? 708 TYR F CA  1 
ATOM   1345 C C   . TYR F 1 10 ? -2.416  6.189   -13.985 1.00 56.39  ? 708 TYR F C   1 
ATOM   1346 O O   . TYR F 1 10 ? -2.725  6.026   -12.810 1.00 58.53  ? 708 TYR F O   1 
ATOM   1347 C CB  . TYR F 1 10 ? -4.242  6.815   -15.567 1.00 63.15  ? 708 TYR F CB  1 
ATOM   1348 C CG  . TYR F 1 10 ? -5.160  5.942   -14.726 1.00 72.52  ? 708 TYR F CG  1 
ATOM   1349 C CD1 . TYR F 1 10 ? -6.122  6.516   -13.896 1.00 75.80  ? 708 TYR F CD1 1 
ATOM   1350 C CD2 . TYR F 1 10 ? -5.061  4.540   -14.750 1.00 67.19  ? 708 TYR F CD2 1 
ATOM   1351 C CE1 . TYR F 1 10 ? -6.969  5.724   -13.113 1.00 75.87  ? 708 TYR F CE1 1 
ATOM   1352 C CE2 . TYR F 1 10 ? -5.902  3.744   -13.973 1.00 64.57  ? 708 TYR F CE2 1 
ATOM   1353 C CZ  . TYR F 1 10 ? -6.854  4.343   -13.156 1.00 74.65  ? 708 TYR F CZ  1 
ATOM   1354 O OH  . TYR F 1 10 ? -7.699  3.578   -12.380 1.00 79.24  ? 708 TYR F OH  1 
ATOM   1355 N N   . MET F 1 11 ? -1.542  5.410   -14.601 1.00 51.26  ? 709 MET F N   1 
ATOM   1356 C CA  . MET F 1 11 ? -0.930  4.333   -13.843 1.00 58.40  ? 709 MET F CA  1 
ATOM   1357 C C   . MET F 1 11 ? -0.099  4.925   -12.720 1.00 55.19  ? 709 MET F C   1 
ATOM   1358 O O   . MET F 1 11 ? -0.121  4.445   -11.592 1.00 55.98  ? 709 MET F O   1 
ATOM   1359 C CB  . MET F 1 11 ? -0.088  3.417   -14.734 1.00 60.59  ? 709 MET F CB  1 
ATOM   1360 C CG  . MET F 1 11 ? -0.894  2.455   -15.605 1.00 65.70  ? 709 MET F CG  1 
ATOM   1361 S SD  . MET F 1 11 ? -0.111  2.178   -17.238 1.00 89.07  ? 709 MET F SD  1 
ATOM   1362 C CE  . MET F 1 11 ? 1.059   0.822   -16.926 1.00 64.80  ? 709 MET F CE  1 
ATOM   1363 N N   . LEU F 1 12 ? 0.633   5.982   -13.032 1.00 55.20  ? 710 LEU F N   1 
ATOM   1364 C CA  . LEU F 1 12 ? 1.450   6.621   -12.011 1.00 53.81  ? 710 LEU F CA  1 
ATOM   1365 C C   . LEU F 1 12 ? 0.588   7.143   -10.846 1.00 53.69  ? 710 LEU F C   1 
ATOM   1366 O O   . LEU F 1 12 ? 0.899   6.914   -9.677  1.00 48.21  ? 710 LEU F O   1 
ATOM   1367 C CB  . LEU F 1 12 ? 2.271   7.750   -12.622 1.00 47.06  ? 710 LEU F CB  1 
ATOM   1368 C CG  . LEU F 1 12 ? 3.342   8.338   -11.714 1.00 46.14  ? 710 LEU F CG  1 
ATOM   1369 C CD1 . LEU F 1 12 ? 4.371   7.277   -11.406 1.00 38.83  ? 710 LEU F CD1 1 
ATOM   1370 C CD2 . LEU F 1 12 ? 3.958   9.570   -12.361 1.00 46.18  ? 710 LEU F CD2 1 
ATOM   1371 N N   . THR F 1 13 ? -0.495  7.837   -11.174 1.00 48.51  ? 711 THR F N   1 
ATOM   1372 C CA  . THR F 1 13 ? -1.433  8.294   -10.161 1.00 50.79  ? 711 THR F CA  1 
ATOM   1373 C C   . THR F 1 13 ? -1.917  7.121   -9.293  1.00 56.08  ? 711 THR F C   1 
ATOM   1374 O O   . THR F 1 13 ? -1.898  7.197   -8.065  1.00 56.04  ? 711 THR F O   1 
ATOM   1375 C CB  . THR F 1 13 ? -2.624  9.013   -10.804 1.00 49.94  ? 711 THR F CB  1 
ATOM   1376 O OG1 . THR F 1 13 ? -2.148  10.155  -11.514 1.00 50.39  ? 711 THR F OG1 1 
ATOM   1377 C CG2 . THR F 1 13 ? -3.578  9.499   -9.752  1.00 56.22  ? 711 THR F CG2 1 
ATOM   1378 N N   . ARG F 1 14 ? -2.321  6.033   -9.939  1.00 55.31  ? 712 ARG F N   1 
ATOM   1379 C CA  . ARG F 1 14 ? -2.704  4.817   -9.245  1.00 53.23  ? 712 ARG F CA  1 
ATOM   1380 C C   . ARG F 1 14 ? -1.637  4.469   -8.207  1.00 51.74  ? 712 ARG F C   1 
ATOM   1381 O O   . ARG F 1 14 ? -1.951  4.224   -7.026  1.00 57.57  ? 712 ARG F O   1 
ATOM   1382 C CB  . ARG F 1 14 ? -2.891  3.683   -10.273 1.00 60.87  ? 712 ARG F CB  1 
ATOM   1383 C CG  . ARG F 1 14 ? -3.185  2.290   -9.719  1.00 66.97  ? 712 ARG F CG  1 
ATOM   1384 C CD  . ARG F 1 14 ? -4.672  2.113   -9.410  1.00 81.80  ? 712 ARG F CD  1 
ATOM   1385 N NE  . ARG F 1 14 ? -4.968  2.070   -7.974  1.00 75.64  ? 712 ARG F NE  1 
ATOM   1386 C CZ  . ARG F 1 14 ? -6.174  2.300   -7.453  1.00 75.92  ? 712 ARG F CZ  1 
ATOM   1387 N NH1 . ARG F 1 14 ? -7.201  2.606   -8.240  1.00 67.41  ? 712 ARG F NH1 1 
ATOM   1388 N NH2 . ARG F 1 14 ? -6.352  2.241   -6.141  1.00 76.27  ? 712 ARG F NH2 1 
ATOM   1389 N N   . ARG F 1 15 ? -0.379  4.465   -8.642  1.00 47.95  ? 713 ARG F N   1 
ATOM   1390 C CA  . ARG F 1 15 ? 0.746   4.128   -7.767  1.00 52.57  ? 713 ARG F CA  1 
ATOM   1391 C C   . ARG F 1 15 ? 0.896   5.084   -6.571  1.00 54.69  ? 713 ARG F C   1 
ATOM   1392 O O   . ARG F 1 15 ? 1.276   4.675   -5.454  1.00 51.58  ? 713 ARG F O   1 
ATOM   1393 C CB  . ARG F 1 15 ? 2.061   4.110   -8.560  1.00 48.52  ? 713 ARG F CB  1 
ATOM   1394 C CG  . ARG F 1 15 ? 2.335   2.837   -9.334  1.00 62.25  ? 713 ARG F CG  1 
ATOM   1395 C CD  . ARG F 1 15 ? 3.847   2.505   -9.415  1.00 68.90  ? 713 ARG F CD  1 
ATOM   1396 N NE  . ARG F 1 15 ? 4.524   3.038   -10.605 1.00 69.23  ? 713 ARG F NE  1 
ATOM   1397 C CZ  . ARG F 1 15 ? 5.834   3.274   -10.699 1.00 64.07  ? 713 ARG F CZ  1 
ATOM   1398 N NH1 . ARG F 1 15 ? 6.641   3.029   -9.670  1.00 53.71  ? 713 ARG F NH1 1 
ATOM   1399 N NH2 . ARG F 1 15 ? 6.332   3.761   -11.832 1.00 64.96  ? 713 ARG F NH2 1 
ATOM   1400 N N   . VAL F 1 16 ? 0.628   6.359   -6.827  1.00 48.64  ? 714 VAL F N   1 
ATOM   1401 C CA  . VAL F 1 16 ? 0.765   7.382   -5.809  1.00 51.22  ? 714 VAL F CA  1 
ATOM   1402 C C   . VAL F 1 16 ? -0.295  7.159   -4.749  1.00 51.56  ? 714 VAL F C   1 
ATOM   1403 O O   . VAL F 1 16 ? -0.021  7.249   -3.561  1.00 50.35  ? 714 VAL F O   1 
ATOM   1404 C CB  . VAL F 1 16 ? 0.724   8.818   -6.416  1.00 49.82  ? 714 VAL F CB  1 
ATOM   1405 C CG1 . VAL F 1 16 ? 0.379   9.871   -5.355  1.00 49.27  ? 714 VAL F CG1 1 
ATOM   1406 C CG2 . VAL F 1 16 ? 2.068   9.120   -7.090  1.00 40.11  ? 714 VAL F CG2 1 
ATOM   1407 N N   . LEU F 1 17 ? -1.500  6.824   -5.189  1.00 52.32  ? 715 LEU F N   1 
ATOM   1408 C CA  . LEU F 1 17 ? -2.584  6.492   -4.279  1.00 52.84  ? 715 LEU F CA  1 
ATOM   1409 C C   . LEU F 1 17 ? -2.204  5.313   -3.388  1.00 53.00  ? 715 LEU F C   1 
ATOM   1410 O O   . LEU F 1 17 ? -2.333  5.371   -2.161  1.00 52.54  ? 715 LEU F O   1 
ATOM   1411 C CB  . LEU F 1 17 ? -3.821  6.143   -5.084  1.00 56.18  ? 715 LEU F CB  1 
ATOM   1412 C CG  . LEU F 1 17 ? -5.129  6.116   -4.313  1.00 59.77  ? 715 LEU F CG  1 
ATOM   1413 C CD1 . LEU F 1 17 ? -5.413  7.494   -3.760  1.00 62.75  ? 715 LEU F CD1 1 
ATOM   1414 C CD2 . LEU F 1 17 ? -6.256  5.659   -5.226  1.00 61.33  ? 715 LEU F CD2 1 
ATOM   1415 N N   . GLN F 1 18 ? -1.734  4.240   -4.016  1.00 52.60  ? 716 GLN F N   1 
ATOM   1416 C CA  . GLN F 1 18 ? -1.260  3.096   -3.267  1.00 48.73  ? 716 GLN F CA  1 
ATOM   1417 C C   . GLN F 1 18 ? -0.265  3.509   -2.208  1.00 52.51  ? 716 GLN F C   1 
ATOM   1418 O O   . GLN F 1 18 ? -0.360  3.067   -1.069  1.00 52.48  ? 716 GLN F O   1 
ATOM   1419 C CB  . GLN F 1 18 ? -0.606  2.084   -4.195  1.00 52.33  ? 716 GLN F CB  1 
ATOM   1420 C CG  . GLN F 1 18 ? -1.554  1.533   -5.230  1.00 65.81  ? 716 GLN F CG  1 
ATOM   1421 C CD  . GLN F 1 18 ? -2.889  1.093   -4.619  1.00 76.76  ? 716 GLN F CD  1 
ATOM   1422 O OE1 . GLN F 1 18 ? -3.960  1.321   -5.204  1.00 75.64  ? 716 GLN F OE1 1 
ATOM   1423 N NE2 . GLN F 1 18 ? -2.830  0.451   -3.447  1.00 58.18  ? 716 GLN F NE2 1 
ATOM   1424 N N   . LEU F 1 19 ? 0.703   4.340   -2.585  1.00 55.73  ? 717 LEU F N   1 
ATOM   1425 C CA  . LEU F 1 19 ? 1.774   4.736   -1.665  1.00 50.02  ? 717 LEU F CA  1 
ATOM   1426 C C   . LEU F 1 19 ? 1.232   5.563   -0.512  1.00 47.20  ? 717 LEU F C   1 
ATOM   1427 O O   . LEU F 1 19 ? 1.704   5.459   0.608   1.00 45.05  ? 717 LEU F O   1 
ATOM   1428 C CB  . LEU F 1 19 ? 2.868   5.510   -2.400  1.00 50.13  ? 717 LEU F CB  1 
ATOM   1429 C CG  . LEU F 1 19 ? 4.081   4.693   -2.833  1.00 56.16  ? 717 LEU F CG  1 
ATOM   1430 C CD1 . LEU F 1 19 ? 3.643   3.305   -3.205  1.00 63.28  ? 717 LEU F CD1 1 
ATOM   1431 C CD2 . LEU F 1 19 ? 4.752   5.362   -4.028  1.00 57.89  ? 717 LEU F CD2 1 
ATOM   1432 N N   . GLU F 1 20 ? 0.225   6.376   -0.800  1.00 46.24  ? 718 GLU F N   1 
ATOM   1433 C CA  . GLU F 1 20 ? -0.420  7.182   0.217   1.00 48.57  ? 718 GLU F CA  1 
ATOM   1434 C C   . GLU F 1 20 ? -0.987  6.227   1.246   1.00 51.74  ? 718 GLU F C   1 
ATOM   1435 O O   . GLU F 1 20 ? -0.731  6.350   2.444   1.00 53.43  ? 718 GLU F O   1 
ATOM   1436 C CB  . GLU F 1 20 ? -1.522  8.062   -0.399  1.00 45.70  ? 718 GLU F CB  1 
ATOM   1437 C CG  . GLU F 1 20 ? -0.956  9.221   -1.224  1.00 51.60  ? 718 GLU F CG  1 
ATOM   1438 C CD  . GLU F 1 20 ? -2.003  10.212  -1.744  1.00 58.76  ? 718 GLU F CD  1 
ATOM   1439 O OE1 . GLU F 1 20 ? -3.144  9.817   -2.077  1.00 60.57  ? 718 GLU F OE1 1 
ATOM   1440 O OE2 . GLU F 1 20 ? -1.664  11.413  -1.835  1.00 59.27  ? 718 GLU F OE2 1 
ATOM   1441 N N   . THR F 1 21 ? -1.726  5.242   0.753   1.00 51.57  ? 719 THR F N   1 
ATOM   1442 C CA  . THR F 1 21 ? -2.348  4.250   1.607   1.00 51.82  ? 719 THR F CA  1 
ATOM   1443 C C   . THR F 1 21 ? -1.360  3.419   2.420   1.00 48.20  ? 719 THR F C   1 
ATOM   1444 O O   . THR F 1 21 ? -1.571  3.156   3.608   1.00 48.97  ? 719 THR F O   1 
ATOM   1445 C CB  . THR F 1 21 ? -3.241  3.352   0.785   1.00 54.03  ? 719 THR F CB  1 
ATOM   1446 O OG1 . THR F 1 21 ? -4.261  4.169   0.200   1.00 56.00  ? 719 THR F OG1 1 
ATOM   1447 C CG2 . THR F 1 21 ? -3.881  2.309   1.683   1.00 58.54  ? 719 THR F CG2 1 
ATOM   1448 N N   . VAL F 1 22 ? -0.278  3.012   1.783   1.00 48.97  ? 720 VAL F N   1 
ATOM   1449 C CA  . VAL F 1 22 ? 0.755   2.267   2.476   1.00 49.50  ? 720 VAL F CA  1 
ATOM   1450 C C   . VAL F 1 22 ? 1.328   3.126   3.595   1.00 50.29  ? 720 VAL F C   1 
ATOM   1451 O O   . VAL F 1 22 ? 1.655   2.628   4.679   1.00 49.20  ? 720 VAL F O   1 
ATOM   1452 C CB  . VAL F 1 22 ? 1.875   1.804   1.509   1.00 47.17  ? 720 VAL F CB  1 
ATOM   1453 C CG1 . VAL F 1 22 ? 3.056   1.243   2.286   1.00 43.37  ? 720 VAL F CG1 1 
ATOM   1454 C CG2 . VAL F 1 22 ? 1.330   0.757   0.515   1.00 41.17  ? 720 VAL F CG2 1 
ATOM   1455 N N   . LEU F 1 23 ? 1.430   4.425   3.331   1.00 52.35  ? 721 LEU F N   1 
ATOM   1456 C CA  . LEU F 1 23 ? 2.027   5.351   4.285   1.00 54.02  ? 721 LEU F CA  1 
ATOM   1457 C C   . LEU F 1 23 ? 1.135   5.505   5.501   1.00 54.03  ? 721 LEU F C   1 
ATOM   1458 O O   . LEU F 1 23 ? 1.602   5.444   6.640   1.00 56.87  ? 721 LEU F O   1 
ATOM   1459 C CB  . LEU F 1 23 ? 2.275   6.716   3.640   1.00 55.35  ? 721 LEU F CB  1 
ATOM   1460 C CG  . LEU F 1 23 ? 3.034   7.755   4.477   1.00 56.71  ? 721 LEU F CG  1 
ATOM   1461 C CD1 . LEU F 1 23 ? 4.510   7.406   4.664   1.00 50.77  ? 721 LEU F CD1 1 
ATOM   1462 C CD2 . LEU F 1 23 ? 2.903   9.111   3.820   1.00 65.03  ? 721 LEU F CD2 1 
ATOM   1463 N N   . GLU F 1 24 ? -0.153  5.705   5.257   1.00 54.04  ? 722 GLU F N   1 
ATOM   1464 C CA  . GLU F 1 24 ? -1.123  5.724   6.345   1.00 53.58  ? 722 GLU F CA  1 
ATOM   1465 C C   . GLU F 1 24 ? -1.006  4.433   7.180   1.00 53.14  ? 722 GLU F C   1 
ATOM   1466 O O   . GLU F 1 24 ? -0.977  4.473   8.407   1.00 54.91  ? 722 GLU F O   1 
ATOM   1467 C CB  . GLU F 1 24 ? -2.533  5.924   5.787   1.00 51.91  ? 722 GLU F CB  1 
ATOM   1468 C CG  . GLU F 1 24 ? -3.593  6.042   6.857   1.00 69.88  ? 722 GLU F CG  1 
ATOM   1469 C CD  . GLU F 1 24 ? -4.181  7.443   6.949   1.00 80.34  ? 722 GLU F CD  1 
ATOM   1470 O OE1 . GLU F 1 24 ? -3.798  8.295   6.105   1.00 79.99  ? 722 GLU F OE1 1 
ATOM   1471 O OE2 . GLU F 1 24 ? -5.022  7.684   7.859   1.00 78.54  ? 722 GLU F OE2 1 
ATOM   1472 N N   . GLY F 1 25 ? -0.898  3.291   6.507   1.00 51.64  ? 723 GLY F N   1 
ATOM   1473 C CA  . GLY F 1 25 ? -0.706  2.034   7.206   1.00 50.28  ? 723 GLY F CA  1 
ATOM   1474 C C   . GLY F 1 25 ? 0.515   2.032   8.111   1.00 55.70  ? 723 GLY F C   1 
ATOM   1475 O O   . GLY F 1 25 ? 0.459   1.581   9.254   1.00 57.88  ? 723 GLY F O   1 
ATOM   1476 N N   . VAL F 1 26 ? 1.629   2.535   7.585   1.00 59.42  ? 724 VAL F N   1 
ATOM   1477 C CA  . VAL F 1 26 ? 2.890   2.593   8.319   1.00 57.75  ? 724 VAL F CA  1 
ATOM   1478 C C   . VAL F 1 26 ? 2.835   3.538   9.541   1.00 58.39  ? 724 VAL F C   1 
ATOM   1479 O O   . VAL F 1 26 ? 3.304   3.182   10.617  1.00 60.00  ? 724 VAL F O   1 
ATOM   1480 C CB  . VAL F 1 26 ? 4.075   2.952   7.375   1.00 49.86  ? 724 VAL F CB  1 
ATOM   1481 C CG1 . VAL F 1 26 ? 5.339   3.212   8.159   1.00 49.96  ? 724 VAL F CG1 1 
ATOM   1482 C CG2 . VAL F 1 26 ? 4.315   1.842   6.411   1.00 48.17  ? 724 VAL F CG2 1 
ATOM   1483 N N   . VAL F 1 27 ? 2.267   4.731   9.390   1.00 49.88  ? 725 VAL F N   1 
ATOM   1484 C CA  . VAL F 1 27 ? 2.135   5.597   10.552  1.00 61.93  ? 725 VAL F CA  1 
ATOM   1485 C C   . VAL F 1 27 ? 1.226   4.927   11.594  1.00 67.25  ? 725 VAL F C   1 
ATOM   1486 O O   . VAL F 1 27 ? 1.478   5.018   12.788  1.00 68.42  ? 725 VAL F O   1 
ATOM   1487 C CB  . VAL F 1 27 ? 1.663   7.053   10.226  1.00 61.28  ? 725 VAL F CB  1 
ATOM   1488 C CG1 . VAL F 1 27 ? 2.729   7.813   9.446   1.00 44.45  ? 725 VAL F CG1 1 
ATOM   1489 C CG2 . VAL F 1 27 ? 0.344   7.052   9.487   1.00 66.34  ? 725 VAL F CG2 1 
ATOM   1490 N N   . SER F 1 28 ? 0.187   4.230   11.142  1.00 63.78  ? 726 SER F N   1 
ATOM   1491 C CA  . SER F 1 28 ? -0.615  3.433   12.064  1.00 61.23  ? 726 SER F CA  1 
ATOM   1492 C C   . SER F 1 28 ? 0.258   2.447   12.858  1.00 67.53  ? 726 SER F C   1 
ATOM   1493 O O   . SER F 1 28 ? 0.447   2.592   14.068  1.00 73.56  ? 726 SER F O   1 
ATOM   1494 C CB  . SER F 1 28 ? -1.703  2.687   11.302  1.00 59.28  ? 726 SER F CB  1 
ATOM   1495 O OG  . SER F 1 28 ? -2.812  2.393   12.126  1.00 66.17  ? 726 SER F OG  1 
ATOM   1496 N N   . GLN F 1 29 ? 0.806   1.452   12.174  1.00 66.98  ? 727 GLN F N   1 
ATOM   1497 C CA  . GLN F 1 29 ? 1.610   0.447   12.856  1.00 67.16  ? 727 GLN F CA  1 
ATOM   1498 C C   . GLN F 1 29 ? 2.673   1.071   13.758  1.00 71.91  ? 727 GLN F C   1 
ATOM   1499 O O   . GLN F 1 29 ? 2.944   0.555   14.840  1.00 77.10  ? 727 GLN F O   1 
ATOM   1500 C CB  . GLN F 1 29 ? 2.282   -0.476  11.854  1.00 62.86  ? 727 GLN F CB  1 
ATOM   1501 C CG  . GLN F 1 29 ? 1.369   -1.165  10.864  1.00 63.07  ? 727 GLN F CG  1 
ATOM   1502 C CD  . GLN F 1 29 ? 2.183   -1.857  9.778   1.00 67.15  ? 727 GLN F CD  1 
ATOM   1503 O OE1 . GLN F 1 29 ? 3.229   -2.451  10.056  1.00 77.96  ? 727 GLN F OE1 1 
ATOM   1504 N NE2 . GLN F 1 29 ? 1.728   -1.757  8.534   1.00 63.36  ? 727 GLN F NE2 1 
ATOM   1505 N N   . ILE F 1 30 ? 3.284   2.167   13.314  1.00 71.13  ? 728 ILE F N   1 
ATOM   1506 C CA  . ILE F 1 30 ? 4.383   2.771   14.071  1.00 74.65  ? 728 ILE F CA  1 
ATOM   1507 C C   . ILE F 1 30 ? 3.857   3.498   15.287  1.00 74.60  ? 728 ILE F C   1 
ATOM   1508 O O   . ILE F 1 30 ? 4.536   3.616   16.304  1.00 76.50  ? 728 ILE F O   1 
ATOM   1509 C CB  . ILE F 1 30 ? 5.280   3.732   13.217  1.00 71.88  ? 728 ILE F CB  1 
ATOM   1510 C CG1 . ILE F 1 30 ? 6.379   4.355   14.080  1.00 70.07  ? 728 ILE F CG1 1 
ATOM   1511 C CG2 . ILE F 1 30 ? 4.475   4.852   12.605  1.00 72.54  ? 728 ILE F CG2 1 
ATOM   1512 C CD1 . ILE F 1 30 ? 6.615   5.824   13.822  1.00 71.29  ? 728 ILE F CD1 1 
ATOM   1513 N N   . ASP F 1 31 ? 2.637   3.989   15.174  1.00 77.57  ? 729 ASP F N   1 
ATOM   1514 C CA  . ASP F 1 31 ? 2.009   4.675   16.288  1.00 81.78  ? 729 ASP F CA  1 
ATOM   1515 C C   . ASP F 1 31 ? 1.616   3.673   17.359  1.00 84.74  ? 729 ASP F C   1 
ATOM   1516 O O   . ASP F 1 31 ? 1.798   3.924   18.547  1.00 87.10  ? 729 ASP F O   1 
ATOM   1517 C CB  . ASP F 1 31 ? 0.772   5.435   15.847  1.00 75.14  ? 729 ASP F CB  1 
ATOM   1518 C CG  . ASP F 1 31 ? -0.020  5.951   17.025  1.00 93.83  ? 729 ASP F CG  1 
ATOM   1519 O OD1 . ASP F 1 31 ? 0.608   6.372   18.029  1.00 89.74  ? 729 ASP F OD1 1 
ATOM   1520 O OD2 . ASP F 1 31 ? -1.267  5.917   16.958  1.00 103.61 ? 729 ASP F OD2 1 
ATOM   1521 N N   . ALA F 1 32 ? 1.055   2.548   16.929  1.00 82.27  ? 730 ALA F N   1 
ATOM   1522 C CA  . ALA F 1 32 ? 0.751   1.460   17.841  1.00 81.71  ? 730 ALA F CA  1 
ATOM   1523 C C   . ALA F 1 32 ? 2.011   1.045   18.575  1.00 83.10  ? 730 ALA F C   1 
ATOM   1524 O O   . ALA F 1 32 ? 2.086   1.117   19.801  1.00 89.31  ? 730 ALA F O   1 
ATOM   1525 C CB  . ALA F 1 32 ? 0.187   0.278   17.074  1.00 79.44  ? 730 ALA F CB  1 
ATOM   1526 N N   . VAL F 1 33 ? 3.018   0.631   17.813  1.00 86.33  ? 731 VAL F N   1 
ATOM   1527 C CA  . VAL F 1 33 ? 4.270   0.175   18.411  1.00 87.02  ? 731 VAL F CA  1 
ATOM   1528 C C   . VAL F 1 33 ? 4.805   1.207   19.394  1.00 87.35  ? 731 VAL F C   1 
ATOM   1529 O O   . VAL F 1 33 ? 5.190   0.875   20.511  1.00 90.35  ? 731 VAL F O   1 
ATOM   1530 C CB  . VAL F 1 33 ? 5.346   -0.119  17.340  1.00 86.01  ? 731 VAL F CB  1 
ATOM   1531 C CG1 . VAL F 1 33 ? 6.722   -0.135  17.974  1.00 91.14  ? 731 VAL F CG1 1 
ATOM   1532 C CG2 . VAL F 1 33 ? 5.058   -1.443  16.618  1.00 83.05  ? 731 VAL F CG2 1 
ATOM   1533 N N   . GLY F 1 34 ? 4.810   2.465   18.968  1.00 88.71  ? 732 GLY F N   1 
ATOM   1534 C CA  . GLY F 1 34 ? 5.318   3.548   19.785  1.00 90.22  ? 732 GLY F CA  1 
ATOM   1535 C C   . GLY F 1 34 ? 4.557   3.718   21.085  1.00 96.03  ? 732 GLY F C   1 
ATOM   1536 O O   . GLY F 1 34 ? 5.163   3.880   22.144  1.00 102.91 ? 732 GLY F O   1 
ATOM   1537 N N   . SER F 1 35 ? 3.232   3.684   21.014  1.00 92.02  ? 733 SER F N   1 
ATOM   1538 C CA  . SER F 1 35 ? 2.402   3.884   22.197  1.00 96.52  ? 733 SER F CA  1 
ATOM   1539 C C   . SER F 1 35 ? 2.546   2.701   23.150  1.00 98.61  ? 733 SER F C   1 
ATOM   1540 O O   . SER F 1 35 ? 2.376   2.840   24.364  1.00 103.13 ? 733 SER F O   1 
ATOM   1541 C CB  . SER F 1 35 ? 0.935   4.063   21.810  1.00 94.22  ? 733 SER F CB  1 
ATOM   1542 O OG  . SER F 1 35 ? 0.318   2.802   21.601  1.00 91.42  ? 733 SER F OG  1 
ATOM   1543 N N   . LYS F 1 36 ? 2.858   1.535   22.594  1.00 95.21  ? 734 LYS F N   1 
ATOM   1544 C CA  . LYS F 1 36 ? 3.117   0.357   23.412  1.00 97.28  ? 734 LYS F CA  1 
ATOM   1545 C C   . LYS F 1 36 ? 4.482   0.473   24.084  1.00 99.73  ? 734 LYS F C   1 
ATOM   1546 O O   . LYS F 1 36 ? 4.659   0.048   25.225  1.00 104.84 ? 734 LYS F O   1 
ATOM   1547 C CB  . LYS F 1 36 ? 3.034   -0.915  22.577  1.00 94.40  ? 734 LYS F CB  1 
ATOM   1548 N N   . LEU F 1 37 ? 5.437   1.069   23.377  1.00 98.57  ? 735 LEU F N   1 
ATOM   1549 C CA  . LEU F 1 37 ? 6.781   1.271   23.913  1.00 101.35 ? 735 LEU F CA  1 
ATOM   1550 C C   . LEU F 1 37 ? 6.780   2.143   25.183  1.00 108.58 ? 735 LEU F C   1 
ATOM   1551 O O   . LEU F 1 37 ? 7.799   2.255   25.867  1.00 107.57 ? 735 LEU F O   1 
ATOM   1552 C CB  . LEU F 1 37 ? 7.698   1.863   22.849  1.00 90.08  ? 735 LEU F CB  1 
ATOM   1553 N N   . LYS F 1 38 ? 5.638   2.764   25.484  1.00 108.00 ? 736 LYS F N   1 
ATOM   1554 C CA  . LYS F 1 38 ? 5.488   3.581   26.691  1.00 109.29 ? 736 LYS F CA  1 
ATOM   1555 C C   . LYS F 1 38 ? 4.358   3.078   27.597  1.00 103.01 ? 736 LYS F C   1 
ATOM   1556 O O   . LYS F 1 38 ? 4.347   1.920   28.017  1.00 102.56 ? 736 LYS F O   1 
ATOM   1557 C CB  . LYS F 1 38 ? 5.265   5.050   26.317  1.00 107.42 ? 736 LYS F CB  1 
HETATM 1558 O O   . HOH G 2 .  ? -25.790 10.833  2.563   1.00 30.00  ? 7   HOH A O   1 
HETATM 1559 O O   . HOH H 2 .  ? -9.071  0.260   15.095  1.00 58.60  ? 1   HOH B O   1 
HETATM 1560 O O   . HOH H 2 .  ? 6.424   -0.036  -1.275  1.00 52.25  ? 2   HOH B O   1 
HETATM 1561 O O   . HOH H 2 .  ? 12.191  -23.725 -8.077  1.00 53.00  ? 3   HOH B O   1 
HETATM 1562 O O   . HOH I 2 .  ? 3.928   -11.698 20.123  1.00 30.00  ? 5   HOH D O   1 
HETATM 1563 O O   . HOH I 2 .  ? 3.413   -9.183  18.719  1.00 30.00  ? 8   HOH D O   1 
HETATM 1564 O O   . HOH J 2 .  ? 7.331   19.347  -24.328 1.00 51.36  ? 4   HOH F O   1 
HETATM 1565 O O   . HOH J 2 .  ? 10.235  18.783  -23.268 1.00 53.30  ? 6   HOH F O   1 
# 
